data_9ATK
#
_entry.id   9ATK
#
_cell.length_a   82.207
_cell.length_b   85.527
_cell.length_c   89.536
_cell.angle_alpha   82.77
_cell.angle_beta   85.23
_cell.angle_gamma   83.60
#
_symmetry.space_group_name_H-M   'P 1'
#
loop_
_entity.id
_entity.type
_entity.pdbx_description
1 polymer 'Neutrophil elastase'
2 polymer 'Extracellular Adherence Protein'
3 polymer Cathepsin-G
4 branched beta-D-mannopyranose-(1-4)-2-acetamido-2-deoxy-beta-D-glucopyranose-(1-4)-[alpha-L-fucopyranose-(1-6)]2-acetamido-2-deoxy-beta-D-glucopyranose
5 branched beta-D-mannopyranose-(1-4)-2-acetamido-2-deoxy-beta-D-glucopyranose-(1-4)-2-acetamido-2-deoxy-beta-D-glucopyranose
6 branched 2-acetamido-2-deoxy-beta-D-glucopyranose-(1-4)-[alpha-L-fucopyranose-(1-6)]2-acetamido-2-deoxy-beta-D-glucopyranose
7 non-polymer 2-acetamido-2-deoxy-beta-D-glucopyranose
8 water water
#
loop_
_entity_poly.entity_id
_entity_poly.type
_entity_poly.pdbx_seq_one_letter_code
_entity_poly.pdbx_strand_id
1 'polypeptide(L)'
;IVGGRRARPHAWPFMVSLQLRGGHFCGATLIAPNFVMSAAHCVANVNVRAVRVVLGAHNLSRREPTRQVFAVQRIFENGY
DPVNLLNDIVILQLNGSATINANVQVAQLPAQGRRLGNGVQCLAMGWGLLGRNRGIASVLQELNVTVVTSLCRRSNVCTL
VRGRQAGVCFGDSGSPLVCNGLIHGIASFVRGGCASGLYPDAFAPVAQFVNWIDSIIQ
;
A,D,G,J
2 'polypeptide(L)'
;GSTRYVPYTIAVNGTSTPILSKLKISNKQLISYKYLNDKVKSVLKSERGISDLDLKFAKQAKYTVYFKNGKKQVVNLKSD
IFTPNLFSAKDIKKIDIDVKQYTKSKKK
;
C,F,I,L
3 'polypeptide(L)'
;IIGGRESRPHSRPYMAYLQIQSPAGQSRCGGFLVREDFVLTAAHCWGSNINVTLGAHNIQRRENTQQHITARRAIRHPQY
NQRTIQNDIMLLQLSRRVRRNRNVNPVALPRAQEGLRPGTLCTVAGWGRVSMRRGTDTLREVQLRVQRDRQCLRIFGSYD
PRRQICVGDRRERKAAFKGDSGGPLLCNNVAHGIVSYGKSSGVPPEVFTRVSSFLPWIRTTMR
;
E,H,B,K
#
loop_
_chem_comp.id
_chem_comp.type
_chem_comp.name
_chem_comp.formula
BMA D-saccharide, beta linking beta-D-mannopyranose 'C6 H12 O6'
FUC L-saccharide, alpha linking alpha-L-fucopyranose 'C6 H12 O5'
NAG D-saccharide, beta linking 2-acetamido-2-deoxy-beta-D-glucopyranose 'C8 H15 N O6'
#
# COMPACT_ATOMS: atom_id res chain seq x y z
N ILE A 1 -20.01 -37.43 -10.70
CA ILE A 1 -21.33 -37.16 -11.25
C ILE A 1 -22.40 -37.54 -10.22
N VAL A 2 -23.17 -36.54 -9.81
CA VAL A 2 -24.24 -36.68 -8.84
C VAL A 2 -25.54 -36.75 -9.60
N GLY A 3 -26.33 -37.80 -9.36
CA GLY A 3 -27.63 -37.90 -9.97
C GLY A 3 -27.64 -38.40 -11.39
N GLY A 4 -26.54 -39.00 -11.83
CA GLY A 4 -26.45 -39.56 -13.17
C GLY A 4 -26.80 -41.03 -13.19
N ARG A 5 -26.23 -41.72 -14.17
CA ARG A 5 -26.43 -43.15 -14.35
C ARG A 5 -25.12 -43.73 -14.87
N ARG A 6 -24.99 -45.03 -14.81
CA ARG A 6 -23.81 -45.68 -15.36
C ARG A 6 -23.79 -45.57 -16.88
N ALA A 7 -22.62 -45.27 -17.44
CA ALA A 7 -22.51 -45.34 -18.89
C ALA A 7 -22.40 -46.79 -19.34
N ARG A 8 -22.87 -47.06 -20.55
CA ARG A 8 -22.62 -48.36 -21.16
C ARG A 8 -21.12 -48.59 -21.29
N PRO A 9 -20.65 -49.81 -21.10
CA PRO A 9 -19.20 -50.07 -21.17
C PRO A 9 -18.59 -49.56 -22.46
N HIS A 10 -17.65 -48.62 -22.35
CA HIS A 10 -16.96 -48.05 -23.51
C HIS A 10 -17.94 -47.38 -24.47
N ALA A 11 -18.99 -46.78 -23.91
CA ALA A 11 -19.88 -45.94 -24.70
C ALA A 11 -19.16 -44.69 -25.20
N TRP A 12 -18.15 -44.21 -24.46
CA TRP A 12 -17.49 -42.94 -24.74
C TRP A 12 -15.98 -43.15 -24.85
N PRO A 13 -15.52 -43.73 -25.96
CA PRO A 13 -14.14 -44.24 -26.03
C PRO A 13 -13.06 -43.16 -26.09
N PHE A 14 -13.44 -41.90 -26.08
CA PHE A 14 -12.52 -40.79 -25.92
C PHE A 14 -12.34 -40.40 -24.46
N MET A 15 -13.11 -41.01 -23.55
CA MET A 15 -13.05 -40.63 -22.15
C MET A 15 -11.76 -41.12 -21.51
N VAL A 16 -11.10 -40.24 -20.77
CA VAL A 16 -9.78 -40.49 -20.19
C VAL A 16 -9.87 -40.30 -18.69
N SER A 17 -9.09 -41.09 -17.97
CA SER A 17 -8.92 -40.93 -16.54
C SER A 17 -7.48 -40.54 -16.28
N LEU A 18 -7.30 -39.38 -15.64
CA LEU A 18 -6.00 -38.97 -15.13
C LEU A 18 -5.85 -39.48 -13.72
N GLN A 19 -4.77 -40.19 -13.46
CA GLN A 19 -4.58 -40.84 -12.18
C GLN A 19 -3.23 -40.48 -11.59
N LEU A 20 -3.21 -40.35 -10.27
CA LEU A 20 -2.00 -40.42 -9.49
C LEU A 20 -1.85 -41.84 -8.95
N ARG A 21 -0.94 -42.03 -8.01
CA ARG A 21 -0.84 -43.33 -7.35
C ARG A 21 -2.11 -43.65 -6.58
N GLY A 22 -2.67 -42.65 -5.88
CA GLY A 22 -3.86 -42.80 -5.06
C GLY A 22 -5.16 -42.92 -5.83
N GLY A 23 -5.13 -42.75 -7.17
CA GLY A 23 -6.26 -43.08 -8.01
C GLY A 23 -6.61 -41.94 -8.94
N HIS A 24 -7.84 -42.00 -9.44
CA HIS A 24 -8.37 -41.02 -10.37
C HIS A 24 -8.54 -39.66 -9.70
N PHE A 25 -7.99 -38.61 -10.32
CA PHE A 25 -8.16 -37.26 -9.79
C PHE A 25 -8.84 -36.29 -10.75
N CYS A 26 -8.82 -36.56 -12.06
CA CYS A 26 -9.46 -35.70 -13.04
C CYS A 26 -9.77 -36.53 -14.27
N GLY A 27 -10.75 -36.05 -15.06
CA GLY A 27 -11.03 -36.60 -16.37
C GLY A 27 -10.27 -35.86 -17.47
N ALA A 28 -10.28 -36.44 -18.68
CA ALA A 28 -9.69 -35.78 -19.84
C ALA A 28 -10.32 -36.39 -21.08
N THR A 29 -9.98 -35.82 -22.23
CA THR A 29 -10.52 -36.21 -23.53
C THR A 29 -9.38 -36.47 -24.49
N LEU A 30 -9.41 -37.62 -25.16
CA LEU A 30 -8.42 -37.94 -26.17
C LEU A 30 -8.75 -37.19 -27.44
N ILE A 31 -7.85 -36.33 -27.89
CA ILE A 31 -8.10 -35.50 -29.06
C ILE A 31 -7.16 -35.85 -30.21
N ALA A 32 -6.16 -36.68 -29.99
CA ALA A 32 -5.32 -37.24 -31.05
C ALA A 32 -4.73 -38.52 -30.50
N PRO A 33 -4.07 -39.34 -31.33
CA PRO A 33 -3.48 -40.55 -30.77
C PRO A 33 -2.47 -40.26 -29.64
N ASN A 34 -1.75 -39.13 -29.70
CA ASN A 34 -0.76 -38.79 -28.67
C ASN A 34 -1.07 -37.51 -27.91
N PHE A 35 -2.33 -37.08 -27.86
CA PHE A 35 -2.70 -35.89 -27.10
C PHE A 35 -4.01 -36.14 -26.38
N VAL A 36 -4.09 -35.69 -25.13
CA VAL A 36 -5.37 -35.56 -24.44
C VAL A 36 -5.53 -34.10 -24.03
N MET A 37 -6.76 -33.77 -23.62
CA MET A 37 -7.19 -32.42 -23.27
C MET A 37 -7.93 -32.46 -21.94
N SER A 38 -7.57 -31.58 -21.00
CA SER A 38 -8.15 -31.55 -19.65
C SER A 38 -8.20 -30.11 -19.15
N ALA A 39 -8.58 -29.92 -17.89
CA ALA A 39 -8.59 -28.59 -17.30
C ALA A 39 -7.20 -28.23 -16.81
N ALA A 40 -6.80 -26.96 -17.04
CA ALA A 40 -5.52 -26.49 -16.55
C ALA A 40 -5.42 -26.57 -15.03
N HIS A 41 -6.52 -26.30 -14.32
CA HIS A 41 -6.44 -26.38 -12.87
C HIS A 41 -6.19 -27.81 -12.37
N CYS A 42 -6.50 -28.83 -13.16
CA CYS A 42 -6.27 -30.21 -12.71
C CYS A 42 -4.80 -30.49 -12.45
N VAL A 43 -3.90 -29.87 -13.21
CA VAL A 43 -2.47 -30.17 -13.20
C VAL A 43 -1.63 -29.01 -12.70
N ALA A 44 -2.25 -27.88 -12.32
CA ALA A 44 -1.49 -26.72 -11.87
C ALA A 44 -0.51 -27.06 -10.76
N ASN A 45 -0.91 -27.91 -9.82
CA ASN A 45 -0.11 -28.14 -8.65
C ASN A 45 0.42 -29.55 -8.52
N VAL A 46 0.15 -30.44 -9.49
CA VAL A 46 0.55 -31.83 -9.36
C VAL A 46 1.97 -32.01 -9.90
N ASN A 47 2.60 -33.11 -9.50
CA ASN A 47 3.85 -33.51 -10.14
C ASN A 47 3.48 -34.22 -11.44
N VAL A 48 3.78 -33.56 -12.57
CA VAL A 48 3.34 -34.08 -13.86
C VAL A 48 3.97 -35.43 -14.15
N ARG A 49 5.18 -35.67 -13.66
CA ARG A 49 5.87 -36.94 -13.92
C ARG A 49 5.14 -38.12 -13.33
N ALA A 50 4.37 -37.89 -12.25
CA ALA A 50 3.62 -38.91 -11.54
C ALA A 50 2.23 -39.15 -12.13
N VAL A 51 1.82 -38.40 -13.15
CA VAL A 51 0.48 -38.54 -13.72
C VAL A 51 0.45 -39.69 -14.72
N ARG A 52 -0.59 -40.51 -14.64
CA ARG A 52 -0.82 -41.59 -15.60
C ARG A 52 -2.12 -41.30 -16.35
N VAL A 53 -2.05 -41.40 -17.67
CA VAL A 53 -3.19 -41.15 -18.54
C VAL A 53 -3.75 -42.51 -18.92
N VAL A 54 -4.99 -42.80 -18.52
CA VAL A 54 -5.57 -44.12 -18.72
C VAL A 54 -6.66 -44.02 -19.78
N LEU A 55 -6.46 -44.71 -20.90
CA LEU A 55 -7.42 -44.79 -21.99
C LEU A 55 -8.16 -46.13 -21.95
N GLY A 56 -9.36 -46.14 -22.51
CA GLY A 56 -10.11 -47.37 -22.64
C GLY A 56 -10.64 -47.98 -21.35
N ALA A 57 -10.87 -47.15 -20.32
CA ALA A 57 -11.33 -47.64 -19.04
C ALA A 57 -12.84 -47.53 -18.90
N HIS A 58 -13.38 -48.32 -17.99
CA HIS A 58 -14.81 -48.24 -17.70
C HIS A 58 -15.05 -48.37 -16.21
N ASN A 59 -14.62 -49.47 -15.62
CA ASN A 59 -14.80 -49.71 -14.19
C ASN A 59 -13.43 -49.56 -13.56
N LEU A 60 -13.18 -48.39 -12.93
CA LEU A 60 -11.85 -48.08 -12.43
C LEU A 60 -11.43 -49.03 -11.31
N SER A 61 -12.35 -49.77 -10.74
CA SER A 61 -12.05 -50.63 -9.61
C SER A 61 -11.65 -52.04 -10.04
N ARG A 62 -11.65 -52.34 -11.32
CA ARG A 62 -11.28 -53.65 -11.84
C ARG A 62 -10.11 -53.53 -12.80
N ARG A 63 -9.42 -54.65 -13.02
CA ARG A 63 -8.34 -54.66 -14.00
C ARG A 63 -8.93 -54.90 -15.39
N GLU A 64 -8.60 -54.00 -16.32
CA GLU A 64 -9.23 -53.99 -17.63
C GLU A 64 -8.15 -54.09 -18.69
N PRO A 65 -8.13 -55.15 -19.51
CA PRO A 65 -7.17 -55.21 -20.61
C PRO A 65 -7.47 -54.23 -21.73
N THR A 66 -8.67 -53.65 -21.78
CA THR A 66 -8.96 -52.59 -22.73
C THR A 66 -8.13 -51.35 -22.48
N ARG A 67 -7.49 -51.24 -21.31
CA ARG A 67 -6.80 -50.00 -20.94
C ARG A 67 -5.48 -49.84 -21.66
N GLN A 68 -5.13 -48.59 -21.92
CA GLN A 68 -3.80 -48.23 -22.39
C GLN A 68 -3.33 -47.08 -21.52
N VAL A 69 -2.17 -47.24 -20.89
CA VAL A 69 -1.67 -46.29 -19.90
C VAL A 69 -0.46 -45.57 -20.47
N PHE A 70 -0.47 -44.25 -20.40
CA PHE A 70 0.61 -43.44 -20.91
C PHE A 70 1.08 -42.47 -19.85
N ALA A 71 2.28 -41.95 -20.06
CA ALA A 71 2.78 -40.84 -19.27
C ALA A 71 2.73 -39.56 -20.11
N VAL A 72 2.93 -38.43 -19.44
CA VAL A 72 2.88 -37.10 -20.06
C VAL A 72 4.28 -36.72 -20.52
N GLN A 73 4.42 -36.39 -21.81
CA GLN A 73 5.70 -35.94 -22.34
C GLN A 73 5.86 -34.43 -22.30
N ARG A 74 4.76 -33.67 -22.31
CA ARG A 74 4.83 -32.22 -22.46
C ARG A 74 3.45 -31.62 -22.21
N ILE A 75 3.46 -30.37 -21.72
CA ILE A 75 2.27 -29.62 -21.32
C ILE A 75 2.13 -28.41 -22.24
N PHE A 76 0.89 -28.09 -22.63
CA PHE A 76 0.63 -26.87 -23.38
C PHE A 76 -0.57 -26.16 -22.77
N GLU A 77 -0.41 -24.88 -22.50
CA GLU A 77 -1.52 -24.07 -22.00
C GLU A 77 -1.60 -22.79 -22.82
N ASN A 78 -2.69 -22.06 -22.67
CA ASN A 78 -2.84 -20.79 -23.40
C ASN A 78 -3.57 -19.79 -22.51
N GLY A 79 -2.80 -19.04 -21.74
CA GLY A 79 -3.33 -17.95 -20.93
C GLY A 79 -4.21 -18.36 -19.76
N TYR A 80 -3.87 -19.45 -19.07
CA TYR A 80 -4.67 -19.88 -17.94
C TYR A 80 -4.63 -18.83 -16.84
N ASP A 81 -5.79 -18.54 -16.28
CA ASP A 81 -5.95 -17.51 -15.26
C ASP A 81 -6.62 -18.19 -14.07
N PRO A 82 -5.86 -18.63 -13.05
CA PRO A 82 -6.49 -19.37 -11.94
C PRO A 82 -7.32 -18.49 -11.01
N VAL A 83 -7.14 -17.17 -11.03
CA VAL A 83 -7.96 -16.32 -10.16
C VAL A 83 -9.37 -16.15 -10.72
N ASN A 84 -9.51 -16.04 -12.04
CA ASN A 84 -10.81 -15.84 -12.65
C ASN A 84 -11.31 -17.08 -13.39
N LEU A 85 -10.55 -18.17 -13.35
CA LEU A 85 -10.83 -19.43 -14.07
C LEU A 85 -11.22 -19.17 -15.52
N LEU A 86 -10.35 -18.46 -16.21
CA LEU A 86 -10.46 -18.24 -17.65
C LEU A 86 -9.43 -19.10 -18.37
N ASN A 87 -9.79 -19.56 -19.58
CA ASN A 87 -8.90 -20.39 -20.40
C ASN A 87 -8.41 -21.61 -19.62
N ASP A 88 -9.35 -22.23 -18.91
CA ASP A 88 -9.06 -23.35 -18.02
C ASP A 88 -8.93 -24.63 -18.86
N ILE A 89 -7.87 -24.67 -19.67
CA ILE A 89 -7.65 -25.74 -20.61
C ILE A 89 -6.17 -26.09 -20.65
N VAL A 90 -5.87 -27.39 -20.75
CA VAL A 90 -4.50 -27.87 -20.89
C VAL A 90 -4.49 -29.04 -21.87
N ILE A 91 -3.46 -29.10 -22.70
CA ILE A 91 -3.20 -30.21 -23.60
C ILE A 91 -1.97 -30.95 -23.06
N LEU A 92 -2.10 -32.27 -22.89
CA LEU A 92 -1.00 -33.12 -22.44
C LEU A 92 -0.57 -34.00 -23.58
N GLN A 93 0.68 -33.85 -24.02
CA GLN A 93 1.21 -34.77 -25.03
C GLN A 93 1.61 -36.08 -24.36
N LEU A 94 1.23 -37.20 -24.95
CA LEU A 94 1.60 -38.50 -24.42
C LEU A 94 2.99 -38.91 -24.87
N ASN A 95 3.63 -39.79 -24.09
CA ASN A 95 4.95 -40.31 -24.40
C ASN A 95 4.85 -41.41 -25.46
N GLY A 96 3.78 -41.39 -26.22
CA GLY A 96 3.54 -42.42 -27.23
C GLY A 96 2.13 -42.21 -27.74
N SER A 97 1.74 -43.02 -28.70
CA SER A 97 0.42 -42.90 -29.30
C SER A 97 -0.44 -44.08 -28.89
N ALA A 98 -1.72 -43.81 -28.66
CA ALA A 98 -2.68 -44.87 -28.44
C ALA A 98 -2.83 -45.72 -29.70
N THR A 99 -3.20 -46.97 -29.51
CA THR A 99 -3.67 -47.78 -30.61
C THR A 99 -5.18 -47.66 -30.65
N ILE A 100 -5.71 -47.20 -31.79
CA ILE A 100 -7.12 -46.86 -31.91
C ILE A 100 -7.92 -48.13 -32.15
N ASN A 101 -8.93 -48.36 -31.31
CA ASN A 101 -9.78 -49.54 -31.42
C ASN A 101 -11.18 -49.16 -30.97
N ALA A 102 -12.05 -50.15 -30.80
CA ALA A 102 -13.42 -49.89 -30.40
C ALA A 102 -13.50 -49.22 -29.05
N ASN A 103 -12.47 -49.42 -28.22
CA ASN A 103 -12.47 -48.91 -26.86
C ASN A 103 -11.69 -47.62 -26.68
N VAL A 104 -10.86 -47.25 -27.64
CA VAL A 104 -9.99 -46.08 -27.54
C VAL A 104 -10.06 -45.35 -28.88
N GLN A 105 -10.68 -44.17 -28.88
CA GLN A 105 -10.91 -43.41 -30.10
C GLN A 105 -10.81 -41.93 -29.83
N VAL A 106 -10.50 -41.18 -30.89
CA VAL A 106 -10.31 -39.73 -30.79
C VAL A 106 -11.68 -39.05 -30.86
N ALA A 107 -11.86 -38.00 -30.07
CA ALA A 107 -13.10 -37.24 -30.06
C ALA A 107 -13.12 -36.22 -31.19
N GLN A 108 -14.32 -35.82 -31.57
CA GLN A 108 -14.54 -34.75 -32.54
C GLN A 108 -14.81 -33.45 -31.81
N LEU A 109 -14.15 -32.36 -32.26
CA LEU A 109 -14.23 -31.03 -31.68
C LEU A 109 -15.08 -30.13 -32.56
N PRO A 110 -15.72 -29.11 -31.99
CA PRO A 110 -16.49 -28.18 -32.83
C PRO A 110 -15.56 -27.28 -33.62
N ALA A 111 -16.16 -26.48 -34.51
CA ALA A 111 -15.42 -25.45 -35.21
C ALA A 111 -15.19 -24.27 -34.28
N GLN A 112 -14.09 -23.56 -34.53
CA GLN A 112 -13.72 -22.41 -33.73
C GLN A 112 -14.88 -21.41 -33.62
N GLY A 113 -15.09 -20.90 -32.41
CA GLY A 113 -16.05 -19.83 -32.22
C GLY A 113 -17.52 -20.23 -32.15
N ARG A 114 -17.84 -21.49 -32.43
CA ARG A 114 -19.23 -21.96 -32.32
C ARG A 114 -19.72 -21.84 -30.88
N ARG A 115 -20.86 -21.16 -30.71
CA ARG A 115 -21.42 -20.85 -29.39
C ARG A 115 -22.76 -21.55 -29.26
N LEU A 116 -22.96 -22.25 -28.14
CA LEU A 116 -24.19 -22.99 -27.92
C LEU A 116 -25.23 -22.13 -27.22
N GLY A 117 -26.47 -22.16 -27.71
CA GLY A 117 -27.55 -21.40 -27.12
C GLY A 117 -28.22 -22.16 -25.99
N ASN A 118 -29.01 -21.46 -25.18
CA ASN A 118 -29.61 -22.19 -24.07
C ASN A 118 -30.68 -23.14 -24.59
N GLY A 119 -30.79 -24.29 -23.93
CA GLY A 119 -31.70 -25.33 -24.34
C GLY A 119 -31.03 -26.48 -25.06
N VAL A 120 -29.81 -26.30 -25.54
CA VAL A 120 -29.09 -27.40 -26.17
C VAL A 120 -28.89 -28.51 -25.15
N GLN A 121 -29.22 -29.73 -25.54
CA GLN A 121 -29.06 -30.89 -24.66
C GLN A 121 -27.67 -31.50 -24.84
N CYS A 122 -27.00 -31.74 -23.73
CA CYS A 122 -25.65 -32.30 -23.72
C CYS A 122 -25.58 -33.48 -22.76
N LEU A 123 -24.44 -34.18 -22.81
CA LEU A 123 -24.13 -35.25 -21.86
C LEU A 123 -22.83 -34.89 -21.15
N ALA A 124 -22.89 -34.74 -19.83
CA ALA A 124 -21.73 -34.74 -18.97
C ALA A 124 -21.41 -36.17 -18.55
N MET A 125 -20.17 -36.39 -18.15
CA MET A 125 -19.69 -37.71 -17.76
C MET A 125 -18.43 -37.58 -16.90
N GLY A 126 -18.13 -38.63 -16.14
CA GLY A 126 -16.88 -38.69 -15.40
C GLY A 126 -16.92 -39.71 -14.28
N TRP A 127 -15.76 -39.84 -13.61
CA TRP A 127 -15.61 -40.74 -12.47
C TRP A 127 -15.55 -39.99 -11.14
N GLY A 128 -16.14 -38.81 -11.07
CA GLY A 128 -16.15 -38.07 -9.83
C GLY A 128 -17.20 -38.60 -8.86
N LEU A 129 -17.28 -37.95 -7.70
CA LEU A 129 -18.13 -38.39 -6.61
C LEU A 129 -19.58 -38.55 -7.03
N LEU A 130 -20.25 -39.53 -6.43
CA LEU A 130 -21.64 -39.83 -6.72
C LEU A 130 -22.61 -39.04 -5.83
N GLY A 131 -22.10 -38.42 -4.76
CA GLY A 131 -22.87 -37.55 -3.91
C GLY A 131 -21.96 -36.42 -3.47
N ARG A 132 -22.54 -35.41 -2.81
CA ARG A 132 -21.76 -34.17 -2.75
C ARG A 132 -20.57 -34.25 -1.81
N ASN A 133 -20.51 -35.28 -0.95
CA ASN A 133 -19.27 -35.67 -0.28
C ASN A 133 -19.05 -37.19 -0.32
N ARG A 134 -19.89 -37.93 -1.06
CA ARG A 134 -19.84 -39.38 -1.14
C ARG A 134 -18.58 -39.85 -1.89
N GLY A 135 -18.53 -41.13 -2.24
CA GLY A 135 -17.33 -41.71 -2.84
C GLY A 135 -17.24 -41.57 -4.35
N ILE A 136 -15.99 -41.59 -4.88
CA ILE A 136 -15.83 -41.49 -6.33
C ILE A 136 -16.45 -42.72 -6.97
N ALA A 137 -16.79 -42.57 -8.24
CA ALA A 137 -17.35 -43.66 -9.02
C ALA A 137 -16.31 -44.74 -9.30
N SER A 138 -16.79 -45.98 -9.40
CA SER A 138 -16.04 -47.04 -10.05
C SER A 138 -16.41 -47.13 -11.52
N VAL A 139 -17.70 -47.29 -11.82
CA VAL A 139 -18.16 -47.30 -13.20
C VAL A 139 -18.34 -45.87 -13.68
N LEU A 140 -17.87 -45.58 -14.90
CA LEU A 140 -18.06 -44.25 -15.50
C LEU A 140 -19.54 -43.86 -15.54
N GLN A 141 -19.83 -42.64 -15.12
CA GLN A 141 -21.19 -42.12 -15.04
C GLN A 141 -21.46 -41.13 -16.17
N GLU A 142 -22.73 -40.96 -16.50
CA GLU A 142 -23.14 -39.97 -17.48
C GLU A 142 -24.41 -39.32 -16.98
N LEU A 143 -24.64 -38.08 -17.45
CA LEU A 143 -25.72 -37.24 -16.97
C LEU A 143 -26.22 -36.36 -18.10
N ASN A 144 -27.53 -36.38 -18.32
CA ASN A 144 -28.16 -35.45 -19.25
C ASN A 144 -28.24 -34.08 -18.62
N VAL A 145 -27.65 -33.08 -19.29
CA VAL A 145 -27.67 -31.70 -18.83
C VAL A 145 -28.12 -30.80 -19.98
N THR A 146 -28.50 -29.56 -19.62
CA THR A 146 -28.97 -28.58 -20.60
C THR A 146 -28.14 -27.30 -20.51
N VAL A 147 -27.78 -26.76 -21.67
CA VAL A 147 -27.06 -25.49 -21.74
C VAL A 147 -27.98 -24.36 -21.27
N VAL A 148 -27.47 -23.55 -20.36
CA VAL A 148 -28.21 -22.39 -19.86
C VAL A 148 -27.30 -21.19 -19.98
N THR A 149 -27.90 -20.02 -20.25
CA THR A 149 -27.12 -18.80 -20.17
C THR A 149 -27.37 -18.03 -18.89
N SER A 150 -28.51 -18.25 -18.24
CA SER A 150 -28.80 -17.51 -17.02
C SER A 150 -27.95 -18.05 -15.87
N LEU A 151 -27.46 -17.13 -15.04
CA LEU A 151 -26.47 -17.43 -14.01
C LEU A 151 -25.18 -17.97 -14.60
N CYS A 152 -24.84 -17.61 -15.83
CA CYS A 152 -23.57 -18.03 -16.42
C CYS A 152 -22.71 -16.79 -16.67
N ARG A 153 -21.57 -17.02 -17.33
CA ARG A 153 -20.69 -15.99 -17.88
C ARG A 153 -20.55 -16.24 -19.37
N ARG A 154 -20.25 -15.17 -20.12
CA ARG A 154 -19.97 -15.36 -21.54
C ARG A 154 -18.71 -16.20 -21.76
N SER A 155 -17.78 -16.19 -20.82
CA SER A 155 -16.53 -16.92 -20.97
C SER A 155 -16.65 -18.42 -20.64
N ASN A 156 -17.84 -18.91 -20.31
CA ASN A 156 -18.05 -20.32 -20.03
C ASN A 156 -19.26 -20.88 -20.78
N VAL A 157 -19.28 -22.19 -20.93
CA VAL A 157 -20.50 -22.94 -21.25
C VAL A 157 -21.05 -23.49 -19.94
N CYS A 158 -22.30 -23.14 -19.62
CA CYS A 158 -22.86 -23.62 -18.35
C CYS A 158 -24.02 -24.58 -18.61
N THR A 159 -24.20 -25.50 -17.67
CA THR A 159 -25.21 -26.54 -17.80
C THR A 159 -25.96 -26.76 -16.49
N LEU A 160 -27.21 -27.19 -16.62
CA LEU A 160 -28.09 -27.37 -15.48
C LEU A 160 -28.98 -28.58 -15.73
N VAL A 161 -29.42 -29.20 -14.64
CA VAL A 161 -30.47 -30.22 -14.65
C VAL A 161 -31.65 -29.61 -13.86
N ARG A 162 -32.61 -29.08 -14.60
CA ARG A 162 -33.75 -28.43 -13.97
C ARG A 162 -34.39 -29.19 -12.83
N GLY A 163 -34.60 -28.51 -11.72
CA GLY A 163 -35.30 -29.11 -10.60
C GLY A 163 -34.62 -30.28 -9.92
N ARG A 164 -33.38 -30.63 -10.29
CA ARG A 164 -32.70 -31.78 -9.71
C ARG A 164 -31.34 -31.36 -9.17
N GLN A 165 -31.06 -31.75 -7.92
CA GLN A 165 -29.73 -31.51 -7.34
C GLN A 165 -28.76 -32.55 -7.92
N ALA A 166 -28.41 -32.32 -9.19
CA ALA A 166 -27.51 -33.18 -9.96
C ALA A 166 -26.46 -32.31 -10.63
N GLY A 167 -25.31 -32.91 -10.94
CA GLY A 167 -24.27 -32.21 -11.68
C GLY A 167 -22.93 -32.89 -11.47
N VAL A 168 -21.88 -32.21 -11.95
CA VAL A 168 -20.53 -32.74 -11.78
C VAL A 168 -20.08 -32.55 -10.34
N CYS A 169 -19.11 -33.36 -9.92
CA CYS A 169 -18.61 -33.28 -8.56
C CYS A 169 -17.13 -33.63 -8.54
N PHE A 170 -16.56 -33.67 -7.34
CA PHE A 170 -15.10 -33.74 -7.22
C PHE A 170 -14.53 -34.99 -7.91
N GLY A 171 -13.58 -34.75 -8.80
CA GLY A 171 -13.06 -35.76 -9.69
C GLY A 171 -13.57 -35.63 -11.11
N ASP A 172 -14.58 -34.80 -11.34
CA ASP A 172 -15.06 -34.58 -12.69
C ASP A 172 -14.32 -33.46 -13.42
N SER A 173 -13.53 -32.64 -12.72
CA SER A 173 -12.71 -31.65 -13.41
C SER A 173 -11.99 -32.29 -14.60
N GLY A 174 -12.00 -31.56 -15.73
CA GLY A 174 -11.31 -32.01 -16.93
C GLY A 174 -12.14 -32.86 -17.88
N SER A 175 -13.26 -33.40 -17.43
CA SER A 175 -14.06 -34.31 -18.23
C SER A 175 -14.82 -33.55 -19.32
N PRO A 176 -15.02 -34.21 -20.47
CA PRO A 176 -15.71 -33.57 -21.60
C PRO A 176 -17.19 -33.36 -21.36
N LEU A 177 -17.73 -32.32 -22.00
CA LEU A 177 -19.16 -32.11 -22.20
C LEU A 177 -19.45 -32.37 -23.68
N VAL A 178 -20.27 -33.37 -23.94
CA VAL A 178 -20.55 -33.82 -25.31
C VAL A 178 -21.90 -33.28 -25.72
N CYS A 179 -21.92 -32.43 -26.77
CA CYS A 179 -23.14 -31.91 -27.35
C CYS A 179 -23.12 -32.16 -28.85
N ASN A 180 -24.15 -32.84 -29.36
CA ASN A 180 -24.26 -33.16 -30.78
C ASN A 180 -23.01 -33.85 -31.28
N GLY A 181 -22.52 -34.81 -30.50
CA GLY A 181 -21.34 -35.56 -30.90
C GLY A 181 -20.04 -34.80 -30.82
N LEU A 182 -20.05 -33.54 -30.42
CA LEU A 182 -18.84 -32.74 -30.32
C LEU A 182 -18.53 -32.40 -28.87
N ILE A 183 -17.24 -32.33 -28.55
CA ILE A 183 -16.76 -31.94 -27.23
C ILE A 183 -16.81 -30.41 -27.15
N HIS A 184 -17.81 -29.87 -26.46
CA HIS A 184 -17.99 -28.42 -26.34
C HIS A 184 -17.53 -27.86 -25.00
N GLY A 185 -17.24 -28.72 -24.02
CA GLY A 185 -16.84 -28.22 -22.72
C GLY A 185 -15.82 -29.12 -22.05
N ILE A 186 -15.10 -28.51 -21.11
CA ILE A 186 -14.20 -29.19 -20.18
C ILE A 186 -14.62 -28.77 -18.78
N ALA A 187 -14.99 -29.74 -17.93
CA ALA A 187 -15.51 -29.41 -16.60
C ALA A 187 -14.53 -28.51 -15.86
N SER A 188 -15.02 -27.35 -15.39
CA SER A 188 -14.10 -26.36 -14.83
C SER A 188 -14.45 -25.97 -13.40
N PHE A 189 -15.70 -25.57 -13.11
CA PHE A 189 -16.05 -25.24 -11.72
C PHE A 189 -17.54 -25.41 -11.44
N VAL A 190 -17.87 -25.58 -10.14
CA VAL A 190 -19.23 -25.60 -9.63
C VAL A 190 -19.39 -24.42 -8.67
N ARG A 191 -20.65 -24.10 -8.36
CA ARG A 191 -21.00 -23.00 -7.50
C ARG A 191 -22.03 -23.45 -6.47
N GLY A 192 -21.81 -23.07 -5.21
CA GLY A 192 -22.67 -23.54 -4.11
C GLY A 192 -22.47 -25.00 -3.78
N GLY A 193 -21.24 -25.53 -3.93
CA GLY A 193 -21.00 -26.96 -3.80
C GLY A 193 -21.44 -27.72 -5.04
N CYS A 194 -21.19 -29.02 -5.03
CA CYS A 194 -21.68 -29.92 -6.08
C CYS A 194 -23.20 -29.99 -6.05
N ALA A 195 -23.82 -30.11 -7.23
CA ALA A 195 -25.25 -30.42 -7.31
C ALA A 195 -26.11 -29.51 -6.43
N SER A 196 -25.84 -28.20 -6.52
CA SER A 196 -26.62 -27.23 -5.76
C SER A 196 -28.10 -27.29 -6.13
N GLY A 197 -28.41 -27.62 -7.38
CA GLY A 197 -29.77 -27.48 -7.85
C GLY A 197 -30.18 -26.05 -8.12
N LEU A 198 -29.28 -25.08 -7.95
CA LEU A 198 -29.57 -23.68 -8.13
C LEU A 198 -28.67 -23.04 -9.16
N TYR A 199 -27.36 -23.29 -9.10
CA TYR A 199 -26.38 -22.69 -9.98
C TYR A 199 -25.87 -23.71 -10.99
N PRO A 200 -25.78 -23.36 -12.27
CA PRO A 200 -25.28 -24.32 -13.26
C PRO A 200 -23.81 -24.63 -13.02
N ASP A 201 -23.37 -25.75 -13.58
CA ASP A 201 -21.95 -26.08 -13.65
C ASP A 201 -21.31 -25.34 -14.80
N ALA A 202 -20.02 -25.07 -14.69
CA ALA A 202 -19.31 -24.26 -15.67
C ALA A 202 -18.22 -25.07 -16.34
N PHE A 203 -18.24 -25.07 -17.68
CA PHE A 203 -17.26 -25.79 -18.48
C PHE A 203 -16.44 -24.78 -19.27
N ALA A 204 -15.13 -25.05 -19.37
CA ALA A 204 -14.28 -24.29 -20.29
C ALA A 204 -14.84 -24.43 -21.71
N PRO A 205 -15.04 -23.34 -22.43
CA PRO A 205 -15.67 -23.41 -23.76
C PRO A 205 -14.69 -23.88 -24.84
N VAL A 206 -14.70 -25.16 -25.18
CA VAL A 206 -13.73 -25.74 -26.11
C VAL A 206 -13.70 -25.00 -27.45
N ALA A 207 -14.87 -24.67 -28.01
CA ALA A 207 -14.92 -24.05 -29.34
C ALA A 207 -14.14 -22.74 -29.38
N GLN A 208 -13.99 -22.06 -28.25
CA GLN A 208 -13.22 -20.82 -28.24
C GLN A 208 -11.72 -21.08 -28.41
N PHE A 209 -11.27 -22.30 -28.17
CA PHE A 209 -9.85 -22.63 -28.22
C PHE A 209 -9.47 -23.55 -29.37
N VAL A 210 -10.35 -23.76 -30.34
CA VAL A 210 -10.11 -24.79 -31.36
C VAL A 210 -8.89 -24.44 -32.23
N ASN A 211 -8.69 -23.18 -32.58
CA ASN A 211 -7.52 -22.83 -33.40
C ASN A 211 -6.21 -23.10 -32.64
N TRP A 212 -6.20 -22.78 -31.34
CA TRP A 212 -5.02 -23.07 -30.52
C TRP A 212 -4.77 -24.57 -30.40
N ILE A 213 -5.84 -25.34 -30.17
CA ILE A 213 -5.71 -26.79 -30.11
C ILE A 213 -5.13 -27.33 -31.41
N ASP A 214 -5.66 -26.87 -32.55
CA ASP A 214 -5.14 -27.33 -33.83
C ASP A 214 -3.68 -26.92 -34.02
N SER A 215 -3.30 -25.74 -33.52
CA SER A 215 -1.88 -25.37 -33.47
C SER A 215 -1.05 -26.48 -32.86
N ILE A 216 -1.54 -27.08 -31.78
CA ILE A 216 -0.74 -28.01 -30.99
C ILE A 216 -0.71 -29.39 -31.64
N ILE A 217 -1.88 -29.97 -31.93
CA ILE A 217 -1.94 -31.41 -32.17
C ILE A 217 -1.71 -31.82 -33.63
N GLN A 218 -1.78 -30.88 -34.57
CA GLN A 218 -1.56 -31.25 -35.97
C GLN A 218 -0.11 -31.04 -36.37
N ILE B 1 41.16 7.70 12.59
CA ILE B 1 41.30 9.11 12.93
C ILE B 1 42.03 9.88 11.82
N VAL B 2 41.35 10.89 11.27
CA VAL B 2 41.94 11.80 10.29
C VAL B 2 42.40 13.06 11.03
N GLY B 3 43.67 13.41 10.87
CA GLY B 3 44.15 14.66 11.42
C GLY B 3 44.55 14.65 12.88
N GLY B 4 44.72 13.48 13.49
CA GLY B 4 45.20 13.36 14.84
C GLY B 4 46.68 13.07 14.91
N ARG B 5 47.10 12.56 16.07
CA ARG B 5 48.48 12.25 16.36
C ARG B 5 48.57 10.84 16.92
N ARG B 6 49.77 10.27 16.85
CA ARG B 6 49.99 8.97 17.46
C ARG B 6 49.81 9.10 18.97
N ALA B 7 49.04 8.18 19.57
CA ALA B 7 49.01 8.10 21.01
C ALA B 7 50.38 7.61 21.50
N ARG B 8 50.68 7.90 22.77
CA ARG B 8 51.82 7.30 23.41
C ARG B 8 51.53 5.82 23.70
N PRO B 9 52.54 4.94 23.65
CA PRO B 9 52.29 3.51 23.87
C PRO B 9 51.56 3.19 25.17
N HIS B 10 50.39 2.56 25.03
CA HIS B 10 49.59 2.10 26.16
C HIS B 10 49.08 3.25 27.02
N ALA B 11 49.00 4.45 26.44
CA ALA B 11 48.49 5.61 27.17
C ALA B 11 47.03 5.44 27.54
N TRP B 12 46.25 4.72 26.72
CA TRP B 12 44.82 4.46 26.95
C TRP B 12 44.64 2.96 27.13
N PRO B 13 44.99 2.41 28.30
CA PRO B 13 45.01 0.95 28.47
C PRO B 13 43.63 0.30 28.45
N PHE B 14 42.55 1.08 28.34
CA PHE B 14 41.19 0.59 28.19
C PHE B 14 40.78 0.45 26.73
N MET B 15 41.65 0.83 25.80
CA MET B 15 41.30 0.89 24.38
C MET B 15 41.40 -0.50 23.78
N VAL B 16 40.40 -0.87 22.99
CA VAL B 16 40.23 -2.23 22.50
C VAL B 16 40.16 -2.21 20.98
N SER B 17 40.80 -3.20 20.36
CA SER B 17 40.69 -3.44 18.93
C SER B 17 39.84 -4.69 18.72
N LEU B 18 38.72 -4.55 18.01
CA LEU B 18 37.93 -5.70 17.57
C LEU B 18 38.38 -6.11 16.19
N GLN B 19 38.68 -7.40 16.03
CA GLN B 19 39.33 -7.85 14.82
C GLN B 19 38.59 -9.04 14.21
N LEU B 20 38.50 -9.03 12.89
CA LEU B 20 38.11 -10.18 12.10
C LEU B 20 39.39 -10.94 11.73
N ARG B 21 39.30 -11.90 10.82
CA ARG B 21 40.48 -12.65 10.39
C ARG B 21 41.58 -11.68 9.98
N GLY B 22 42.42 -11.32 10.94
CA GLY B 22 43.47 -10.34 10.73
C GLY B 22 43.03 -8.91 10.93
N GLY B 23 42.02 -8.47 10.18
CA GLY B 23 41.76 -7.05 10.06
C GLY B 23 41.07 -6.49 11.29
N HIS B 24 41.64 -5.41 11.85
CA HIS B 24 40.90 -4.54 12.75
C HIS B 24 39.72 -3.92 12.02
N PHE B 25 38.53 -3.96 12.61
CA PHE B 25 37.34 -3.40 11.97
C PHE B 25 36.54 -2.43 12.83
N CYS B 26 36.67 -2.46 14.15
CA CYS B 26 35.97 -1.53 15.05
C CYS B 26 36.77 -1.41 16.34
N GLY B 27 36.56 -0.28 17.05
CA GLY B 27 37.10 -0.11 18.39
C GLY B 27 36.13 -0.60 19.47
N ALA B 28 36.61 -0.57 20.70
CA ALA B 28 35.78 -0.90 21.85
C ALA B 28 36.49 -0.40 23.10
N THR B 29 35.78 -0.52 24.22
CA THR B 29 36.28 -0.05 25.51
C THR B 29 36.12 -1.16 26.54
N LEU B 30 37.19 -1.49 27.25
CA LEU B 30 37.09 -2.44 28.36
C LEU B 30 36.40 -1.75 29.54
N ILE B 31 35.28 -2.29 29.98
CA ILE B 31 34.45 -1.69 31.04
C ILE B 31 34.34 -2.56 32.30
N ALA B 32 34.79 -3.82 32.23
CA ALA B 32 35.00 -4.70 33.37
C ALA B 32 36.06 -5.70 32.94
N PRO B 33 36.60 -6.51 33.85
CA PRO B 33 37.63 -7.48 33.44
C PRO B 33 37.14 -8.46 32.38
N ASN B 34 35.83 -8.67 32.24
CA ASN B 34 35.29 -9.62 31.27
C ASN B 34 34.22 -9.02 30.37
N PHE B 35 34.16 -7.69 30.27
CA PHE B 35 33.17 -7.02 29.41
C PHE B 35 33.84 -5.88 28.67
N VAL B 36 33.66 -5.83 27.35
CA VAL B 36 33.94 -4.63 26.58
C VAL B 36 32.64 -4.07 26.03
N MET B 37 32.70 -2.79 25.66
CA MET B 37 31.58 -1.99 25.20
C MET B 37 31.95 -1.43 23.82
N SER B 38 30.99 -1.44 22.89
CA SER B 38 31.23 -0.99 21.50
C SER B 38 29.92 -0.45 20.93
N ALA B 39 29.91 -0.18 19.62
CA ALA B 39 28.71 0.23 18.91
C ALA B 39 27.93 -0.98 18.41
N ALA B 40 26.60 -0.95 18.62
CA ALA B 40 25.77 -2.07 18.15
C ALA B 40 25.92 -2.28 16.65
N HIS B 41 26.03 -1.20 15.86
CA HIS B 41 26.17 -1.39 14.42
C HIS B 41 27.47 -2.11 14.03
N CYS B 42 28.48 -2.12 14.90
CA CYS B 42 29.73 -2.83 14.59
C CYS B 42 29.54 -4.33 14.49
N VAL B 43 28.57 -4.91 15.21
CA VAL B 43 28.38 -6.35 15.25
C VAL B 43 27.05 -6.78 14.64
N ALA B 44 26.27 -5.86 14.07
CA ALA B 44 24.95 -6.24 13.58
C ALA B 44 25.03 -7.31 12.49
N ASN B 45 26.05 -7.24 11.63
CA ASN B 45 26.12 -8.19 10.52
C ASN B 45 27.33 -9.11 10.55
N VAL B 46 28.12 -9.10 11.62
CA VAL B 46 29.30 -9.97 11.68
C VAL B 46 28.94 -11.30 12.32
N ASN B 47 29.64 -12.35 11.89
CA ASN B 47 29.75 -13.57 12.64
C ASN B 47 30.44 -13.28 13.97
N VAL B 48 29.67 -13.24 15.06
CA VAL B 48 30.24 -12.90 16.37
C VAL B 48 31.31 -13.89 16.80
N ARG B 49 31.23 -15.15 16.34
CA ARG B 49 32.23 -16.15 16.70
C ARG B 49 33.58 -15.92 16.05
N ALA B 50 33.67 -15.02 15.07
CA ALA B 50 34.93 -14.71 14.39
C ALA B 50 35.64 -13.50 15.00
N VAL B 51 34.95 -12.76 15.86
CA VAL B 51 35.46 -11.53 16.44
C VAL B 51 36.57 -11.83 17.43
N ARG B 52 37.73 -11.23 17.23
CA ARG B 52 38.83 -11.24 18.18
C ARG B 52 38.84 -9.92 18.94
N VAL B 53 38.74 -10.00 20.27
CA VAL B 53 38.77 -8.83 21.14
C VAL B 53 40.21 -8.69 21.63
N VAL B 54 40.92 -7.69 21.13
CA VAL B 54 42.34 -7.54 21.43
C VAL B 54 42.52 -6.44 22.47
N LEU B 55 43.04 -6.80 23.64
CA LEU B 55 43.32 -5.87 24.72
C LEU B 55 44.82 -5.56 24.79
N GLY B 56 45.14 -4.33 25.15
CA GLY B 56 46.51 -3.94 25.41
C GLY B 56 47.42 -3.86 24.21
N ALA B 57 46.90 -3.40 23.07
CA ALA B 57 47.68 -3.28 21.85
C ALA B 57 48.03 -1.82 21.58
N HIS B 58 49.10 -1.61 20.82
CA HIS B 58 49.48 -0.25 20.44
C HIS B 58 49.75 -0.14 18.96
N ASN B 59 50.64 -0.97 18.43
CA ASN B 59 50.95 -1.01 17.00
C ASN B 59 50.35 -2.29 16.45
N LEU B 60 49.16 -2.16 15.83
CA LEU B 60 48.46 -3.34 15.31
C LEU B 60 49.28 -4.08 14.26
N SER B 61 50.32 -3.44 13.71
CA SER B 61 51.17 -4.09 12.72
C SER B 61 52.22 -5.02 13.31
N ARG B 62 52.57 -4.85 14.59
CA ARG B 62 53.54 -5.70 15.25
C ARG B 62 52.86 -6.76 16.09
N ARG B 63 53.49 -7.92 16.20
CA ARG B 63 53.13 -8.90 17.19
C ARG B 63 53.67 -8.43 18.53
N GLU B 64 52.77 -7.95 19.41
CA GLU B 64 53.12 -7.32 20.66
C GLU B 64 52.84 -8.27 21.82
N PRO B 65 53.81 -8.52 22.71
CA PRO B 65 53.56 -9.42 23.84
C PRO B 65 52.69 -8.84 24.93
N THR B 66 52.34 -7.55 24.86
CA THR B 66 51.46 -6.92 25.83
C THR B 66 49.99 -7.22 25.60
N ARG B 67 49.65 -7.97 24.56
CA ARG B 67 48.26 -8.16 24.17
C ARG B 67 47.60 -9.32 24.90
N GLN B 68 46.29 -9.22 25.06
CA GLN B 68 45.43 -10.26 25.58
C GLN B 68 44.23 -10.35 24.66
N VAL B 69 44.04 -11.50 24.01
CA VAL B 69 42.99 -11.69 23.01
C VAL B 69 41.92 -12.58 23.61
N PHE B 70 40.66 -12.15 23.51
CA PHE B 70 39.52 -12.89 24.02
C PHE B 70 38.51 -13.14 22.91
N ALA B 71 37.67 -14.16 23.13
CA ALA B 71 36.52 -14.37 22.28
C ALA B 71 35.28 -13.77 22.93
N VAL B 72 34.22 -13.62 22.13
CA VAL B 72 32.94 -13.12 22.61
C VAL B 72 32.11 -14.30 23.10
N GLN B 73 31.70 -14.26 24.36
CA GLN B 73 30.83 -15.28 24.93
C GLN B 73 29.36 -14.96 24.75
N ARG B 74 28.97 -13.70 24.92
CA ARG B 74 27.57 -13.31 24.83
C ARG B 74 27.51 -11.82 24.47
N ILE B 75 26.38 -11.39 23.89
CA ILE B 75 26.17 -9.99 23.54
C ILE B 75 24.89 -9.49 24.19
N PHE B 76 24.88 -8.19 24.50
CA PHE B 76 23.78 -7.51 25.16
C PHE B 76 23.56 -6.16 24.50
N GLU B 77 22.34 -5.87 24.12
CA GLU B 77 21.97 -4.59 23.53
C GLU B 77 20.74 -4.05 24.23
N ASN B 78 20.33 -2.85 23.84
CA ASN B 78 19.26 -2.16 24.56
C ASN B 78 18.55 -1.21 23.59
N GLY B 79 17.67 -1.79 22.77
CA GLY B 79 16.82 -0.99 21.90
C GLY B 79 17.53 -0.33 20.74
N TYR B 80 18.56 -0.98 20.18
CA TYR B 80 19.27 -0.43 19.03
C TYR B 80 18.34 -0.23 17.84
N ASP B 81 18.32 1.00 17.32
CA ASP B 81 17.48 1.33 16.16
C ASP B 81 18.40 1.58 14.97
N PRO B 82 18.61 0.60 14.08
CA PRO B 82 19.57 0.78 12.99
C PRO B 82 19.15 1.80 11.94
N VAL B 83 17.91 2.26 11.96
CA VAL B 83 17.45 3.22 10.96
C VAL B 83 17.64 4.65 11.42
N ASN B 84 17.47 4.91 12.71
CA ASN B 84 17.72 6.24 13.24
C ASN B 84 19.03 6.33 14.01
N LEU B 85 19.79 5.23 14.02
CA LEU B 85 21.07 5.15 14.72
C LEU B 85 20.93 5.63 16.17
N LEU B 86 19.94 5.07 16.86
CA LEU B 86 19.66 5.34 18.26
C LEU B 86 20.07 4.15 19.13
N ASN B 87 20.56 4.45 20.32
CA ASN B 87 21.01 3.40 21.26
C ASN B 87 22.04 2.49 20.59
N ASP B 88 23.02 3.12 19.94
CA ASP B 88 24.02 2.39 19.17
C ASP B 88 25.14 1.95 20.12
N ILE B 89 24.80 0.97 20.97
CA ILE B 89 25.69 0.49 22.01
C ILE B 89 25.47 -1.02 22.19
N VAL B 90 26.58 -1.75 22.37
CA VAL B 90 26.55 -3.19 22.60
C VAL B 90 27.58 -3.52 23.67
N ILE B 91 27.26 -4.49 24.52
CA ILE B 91 28.19 -5.01 25.50
C ILE B 91 28.55 -6.42 25.08
N LEU B 92 29.85 -6.67 24.91
CA LEU B 92 30.35 -8.00 24.59
C LEU B 92 30.95 -8.59 25.87
N GLN B 93 30.44 -9.74 26.27
CA GLN B 93 31.01 -10.49 27.37
C GLN B 93 32.10 -11.39 26.83
N LEU B 94 33.27 -11.36 27.48
CA LEU B 94 34.42 -12.12 27.04
C LEU B 94 34.35 -13.57 27.53
N ASN B 95 35.08 -14.46 26.83
CA ASN B 95 35.27 -15.86 27.22
C ASN B 95 36.30 -16.02 28.33
N GLY B 96 36.57 -14.96 29.08
CA GLY B 96 37.57 -14.99 30.13
C GLY B 96 37.67 -13.61 30.74
N SER B 97 38.61 -13.45 31.65
CA SER B 97 38.85 -12.19 32.33
C SER B 97 40.24 -11.69 32.01
N ALA B 98 40.35 -10.40 31.69
CA ALA B 98 41.65 -9.79 31.47
C ALA B 98 42.48 -9.81 32.76
N THR B 99 43.79 -9.90 32.60
CA THR B 99 44.72 -9.66 33.69
C THR B 99 45.05 -8.17 33.67
N ILE B 100 44.64 -7.45 34.72
CA ILE B 100 44.85 -6.02 34.81
C ILE B 100 46.34 -5.74 35.00
N ASN B 101 46.91 -4.93 34.10
CA ASN B 101 48.33 -4.58 34.15
C ASN B 101 48.48 -3.15 33.65
N ALA B 102 49.73 -2.70 33.53
CA ALA B 102 49.98 -1.37 32.98
C ALA B 102 49.26 -1.15 31.66
N ASN B 103 49.15 -2.19 30.84
CA ASN B 103 48.68 -2.06 29.47
C ASN B 103 47.24 -2.51 29.26
N VAL B 104 46.57 -3.06 30.29
CA VAL B 104 45.16 -3.44 30.21
C VAL B 104 44.48 -2.98 31.49
N GLN B 105 43.62 -1.96 31.38
CA GLN B 105 42.92 -1.45 32.55
C GLN B 105 41.46 -1.17 32.20
N VAL B 106 40.62 -1.15 33.22
CA VAL B 106 39.18 -0.95 33.06
C VAL B 106 38.88 0.55 33.11
N ALA B 107 38.16 1.03 32.11
CA ALA B 107 37.80 2.45 31.99
C ALA B 107 36.78 2.86 33.05
N GLN B 108 36.62 4.18 33.18
CA GLN B 108 35.67 4.76 34.11
C GLN B 108 34.54 5.44 33.34
N LEU B 109 33.32 5.25 33.82
CA LEU B 109 32.14 5.73 33.15
C LEU B 109 31.51 6.85 33.94
N PRO B 110 30.76 7.75 33.27
CA PRO B 110 30.07 8.84 33.99
C PRO B 110 28.87 8.32 34.76
N ALA B 111 28.14 9.22 35.40
CA ALA B 111 26.91 8.88 36.10
C ALA B 111 25.73 8.88 35.13
N GLN B 112 24.67 8.16 35.50
CA GLN B 112 23.47 8.13 34.68
C GLN B 112 22.96 9.53 34.44
N GLY B 113 22.72 9.87 33.17
CA GLY B 113 22.10 11.13 32.82
C GLY B 113 23.02 12.32 32.65
N ARG B 114 24.31 12.18 32.95
CA ARG B 114 25.19 13.35 32.92
C ARG B 114 25.38 13.83 31.49
N ARG B 115 25.13 15.12 31.26
CA ARG B 115 25.12 15.69 29.92
C ARG B 115 26.26 16.71 29.78
N LEU B 116 26.94 16.67 28.64
CA LEU B 116 28.05 17.57 28.36
C LEU B 116 27.55 18.80 27.63
N GLY B 117 28.07 19.98 28.01
CA GLY B 117 27.70 21.21 27.34
C GLY B 117 28.61 21.50 26.16
N ASN B 118 28.23 22.52 25.39
CA ASN B 118 29.12 23.10 24.37
C ASN B 118 30.50 23.38 24.96
N GLY B 119 31.54 23.00 24.22
CA GLY B 119 32.89 23.41 24.56
C GLY B 119 33.68 22.42 25.40
N VAL B 120 33.07 21.34 25.87
CA VAL B 120 33.85 20.38 26.64
C VAL B 120 34.93 19.81 25.75
N GLN B 121 36.17 19.79 26.26
CA GLN B 121 37.31 19.26 25.53
C GLN B 121 37.40 17.76 25.77
N CYS B 122 37.40 16.99 24.69
CA CYS B 122 37.50 15.54 24.74
C CYS B 122 38.62 15.07 23.84
N LEU B 123 38.92 13.78 23.95
CA LEU B 123 39.89 13.09 23.10
C LEU B 123 39.16 11.96 22.38
N ALA B 124 39.22 11.96 21.06
CA ALA B 124 38.84 10.77 20.32
C ALA B 124 40.09 9.95 20.04
N MET B 125 39.87 8.68 19.69
CA MET B 125 41.00 7.78 19.45
C MET B 125 40.50 6.58 18.65
N GLY B 126 41.46 5.86 18.09
CA GLY B 126 41.14 4.63 17.39
C GLY B 126 42.16 4.33 16.30
N TRP B 127 41.96 3.15 15.67
CA TRP B 127 42.81 2.64 14.62
C TRP B 127 42.18 2.77 13.23
N GLY B 128 41.16 3.61 13.07
CA GLY B 128 40.55 3.77 11.77
C GLY B 128 41.45 4.50 10.78
N LEU B 129 40.92 4.71 9.57
CA LEU B 129 41.66 5.31 8.46
C LEU B 129 42.25 6.68 8.81
N LEU B 130 43.51 6.90 8.38
CA LEU B 130 44.21 8.16 8.58
C LEU B 130 43.81 9.23 7.56
N GLY B 131 43.17 8.84 6.46
CA GLY B 131 42.60 9.80 5.52
C GLY B 131 41.26 9.27 5.06
N ARG B 132 40.48 10.15 4.41
CA ARG B 132 39.05 9.87 4.29
C ARG B 132 38.75 8.66 3.39
N ASN B 133 39.67 8.29 2.50
CA ASN B 133 39.66 6.97 1.88
C ASN B 133 40.95 6.19 2.12
N ARG B 134 41.96 6.81 2.73
CA ARG B 134 43.33 6.31 2.87
C ARG B 134 43.40 5.21 3.94
N GLY B 135 44.60 4.65 4.16
CA GLY B 135 44.71 3.39 4.86
C GLY B 135 44.55 3.49 6.37
N ILE B 136 44.26 2.33 7.00
CA ILE B 136 44.07 2.28 8.47
C ILE B 136 45.42 2.47 9.16
N ALA B 137 45.33 2.82 10.44
CA ALA B 137 46.49 3.11 11.26
C ALA B 137 47.12 1.83 11.80
N SER B 138 48.44 1.86 11.92
CA SER B 138 49.12 0.82 12.68
C SER B 138 49.22 1.23 14.14
N VAL B 139 49.73 2.41 14.39
CA VAL B 139 49.84 2.95 15.73
C VAL B 139 48.54 3.67 16.07
N LEU B 140 48.05 3.42 17.28
CA LEU B 140 46.81 4.03 17.73
C LEU B 140 46.91 5.55 17.66
N GLN B 141 45.82 6.19 17.21
CA GLN B 141 45.77 7.62 17.00
C GLN B 141 44.81 8.27 18.00
N GLU B 142 45.09 9.52 18.33
CA GLU B 142 44.22 10.28 19.22
C GLU B 142 44.04 11.69 18.66
N LEU B 143 42.90 12.30 18.99
CA LEU B 143 42.51 13.58 18.41
C LEU B 143 41.79 14.43 19.46
N ASN B 144 42.20 15.69 19.57
CA ASN B 144 41.51 16.65 20.41
C ASN B 144 40.23 17.13 19.72
N VAL B 145 39.09 16.96 20.37
CA VAL B 145 37.82 17.37 19.79
C VAL B 145 37.04 18.17 20.82
N THR B 146 35.97 18.82 20.36
CA THR B 146 35.16 19.69 21.21
C THR B 146 33.70 19.28 21.09
N VAL B 147 33.02 19.14 22.24
CA VAL B 147 31.58 18.86 22.24
C VAL B 147 30.84 20.07 21.67
N VAL B 148 29.98 19.81 20.70
CA VAL B 148 29.15 20.85 20.12
C VAL B 148 27.71 20.35 20.15
N THR B 149 26.76 21.27 20.29
CA THR B 149 25.37 20.90 20.18
C THR B 149 24.73 21.40 18.89
N SER B 150 25.37 22.33 18.20
CA SER B 150 24.89 22.77 16.89
C SER B 150 25.16 21.68 15.84
N LEU B 151 24.17 21.44 14.98
CA LEU B 151 24.21 20.33 14.01
C LEU B 151 24.26 18.96 14.69
N CYS B 152 23.73 18.85 15.90
CA CYS B 152 23.63 17.56 16.59
C CYS B 152 22.16 17.23 16.82
N ARG B 153 21.91 16.18 17.61
CA ARG B 153 20.59 15.93 18.17
C ARG B 153 20.77 15.52 19.62
N ARG B 154 19.70 15.62 20.41
CA ARG B 154 19.84 15.38 21.84
C ARG B 154 20.16 13.91 22.15
N SER B 155 19.85 12.99 21.24
CA SER B 155 20.15 11.58 21.44
C SER B 155 21.59 11.21 21.07
N ASN B 156 22.46 12.19 20.84
CA ASN B 156 23.87 11.94 20.56
C ASN B 156 24.73 12.97 21.27
N VAL B 157 25.99 12.61 21.48
CA VAL B 157 27.06 13.54 21.83
C VAL B 157 27.88 13.76 20.57
N CYS B 158 27.98 15.01 20.13
CA CYS B 158 28.67 15.32 18.88
C CYS B 158 29.90 16.16 19.16
N THR B 159 30.90 16.00 18.30
CA THR B 159 32.21 16.61 18.49
C THR B 159 32.73 17.17 17.17
N LEU B 160 33.51 18.24 17.29
CA LEU B 160 34.04 18.93 16.13
C LEU B 160 35.47 19.35 16.42
N VAL B 161 36.24 19.57 15.36
CA VAL B 161 37.54 20.22 15.45
C VAL B 161 37.45 21.44 14.52
N ARG B 162 37.20 22.60 15.11
CA ARG B 162 36.77 23.75 14.34
C ARG B 162 37.83 24.16 13.33
N GLY B 163 37.42 24.37 12.08
CA GLY B 163 38.34 24.80 11.05
C GLY B 163 39.27 23.75 10.49
N ARG B 164 39.13 22.48 10.90
CA ARG B 164 40.00 21.41 10.45
C ARG B 164 39.17 20.28 9.91
N GLN B 165 39.55 19.77 8.73
CA GLN B 165 38.92 18.56 8.20
C GLN B 165 39.58 17.37 8.88
N ALA B 166 39.11 17.10 10.10
CA ALA B 166 39.61 16.04 10.97
C ALA B 166 38.43 15.44 11.74
N GLY B 167 38.53 14.16 12.06
CA GLY B 167 37.56 13.47 12.88
C GLY B 167 37.75 11.97 12.77
N VAL B 168 36.77 11.23 13.30
CA VAL B 168 36.84 9.77 13.22
C VAL B 168 36.59 9.31 11.77
N CYS B 169 37.08 8.11 11.45
CA CYS B 169 36.91 7.55 10.12
C CYS B 169 36.76 6.03 10.20
N PHE B 170 36.68 5.38 9.03
CA PHE B 170 36.29 3.97 8.99
C PHE B 170 37.28 3.07 9.75
N GLY B 171 36.73 2.23 10.62
CA GLY B 171 37.49 1.50 11.61
C GLY B 171 37.43 2.11 12.99
N ASP B 172 37.03 3.37 13.12
CA ASP B 172 36.91 4.00 14.42
C ASP B 172 35.56 3.77 15.11
N SER B 173 34.55 3.30 14.37
CA SER B 173 33.28 2.91 14.98
C SER B 173 33.51 2.11 16.25
N GLY B 174 32.73 2.42 17.28
CA GLY B 174 32.84 1.71 18.54
C GLY B 174 33.88 2.25 19.48
N SER B 175 34.79 3.09 19.01
CA SER B 175 35.87 3.55 19.87
C SER B 175 35.37 4.56 20.90
N PRO B 176 36.06 4.68 22.04
CA PRO B 176 35.62 5.61 23.09
C PRO B 176 35.91 7.08 22.76
N LEU B 177 35.04 7.93 23.29
CA LEU B 177 35.27 9.37 23.45
C LEU B 177 35.51 9.62 24.94
N VAL B 178 36.67 10.22 25.27
CA VAL B 178 37.13 10.41 26.64
C VAL B 178 37.07 11.90 27.01
N CYS B 179 36.17 12.28 27.92
CA CYS B 179 36.10 13.63 28.45
C CYS B 179 36.23 13.60 29.98
N ASN B 180 37.22 14.33 30.49
CA ASN B 180 37.48 14.42 31.94
C ASN B 180 37.72 13.05 32.56
N GLY B 181 38.50 12.22 31.86
CA GLY B 181 38.85 10.89 32.35
C GLY B 181 37.75 9.86 32.26
N LEU B 182 36.56 10.22 31.79
CA LEU B 182 35.41 9.33 31.71
C LEU B 182 35.08 9.04 30.25
N ILE B 183 34.50 7.86 30.01
CA ILE B 183 34.10 7.47 28.65
C ILE B 183 32.67 7.98 28.42
N HIS B 184 32.53 9.06 27.65
CA HIS B 184 31.22 9.67 27.44
C HIS B 184 30.59 9.32 26.10
N GLY B 185 31.33 8.68 25.20
CA GLY B 185 30.83 8.47 23.85
C GLY B 185 31.39 7.19 23.26
N ILE B 186 30.59 6.60 22.37
CA ILE B 186 30.99 5.47 21.55
C ILE B 186 30.80 5.94 20.12
N ALA B 187 31.86 5.90 19.31
CA ALA B 187 31.77 6.47 17.96
C ALA B 187 30.69 5.78 17.16
N SER B 188 29.73 6.56 16.64
CA SER B 188 28.56 5.98 16.01
C SER B 188 28.42 6.34 14.54
N PHE B 189 28.47 7.62 14.17
CA PHE B 189 28.37 7.93 12.75
C PHE B 189 28.99 9.29 12.42
N VAL B 190 29.32 9.45 11.14
CA VAL B 190 29.82 10.70 10.58
C VAL B 190 28.79 11.20 9.58
N ARG B 191 28.92 12.47 9.20
CA ARG B 191 28.04 13.09 8.20
C ARG B 191 28.88 13.90 7.23
N GLY B 192 28.57 13.75 5.94
CA GLY B 192 29.39 14.30 4.88
C GLY B 192 30.63 13.49 4.56
N GLY B 193 30.65 12.21 4.96
CA GLY B 193 31.89 11.45 4.90
C GLY B 193 32.78 11.79 6.09
N CYS B 194 33.94 11.15 6.12
CA CYS B 194 34.88 11.40 7.20
C CYS B 194 35.46 12.80 7.12
N ALA B 195 35.63 13.42 8.28
CA ALA B 195 36.39 14.65 8.37
C ALA B 195 35.89 15.68 7.36
N SER B 196 34.56 15.89 7.38
CA SER B 196 33.97 16.87 6.47
C SER B 196 34.46 18.28 6.77
N GLY B 197 34.78 18.56 8.04
CA GLY B 197 35.03 19.90 8.47
C GLY B 197 33.81 20.78 8.62
N LEU B 198 32.63 20.27 8.28
CA LEU B 198 31.39 21.02 8.46
C LEU B 198 30.49 20.39 9.51
N TYR B 199 30.34 19.08 9.48
CA TYR B 199 29.40 18.41 10.36
C TYR B 199 30.12 17.66 11.46
N PRO B 200 29.61 17.72 12.68
CA PRO B 200 30.27 17.00 13.79
C PRO B 200 30.15 15.50 13.64
N ASP B 201 31.08 14.78 14.31
CA ASP B 201 30.96 13.34 14.45
C ASP B 201 29.99 13.04 15.58
N ALA B 202 29.25 11.93 15.46
CA ALA B 202 28.23 11.60 16.43
C ALA B 202 28.62 10.35 17.22
N PHE B 203 28.53 10.46 18.53
CA PHE B 203 28.84 9.39 19.46
C PHE B 203 27.58 8.98 20.20
N ALA B 204 27.40 7.68 20.39
CA ALA B 204 26.35 7.23 21.28
C ALA B 204 26.61 7.78 22.67
N PRO B 205 25.59 8.32 23.35
CA PRO B 205 25.79 9.01 24.64
C PRO B 205 25.85 8.07 25.84
N VAL B 206 27.06 7.68 26.25
CA VAL B 206 27.28 6.59 27.20
C VAL B 206 26.55 6.85 28.52
N ALA B 207 26.51 8.12 28.95
CA ALA B 207 25.90 8.46 30.24
C ALA B 207 24.41 8.15 30.27
N GLN B 208 23.75 8.13 29.12
CA GLN B 208 22.35 7.79 29.07
C GLN B 208 22.10 6.30 29.28
N PHE B 209 23.12 5.44 29.17
CA PHE B 209 22.94 3.99 29.27
C PHE B 209 23.64 3.39 30.50
N VAL B 210 24.05 4.23 31.45
CA VAL B 210 24.87 3.74 32.56
C VAL B 210 24.12 2.75 33.43
N ASN B 211 22.83 2.99 33.65
CA ASN B 211 22.07 2.05 34.47
C ASN B 211 21.98 0.69 33.79
N TRP B 212 21.81 0.68 32.46
CA TRP B 212 21.76 -0.57 31.71
C TRP B 212 23.12 -1.26 31.71
N ILE B 213 24.20 -0.50 31.45
CA ILE B 213 25.55 -1.05 31.49
C ILE B 213 25.81 -1.67 32.85
N ASP B 214 25.47 -0.94 33.92
CA ASP B 214 25.57 -1.48 35.26
C ASP B 214 24.71 -2.72 35.42
N SER B 215 23.51 -2.73 34.83
CA SER B 215 22.64 -3.89 35.03
C SER B 215 23.23 -5.14 34.37
N ILE B 216 24.06 -4.98 33.35
CA ILE B 216 24.67 -6.09 32.62
C ILE B 216 25.92 -6.60 33.30
N ILE B 217 26.87 -5.71 33.60
CA ILE B 217 28.21 -6.15 33.99
C ILE B 217 28.35 -6.49 35.47
N GLN B 218 27.27 -6.38 36.25
CA GLN B 218 27.25 -6.69 37.69
C GLN B 218 28.24 -7.78 38.12
N THR C 3 -5.44 -40.45 8.66
CA THR C 3 -4.29 -41.34 8.53
C THR C 3 -3.02 -40.56 8.15
N ARG C 4 -3.06 -39.23 8.26
CA ARG C 4 -1.90 -38.37 8.00
C ARG C 4 -2.08 -37.00 8.66
N TYR C 5 -1.00 -36.44 9.21
CA TYR C 5 -1.05 -35.20 9.98
C TYR C 5 -0.28 -34.10 9.27
N VAL C 6 -0.94 -32.98 9.03
CA VAL C 6 -0.40 -31.91 8.21
C VAL C 6 -0.17 -30.68 9.08
N PRO C 7 1.06 -30.15 9.15
CA PRO C 7 1.30 -28.90 9.90
C PRO C 7 0.41 -27.75 9.40
N TYR C 8 -0.13 -26.98 10.34
CA TYR C 8 -0.98 -25.87 9.96
C TYR C 8 -0.90 -24.76 11.00
N THR C 9 -1.17 -23.53 10.57
CA THR C 9 -1.24 -22.40 11.49
C THR C 9 -2.53 -21.62 11.27
N ILE C 10 -2.94 -20.88 12.30
CA ILE C 10 -4.03 -19.90 12.19
C ILE C 10 -3.50 -18.52 12.56
N ALA C 11 -3.80 -17.54 11.73
CA ALA C 11 -3.58 -16.14 12.08
C ALA C 11 -4.92 -15.41 12.01
N VAL C 12 -5.23 -14.64 13.06
CA VAL C 12 -6.43 -13.81 13.11
C VAL C 12 -5.97 -12.38 13.33
N ASN C 13 -6.26 -11.51 12.37
CA ASN C 13 -5.77 -10.13 12.36
C ASN C 13 -4.26 -10.08 12.64
N GLY C 14 -3.53 -11.02 12.05
CA GLY C 14 -2.10 -11.11 12.26
C GLY C 14 -1.64 -11.77 13.54
N THR C 15 -2.53 -12.13 14.45
CA THR C 15 -2.10 -12.74 15.70
C THR C 15 -2.33 -14.24 15.70
N SER C 16 -1.38 -14.94 16.28
CA SER C 16 -1.46 -16.39 16.42
C SER C 16 -0.82 -16.81 17.73
N THR C 17 -1.16 -18.01 18.17
CA THR C 17 -0.52 -18.66 19.28
C THR C 17 0.64 -19.50 18.76
N PRO C 18 1.82 -19.43 19.38
CA PRO C 18 2.99 -20.18 18.88
C PRO C 18 2.93 -21.66 19.25
N ILE C 19 1.93 -22.35 18.73
CA ILE C 19 1.75 -23.78 18.97
C ILE C 19 2.20 -24.55 17.74
N LEU C 20 2.83 -25.71 17.94
CA LEU C 20 3.16 -26.59 16.82
C LEU C 20 1.97 -27.52 16.61
N SER C 21 1.22 -27.30 15.52
CA SER C 21 -0.06 -27.98 15.34
C SER C 21 -0.14 -28.67 13.99
N LYS C 22 -0.79 -29.85 13.98
CA LYS C 22 -0.98 -30.66 12.79
C LYS C 22 -2.43 -31.11 12.70
N LEU C 23 -3.01 -30.92 11.51
CA LEU C 23 -4.36 -31.38 11.17
C LEU C 23 -4.34 -32.85 10.77
N LYS C 24 -5.27 -33.63 11.31
CA LYS C 24 -5.47 -34.99 10.81
C LYS C 24 -6.29 -34.93 9.53
N ILE C 25 -5.76 -35.47 8.44
CA ILE C 25 -6.52 -35.53 7.20
C ILE C 25 -6.34 -36.90 6.57
N SER C 26 -7.42 -37.44 6.02
CA SER C 26 -7.40 -38.80 5.50
C SER C 26 -6.47 -38.93 4.31
N ASN C 27 -5.71 -40.02 4.26
CA ASN C 27 -5.04 -40.44 3.04
C ASN C 27 -5.56 -41.79 2.54
N LYS C 28 -6.79 -42.16 2.92
CA LYS C 28 -7.40 -43.37 2.41
C LYS C 28 -7.90 -43.19 0.98
N GLN C 29 -8.18 -41.95 0.57
CA GLN C 29 -8.59 -41.62 -0.78
C GLN C 29 -8.10 -40.22 -1.07
N LEU C 30 -8.21 -39.83 -2.34
CA LEU C 30 -7.94 -38.44 -2.71
C LEU C 30 -8.96 -37.51 -2.06
N ILE C 31 -8.54 -36.28 -1.78
CA ILE C 31 -9.38 -35.30 -1.11
C ILE C 31 -9.58 -34.08 -2.02
N SER C 32 -10.43 -33.18 -1.56
CA SER C 32 -10.84 -32.00 -2.34
C SER C 32 -10.67 -30.75 -1.49
N TYR C 33 -10.81 -29.59 -2.15
CA TYR C 33 -10.75 -28.34 -1.39
C TYR C 33 -12.00 -28.17 -0.54
N LYS C 34 -13.14 -28.71 -0.96
CA LYS C 34 -14.29 -28.68 -0.08
C LYS C 34 -14.01 -29.48 1.19
N TYR C 35 -13.33 -30.62 1.07
CA TYR C 35 -12.91 -31.37 2.25
C TYR C 35 -12.06 -30.50 3.17
N LEU C 36 -11.02 -29.86 2.61
CA LEU C 36 -10.15 -29.04 3.43
C LEU C 36 -10.88 -27.82 4.00
N ASN C 37 -11.82 -27.24 3.27
CA ASN C 37 -12.64 -26.15 3.84
C ASN C 37 -13.28 -26.59 5.15
N ASP C 38 -13.90 -27.78 5.15
CA ASP C 38 -14.56 -28.28 6.35
C ASP C 38 -13.55 -28.46 7.49
N LYS C 39 -12.37 -29.06 7.20
CA LYS C 39 -11.36 -29.25 8.25
C LYS C 39 -10.85 -27.91 8.76
N VAL C 40 -10.69 -26.94 7.86
CA VAL C 40 -10.15 -25.63 8.25
C VAL C 40 -11.17 -24.87 9.08
N LYS C 41 -12.43 -24.87 8.63
CA LYS C 41 -13.45 -24.15 9.39
C LYS C 41 -13.62 -24.77 10.77
N SER C 42 -13.41 -26.09 10.89
CA SER C 42 -13.57 -26.75 12.17
C SER C 42 -12.54 -26.26 13.19
N VAL C 43 -11.27 -26.17 12.78
CA VAL C 43 -10.27 -25.71 13.73
C VAL C 43 -10.31 -24.19 13.92
N LEU C 44 -10.74 -23.42 12.90
CA LEU C 44 -11.04 -22.00 13.16
C LEU C 44 -12.03 -21.85 14.32
N LYS C 45 -13.08 -22.69 14.34
CA LYS C 45 -14.06 -22.57 15.42
C LYS C 45 -13.49 -23.07 16.74
N SER C 46 -12.95 -24.29 16.76
CA SER C 46 -12.50 -24.86 18.02
C SER C 46 -11.27 -24.13 18.58
N GLU C 47 -10.30 -23.76 17.76
CA GLU C 47 -9.10 -23.17 18.36
C GLU C 47 -9.16 -21.66 18.52
N ARG C 48 -9.87 -20.93 17.64
CA ARG C 48 -9.88 -19.47 17.74
C ARG C 48 -11.27 -18.84 17.83
N GLY C 49 -12.32 -19.62 18.06
CA GLY C 49 -13.63 -19.05 18.27
C GLY C 49 -14.17 -18.32 17.05
N ILE C 50 -13.80 -18.77 15.86
CA ILE C 50 -14.24 -18.16 14.60
C ILE C 50 -15.26 -19.10 13.97
N SER C 51 -16.53 -18.74 14.04
CA SER C 51 -17.62 -19.59 13.55
C SER C 51 -17.93 -19.30 12.07
N ASP C 52 -18.85 -20.10 11.51
CA ASP C 52 -19.29 -19.90 10.13
C ASP C 52 -19.78 -18.46 9.92
N LEU C 53 -20.62 -17.95 10.83
CA LEU C 53 -21.21 -16.63 10.66
C LEU C 53 -20.16 -15.52 10.84
N ASP C 54 -19.21 -15.72 11.76
CA ASP C 54 -18.06 -14.81 11.86
C ASP C 54 -17.36 -14.64 10.52
N LEU C 55 -17.25 -15.73 9.76
CA LEU C 55 -16.55 -15.66 8.49
C LEU C 55 -17.32 -14.83 7.46
N LYS C 56 -18.66 -14.81 7.52
CA LYS C 56 -19.40 -13.93 6.62
C LYS C 56 -19.00 -12.46 6.82
N PHE C 57 -18.73 -12.08 8.07
CA PHE C 57 -18.39 -10.71 8.43
C PHE C 57 -16.90 -10.40 8.32
N ALA C 58 -16.03 -11.41 8.24
CA ALA C 58 -14.60 -11.16 8.10
C ALA C 58 -14.29 -10.43 6.80
N LYS C 59 -13.36 -9.48 6.84
CA LYS C 59 -12.95 -8.83 5.60
C LYS C 59 -12.28 -9.82 4.65
N GLN C 60 -11.39 -10.66 5.17
CA GLN C 60 -10.73 -11.69 4.39
C GLN C 60 -10.65 -12.98 5.22
N ALA C 61 -10.81 -14.12 4.55
CA ALA C 61 -10.74 -15.43 5.19
C ALA C 61 -10.24 -16.41 4.14
N LYS C 62 -9.04 -16.92 4.34
CA LYS C 62 -8.43 -17.74 3.32
C LYS C 62 -7.49 -18.74 3.98
N TYR C 63 -7.10 -19.77 3.23
CA TYR C 63 -5.96 -20.56 3.63
C TYR C 63 -5.14 -20.86 2.38
N THR C 64 -3.85 -21.10 2.57
CA THR C 64 -2.96 -21.49 1.49
C THR C 64 -2.45 -22.91 1.71
N VAL C 65 -2.65 -23.77 0.73
CA VAL C 65 -2.08 -25.12 0.76
C VAL C 65 -0.71 -25.09 0.09
N TYR C 66 0.33 -25.36 0.88
CA TYR C 66 1.70 -25.45 0.39
C TYR C 66 1.98 -26.91 0.03
N PHE C 67 2.31 -27.15 -1.24
CA PHE C 67 2.59 -28.52 -1.70
C PHE C 67 4.09 -28.81 -1.60
N LYS C 68 4.42 -30.10 -1.53
CA LYS C 68 5.82 -30.48 -1.34
C LYS C 68 6.68 -30.09 -2.53
N ASN C 69 6.09 -29.97 -3.71
CA ASN C 69 6.88 -29.62 -4.90
C ASN C 69 7.12 -28.11 -5.04
N GLY C 70 6.74 -27.31 -4.06
CA GLY C 70 6.92 -25.88 -4.10
C GLY C 70 5.71 -25.09 -4.59
N LYS C 71 4.72 -25.78 -5.15
CA LYS C 71 3.50 -25.09 -5.57
C LYS C 71 2.62 -24.79 -4.37
N LYS C 72 1.79 -23.75 -4.51
CA LYS C 72 0.83 -23.36 -3.49
C LYS C 72 -0.51 -23.11 -4.15
N GLN C 73 -1.58 -23.24 -3.36
CA GLN C 73 -2.94 -22.95 -3.80
C GLN C 73 -3.61 -22.13 -2.72
N VAL C 74 -4.02 -20.92 -3.04
CA VAL C 74 -4.79 -20.11 -2.11
C VAL C 74 -6.26 -20.44 -2.32
N VAL C 75 -7.00 -20.64 -1.23
CA VAL C 75 -8.41 -20.98 -1.31
C VAL C 75 -9.21 -20.09 -0.37
N ASN C 76 -9.98 -19.17 -0.93
CA ASN C 76 -10.81 -18.29 -0.11
C ASN C 76 -11.92 -19.08 0.56
N LEU C 77 -12.18 -18.78 1.82
CA LEU C 77 -13.23 -19.48 2.55
C LEU C 77 -14.59 -18.83 2.34
N LYS C 78 -14.60 -17.57 1.94
CA LYS C 78 -15.85 -16.87 1.71
C LYS C 78 -16.44 -17.15 0.33
N SER C 79 -15.82 -18.03 -0.45
CA SER C 79 -16.28 -18.37 -1.79
C SER C 79 -16.90 -19.76 -1.82
N ASP C 80 -18.05 -19.89 -2.51
CA ASP C 80 -18.62 -21.20 -2.76
C ASP C 80 -18.37 -21.68 -4.20
N ILE C 81 -17.38 -21.10 -4.89
CA ILE C 81 -16.93 -21.58 -6.19
C ILE C 81 -15.86 -22.65 -5.93
N PHE C 82 -16.05 -23.86 -6.47
CA PHE C 82 -15.03 -24.89 -6.32
C PHE C 82 -14.68 -25.48 -7.67
N THR C 83 -13.39 -25.73 -7.87
CA THR C 83 -12.99 -26.58 -8.99
C THR C 83 -13.17 -28.04 -8.56
N PRO C 84 -13.88 -28.87 -9.36
CA PRO C 84 -14.18 -30.25 -8.95
C PRO C 84 -13.04 -31.24 -9.22
N ASN C 85 -11.84 -30.92 -8.73
CA ASN C 85 -10.69 -31.81 -8.85
C ASN C 85 -10.37 -32.45 -7.51
N LEU C 86 -9.58 -33.54 -7.56
CA LEU C 86 -9.04 -34.23 -6.39
C LEU C 86 -7.51 -34.19 -6.43
N PHE C 87 -6.91 -34.43 -5.25
CA PHE C 87 -5.46 -34.42 -5.09
C PHE C 87 -5.10 -35.21 -3.82
N SER C 88 -3.81 -35.51 -3.66
CA SER C 88 -3.41 -36.40 -2.57
C SER C 88 -3.03 -35.63 -1.32
N ALA C 89 -3.54 -36.08 -0.18
CA ALA C 89 -3.11 -35.53 1.10
C ALA C 89 -1.61 -35.70 1.31
N LYS C 90 -1.01 -36.76 0.76
CA LYS C 90 0.41 -37.02 0.94
C LYS C 90 1.28 -35.93 0.30
N ASP C 91 0.75 -35.14 -0.62
CA ASP C 91 1.55 -34.12 -1.30
C ASP C 91 1.54 -32.76 -0.58
N ILE C 92 0.76 -32.61 0.48
CA ILE C 92 0.66 -31.32 1.16
C ILE C 92 1.80 -31.20 2.16
N LYS C 93 2.47 -30.06 2.12
CA LYS C 93 3.55 -29.74 3.04
C LYS C 93 3.04 -29.07 4.31
N LYS C 94 2.17 -28.07 4.16
CA LYS C 94 1.61 -27.34 5.28
C LYS C 94 0.44 -26.48 4.78
N ILE C 95 -0.33 -25.97 5.73
CA ILE C 95 -1.51 -25.14 5.44
C ILE C 95 -1.49 -23.95 6.38
N ASP C 96 -1.47 -22.75 5.83
CA ASP C 96 -1.53 -21.52 6.63
C ASP C 96 -2.90 -20.89 6.47
N ILE C 97 -3.64 -20.77 7.57
CA ILE C 97 -4.96 -20.17 7.62
C ILE C 97 -4.84 -18.73 8.08
N ASP C 98 -5.57 -17.83 7.41
CA ASP C 98 -5.46 -16.40 7.73
C ASP C 98 -6.83 -15.73 7.62
N VAL C 99 -7.25 -15.09 8.71
CA VAL C 99 -8.52 -14.38 8.78
C VAL C 99 -8.25 -12.96 9.27
N LYS C 100 -8.86 -11.98 8.60
CA LYS C 100 -8.73 -10.56 8.98
C LYS C 100 -10.08 -9.87 8.96
N ILE D 1 16.81 -19.63 -18.44
CA ILE D 1 15.51 -19.88 -19.03
C ILE D 1 14.60 -20.38 -17.90
N ILE D 2 13.46 -19.73 -17.70
CA ILE D 2 12.51 -20.11 -16.66
C ILE D 2 11.38 -20.91 -17.28
N GLY D 3 11.07 -22.06 -16.69
CA GLY D 3 9.95 -22.84 -17.13
C GLY D 3 10.12 -23.46 -18.49
N GLY D 4 11.35 -23.58 -18.97
CA GLY D 4 11.63 -24.23 -20.23
C GLY D 4 12.05 -25.68 -20.05
N ARG D 5 12.60 -26.24 -21.11
CA ARG D 5 13.18 -27.56 -21.07
C ARG D 5 14.58 -27.54 -21.65
N GLU D 6 15.33 -28.60 -21.35
CA GLU D 6 16.68 -28.75 -21.90
C GLU D 6 16.60 -28.95 -23.40
N SER D 7 17.52 -28.30 -24.13
CA SER D 7 17.58 -28.44 -25.58
C SER D 7 18.18 -29.77 -25.99
N ARG D 8 17.79 -30.25 -27.18
CA ARG D 8 18.53 -31.31 -27.86
C ARG D 8 19.96 -30.83 -28.08
N PRO D 9 20.98 -31.56 -27.59
CA PRO D 9 22.38 -31.15 -27.84
C PRO D 9 22.63 -30.79 -29.30
N HIS D 10 23.10 -29.55 -29.52
CA HIS D 10 23.51 -29.05 -30.83
C HIS D 10 22.35 -28.96 -31.83
N SER D 11 21.11 -28.91 -31.36
CA SER D 11 19.98 -28.58 -32.23
C SER D 11 19.92 -27.10 -32.56
N ARG D 12 20.58 -26.25 -31.79
CA ARG D 12 20.63 -24.81 -32.03
C ARG D 12 22.10 -24.42 -32.20
N PRO D 13 22.73 -24.83 -33.31
CA PRO D 13 24.18 -24.68 -33.46
C PRO D 13 24.65 -23.24 -33.74
N TYR D 14 23.73 -22.26 -33.76
CA TYR D 14 24.09 -20.86 -33.77
C TYR D 14 24.27 -20.27 -32.37
N MET D 15 23.94 -21.03 -31.32
CA MET D 15 24.03 -20.51 -29.96
C MET D 15 25.48 -20.23 -29.60
N ALA D 16 25.73 -19.02 -29.09
CA ALA D 16 27.03 -18.59 -28.62
C ALA D 16 26.97 -18.28 -27.13
N TYR D 17 27.96 -18.77 -26.38
CA TYR D 17 28.11 -18.51 -24.95
C TYR D 17 29.22 -17.48 -24.76
N LEU D 18 28.91 -16.38 -24.07
CA LEU D 18 29.82 -15.24 -23.96
C LEU D 18 30.31 -15.08 -22.53
N GLN D 19 31.63 -14.96 -22.37
CA GLN D 19 32.24 -14.55 -21.11
C GLN D 19 32.86 -13.18 -21.31
N ILE D 20 32.39 -12.20 -20.52
CA ILE D 20 32.74 -10.80 -20.70
C ILE D 20 33.47 -10.29 -19.47
N GLN D 21 34.57 -9.57 -19.69
CA GLN D 21 35.37 -8.99 -18.61
C GLN D 21 35.70 -7.53 -18.89
N SER D 22 35.69 -6.72 -17.86
CA SER D 22 36.10 -5.32 -17.93
C SER D 22 36.75 -5.01 -16.58
N PRO D 23 37.48 -3.90 -16.41
CA PRO D 23 38.11 -3.67 -15.10
C PRO D 23 37.12 -3.61 -13.93
N ALA D 24 35.82 -3.48 -14.19
CA ALA D 24 34.85 -3.38 -13.11
C ALA D 24 34.28 -4.74 -12.67
N GLY D 25 34.34 -5.76 -13.51
CA GLY D 25 33.80 -7.05 -13.11
C GLY D 25 33.70 -7.97 -14.31
N GLN D 26 32.86 -9.00 -14.17
CA GLN D 26 32.68 -9.98 -15.23
C GLN D 26 31.20 -10.36 -15.33
N SER D 27 30.82 -10.75 -16.54
CA SER D 27 29.44 -11.04 -16.89
C SER D 27 29.40 -12.22 -17.85
N ARG D 28 28.22 -12.81 -17.96
CA ARG D 28 27.96 -13.94 -18.82
C ARG D 28 26.67 -13.66 -19.59
N CYS D 29 26.75 -13.78 -20.91
CA CYS D 29 25.62 -13.55 -21.79
C CYS D 29 25.51 -14.71 -22.76
N GLY D 30 24.40 -14.72 -23.52
CA GLY D 30 24.29 -15.52 -24.71
C GLY D 30 24.45 -14.67 -25.96
N GLY D 31 24.38 -15.34 -27.10
CA GLY D 31 24.57 -14.67 -28.38
C GLY D 31 24.23 -15.64 -29.49
N PHE D 32 24.32 -15.18 -30.74
CA PHE D 32 24.10 -16.10 -31.84
C PHE D 32 24.95 -15.73 -33.07
N LEU D 33 25.49 -16.78 -33.70
CA LEU D 33 26.29 -16.65 -34.90
C LEU D 33 25.41 -16.22 -36.07
N VAL D 34 25.80 -15.12 -36.73
CA VAL D 34 25.09 -14.65 -37.91
C VAL D 34 25.92 -14.78 -39.18
N ARG D 35 27.24 -14.71 -39.09
CA ARG D 35 28.14 -15.12 -40.16
C ARG D 35 29.30 -15.85 -39.51
N GLU D 36 30.12 -16.53 -40.32
CA GLU D 36 31.21 -17.32 -39.76
C GLU D 36 32.21 -16.46 -39.00
N ASP D 37 32.16 -15.14 -39.17
CA ASP D 37 33.05 -14.21 -38.46
C ASP D 37 32.32 -13.28 -37.49
N PHE D 38 30.99 -13.43 -37.31
CA PHE D 38 30.24 -12.47 -36.51
C PHE D 38 29.20 -13.16 -35.63
N VAL D 39 29.15 -12.73 -34.37
CA VAL D 39 28.12 -13.13 -33.41
C VAL D 39 27.31 -11.90 -33.04
N LEU D 40 25.99 -12.07 -32.96
CA LEU D 40 25.06 -10.99 -32.62
C LEU D 40 24.54 -11.19 -31.19
N THR D 41 24.45 -10.11 -30.43
CA THR D 41 24.12 -10.16 -29.00
C THR D 41 23.60 -8.78 -28.58
N ALA D 42 23.40 -8.59 -27.28
CA ALA D 42 22.93 -7.32 -26.77
C ALA D 42 24.09 -6.39 -26.46
N ALA D 43 23.83 -5.08 -26.61
CA ALA D 43 24.85 -4.08 -26.30
C ALA D 43 25.10 -3.94 -24.80
N HIS D 44 24.14 -4.33 -23.95
CA HIS D 44 24.48 -4.28 -22.53
C HIS D 44 25.44 -5.41 -22.11
N CYS D 45 25.76 -6.33 -23.01
CA CYS D 45 26.76 -7.35 -22.76
C CYS D 45 28.18 -6.90 -23.15
N TRP D 46 28.36 -5.62 -23.49
CA TRP D 46 29.67 -5.10 -23.86
C TRP D 46 30.68 -5.21 -22.71
N GLY D 47 31.96 -5.27 -23.07
CA GLY D 47 33.06 -5.25 -22.14
C GLY D 47 34.35 -5.21 -22.94
N SER D 48 35.47 -5.05 -22.23
CA SER D 48 36.71 -4.83 -22.96
C SER D 48 37.35 -6.12 -23.46
N ASN D 49 36.87 -7.28 -23.02
CA ASN D 49 37.31 -8.58 -23.51
C ASN D 49 36.15 -9.54 -23.44
N ILE D 50 35.97 -10.33 -24.51
CA ILE D 50 34.85 -11.27 -24.59
C ILE D 50 35.37 -12.57 -25.21
N ASN D 51 35.37 -13.66 -24.43
CA ASN D 51 35.49 -15.01 -24.99
C ASN D 51 34.17 -15.40 -25.60
N VAL D 52 34.21 -16.10 -26.72
CA VAL D 52 32.99 -16.68 -27.31
C VAL D 52 33.15 -18.20 -27.35
N THR D 53 32.10 -18.92 -26.96
CA THR D 53 32.13 -20.38 -27.06
C THR D 53 30.99 -20.87 -27.94
N LEU D 54 31.34 -21.45 -29.08
CA LEU D 54 30.39 -22.02 -30.03
C LEU D 54 30.47 -23.54 -30.01
N GLY D 55 29.39 -24.16 -30.49
CA GLY D 55 29.30 -25.61 -30.48
C GLY D 55 29.16 -26.23 -29.10
N ALA D 56 28.66 -25.46 -28.13
CA ALA D 56 28.54 -25.95 -26.76
C ALA D 56 27.14 -26.48 -26.48
N HIS D 57 27.08 -27.48 -25.61
CA HIS D 57 25.83 -27.85 -24.94
C HIS D 57 25.97 -27.73 -23.44
N ASN D 58 26.84 -28.54 -22.83
CA ASN D 58 27.20 -28.41 -21.42
C ASN D 58 28.38 -27.44 -21.36
N ILE D 59 28.10 -26.19 -20.98
CA ILE D 59 29.17 -25.19 -20.85
C ILE D 59 29.99 -25.39 -19.59
N GLN D 60 29.68 -26.40 -18.76
CA GLN D 60 30.47 -26.68 -17.57
C GLN D 60 31.58 -27.69 -17.83
N ARG D 61 31.78 -28.10 -19.08
CA ARG D 61 32.81 -29.07 -19.41
C ARG D 61 33.30 -28.79 -20.84
N ARG D 62 34.45 -29.35 -21.17
CA ARG D 62 35.11 -29.08 -22.43
C ARG D 62 34.67 -30.15 -23.43
N GLU D 63 33.69 -29.82 -24.25
CA GLU D 63 33.21 -30.77 -25.25
C GLU D 63 34.06 -30.64 -26.50
N ASN D 64 34.35 -31.77 -27.14
CA ASN D 64 35.16 -31.76 -28.35
C ASN D 64 34.51 -30.96 -29.47
N THR D 65 33.21 -30.68 -29.37
CA THR D 65 32.47 -29.94 -30.38
C THR D 65 32.57 -28.43 -30.22
N GLN D 66 33.17 -27.95 -29.13
CA GLN D 66 33.20 -26.52 -28.87
C GLN D 66 34.36 -25.86 -29.61
N GLN D 67 34.17 -24.59 -29.93
CA GLN D 67 35.21 -23.74 -30.50
C GLN D 67 35.31 -22.47 -29.68
N HIS D 68 36.54 -22.06 -29.35
CA HIS D 68 36.77 -20.94 -28.46
C HIS D 68 37.45 -19.82 -29.23
N ILE D 69 36.77 -18.69 -29.37
CA ILE D 69 37.25 -17.56 -30.16
C ILE D 69 37.05 -16.28 -29.37
N THR D 70 38.10 -15.47 -29.26
CA THR D 70 37.94 -14.16 -28.67
C THR D 70 37.33 -13.19 -29.67
N ALA D 71 36.63 -12.17 -29.15
CA ALA D 71 36.08 -11.12 -30.00
C ALA D 71 37.17 -10.12 -30.34
N ARG D 72 37.27 -9.77 -31.62
CA ARG D 72 38.25 -8.77 -32.06
C ARG D 72 37.71 -7.35 -31.93
N ARG D 73 36.41 -7.14 -32.15
CA ARG D 73 35.76 -5.87 -31.84
C ARG D 73 34.38 -6.20 -31.29
N ALA D 74 34.01 -5.54 -30.20
CA ALA D 74 32.66 -5.64 -29.66
C ALA D 74 32.03 -4.30 -30.00
N ILE D 75 31.15 -4.30 -31.00
CA ILE D 75 30.70 -3.07 -31.63
C ILE D 75 29.26 -2.84 -31.18
N ARG D 76 29.07 -1.98 -30.17
CA ARG D 76 27.72 -1.61 -29.74
C ARG D 76 27.08 -0.74 -30.80
N HIS D 77 25.76 -0.78 -30.85
CA HIS D 77 25.07 0.13 -31.74
C HIS D 77 25.42 1.57 -31.34
N PRO D 78 25.74 2.44 -32.31
CA PRO D 78 26.21 3.79 -31.94
C PRO D 78 25.18 4.63 -31.21
N GLN D 79 23.89 4.28 -31.26
CA GLN D 79 22.89 4.97 -30.47
C GLN D 79 22.39 4.14 -29.29
N TYR D 80 23.14 3.14 -28.85
CA TYR D 80 22.72 2.40 -27.67
C TYR D 80 22.59 3.36 -26.49
N ASN D 81 21.50 3.25 -25.76
CA ASN D 81 21.24 4.12 -24.62
C ASN D 81 21.11 3.18 -23.42
N GLN D 82 22.11 3.21 -22.53
CA GLN D 82 22.10 2.35 -21.36
C GLN D 82 20.90 2.62 -20.46
N ARG D 83 20.48 3.89 -20.37
CA ARG D 83 19.41 4.24 -19.43
C ARG D 83 18.07 3.68 -19.89
N THR D 84 17.67 3.97 -21.13
CA THR D 84 16.41 3.52 -21.65
C THR D 84 16.46 2.12 -22.27
N ILE D 85 17.66 1.57 -22.45
CA ILE D 85 17.91 0.27 -23.06
C ILE D 85 17.35 0.21 -24.47
N GLN D 86 17.43 1.33 -25.19
CA GLN D 86 17.05 1.38 -26.60
C GLN D 86 18.26 1.12 -27.48
N ASN D 87 18.00 0.59 -28.67
CA ASN D 87 19.07 0.19 -29.60
C ASN D 87 20.07 -0.75 -28.91
N ASP D 88 19.52 -1.73 -28.19
CA ASP D 88 20.29 -2.72 -27.41
C ASP D 88 20.70 -3.86 -28.35
N ILE D 89 21.76 -3.61 -29.11
CA ILE D 89 22.25 -4.59 -30.09
C ILE D 89 23.75 -4.38 -30.30
N MET D 90 24.49 -5.47 -30.39
CA MET D 90 25.95 -5.41 -30.49
C MET D 90 26.44 -6.55 -31.40
N LEU D 91 27.40 -6.25 -32.26
CA LEU D 91 28.02 -7.25 -33.13
C LEU D 91 29.42 -7.57 -32.63
N LEU D 92 29.74 -8.87 -32.56
CA LEU D 92 31.06 -9.35 -32.17
C LEU D 92 31.79 -9.87 -33.41
N GLN D 93 32.80 -9.12 -33.86
CA GLN D 93 33.71 -9.61 -34.89
C GLN D 93 34.68 -10.58 -34.23
N LEU D 94 34.57 -11.86 -34.58
CA LEU D 94 35.41 -12.89 -33.98
C LEU D 94 36.86 -12.72 -34.44
N SER D 95 37.81 -13.02 -33.54
CA SER D 95 39.22 -12.80 -33.88
C SER D 95 39.68 -13.70 -35.00
N ARG D 96 39.05 -14.85 -35.19
CA ARG D 96 39.31 -15.75 -36.30
C ARG D 96 37.98 -16.41 -36.67
N ARG D 97 37.90 -16.91 -37.90
CA ARG D 97 36.65 -17.50 -38.37
C ARG D 97 36.37 -18.82 -37.66
N VAL D 98 35.10 -19.23 -37.68
CA VAL D 98 34.69 -20.52 -37.15
C VAL D 98 34.83 -21.57 -38.24
N ARG D 99 34.98 -22.83 -37.81
CA ARG D 99 34.82 -23.98 -38.68
C ARG D 99 33.34 -24.33 -38.72
N ARG D 100 32.70 -24.16 -39.88
CA ARG D 100 31.30 -24.51 -39.98
C ARG D 100 31.16 -26.03 -40.06
N ASN D 101 30.33 -26.58 -39.18
CA ASN D 101 30.02 -28.01 -39.19
C ASN D 101 28.63 -28.21 -38.60
N ARG D 102 28.30 -29.46 -38.27
CA ARG D 102 27.00 -29.80 -37.69
C ARG D 102 26.69 -28.98 -36.43
N ASN D 103 27.71 -28.62 -35.66
CA ASN D 103 27.55 -28.02 -34.35
C ASN D 103 27.78 -26.52 -34.32
N VAL D 104 28.18 -25.91 -35.43
CA VAL D 104 28.49 -24.49 -35.49
C VAL D 104 28.13 -24.00 -36.89
N ASN D 105 27.03 -23.23 -37.00
CA ASN D 105 26.78 -22.51 -38.24
C ASN D 105 25.72 -21.45 -38.02
N PRO D 106 25.76 -20.35 -38.78
CA PRO D 106 24.94 -19.18 -38.46
C PRO D 106 23.44 -19.47 -38.58
N VAL D 107 22.65 -18.49 -38.12
CA VAL D 107 21.19 -18.53 -38.20
C VAL D 107 20.70 -17.38 -39.07
N ALA D 108 19.64 -17.62 -39.84
CA ALA D 108 19.06 -16.59 -40.66
C ALA D 108 18.50 -15.47 -39.80
N LEU D 109 18.51 -14.26 -40.36
CA LEU D 109 17.85 -13.09 -39.80
C LEU D 109 16.61 -12.77 -40.65
N PRO D 110 15.66 -11.98 -40.15
CA PRO D 110 14.50 -11.64 -40.99
C PRO D 110 14.89 -10.62 -42.05
N ARG D 111 13.95 -10.32 -42.94
CA ARG D 111 14.25 -9.25 -43.88
C ARG D 111 13.94 -7.89 -43.25
N ALA D 112 14.61 -6.87 -43.78
CA ALA D 112 14.55 -5.53 -43.20
C ALA D 112 13.12 -5.10 -42.92
N GLN D 113 12.87 -4.67 -41.69
CA GLN D 113 11.58 -4.15 -41.24
C GLN D 113 10.49 -5.20 -41.19
N GLU D 114 10.81 -6.49 -41.33
CA GLU D 114 9.80 -7.51 -41.14
C GLU D 114 9.32 -7.50 -39.68
N GLY D 115 8.00 -7.67 -39.50
CA GLY D 115 7.39 -7.69 -38.19
C GLY D 115 7.08 -9.10 -37.72
N LEU D 116 6.29 -9.16 -36.63
CA LEU D 116 5.98 -10.39 -35.91
C LEU D 116 4.62 -10.22 -35.27
N ARG D 117 3.68 -11.07 -35.65
CA ARG D 117 2.28 -10.88 -35.27
C ARG D 117 2.06 -11.29 -33.81
N PRO D 118 1.32 -10.49 -33.04
CA PRO D 118 0.91 -10.94 -31.71
C PRO D 118 0.14 -12.25 -31.78
N GLY D 119 0.46 -13.15 -30.86
CA GLY D 119 -0.01 -14.52 -30.91
C GLY D 119 1.01 -15.50 -31.47
N THR D 120 2.05 -15.00 -32.16
CA THR D 120 3.04 -15.87 -32.77
C THR D 120 3.86 -16.57 -31.68
N LEU D 121 4.04 -17.88 -31.82
CA LEU D 121 4.79 -18.64 -30.84
C LEU D 121 6.24 -18.77 -31.31
N CYS D 122 7.17 -18.29 -30.49
CA CYS D 122 8.59 -18.28 -30.76
C CYS D 122 9.31 -19.08 -29.67
N THR D 123 10.60 -19.37 -29.91
CA THR D 123 11.45 -20.05 -28.93
C THR D 123 12.67 -19.20 -28.61
N VAL D 124 12.93 -19.01 -27.32
CA VAL D 124 14.19 -18.40 -26.85
C VAL D 124 15.02 -19.48 -26.16
N ALA D 125 16.34 -19.38 -26.27
CA ALA D 125 17.25 -20.37 -25.72
C ALA D 125 18.41 -19.68 -25.03
N GLY D 126 19.03 -20.38 -24.10
CA GLY D 126 20.19 -19.84 -23.40
C GLY D 126 20.55 -20.67 -22.19
N TRP D 127 21.62 -20.21 -21.52
CA TRP D 127 22.23 -20.91 -20.39
C TRP D 127 22.00 -20.19 -19.06
N GLY D 128 21.05 -19.26 -19.00
CA GLY D 128 20.80 -18.52 -17.78
C GLY D 128 20.02 -19.33 -16.77
N ARG D 129 19.71 -18.68 -15.65
CA ARG D 129 19.14 -19.38 -14.51
C ARG D 129 17.71 -19.82 -14.81
N VAL D 130 17.30 -20.90 -14.14
CA VAL D 130 15.97 -21.48 -14.25
C VAL D 130 15.03 -21.01 -13.15
N SER D 131 15.53 -20.21 -12.23
CA SER D 131 14.78 -19.66 -11.11
C SER D 131 15.73 -18.72 -10.38
N MET D 132 15.24 -18.17 -9.29
CA MET D 132 16.11 -17.44 -8.38
C MET D 132 17.03 -18.37 -7.60
N ARG D 133 16.61 -19.63 -7.44
CA ARG D 133 17.40 -20.67 -6.79
C ARG D 133 18.59 -21.12 -7.66
N ARG D 134 18.32 -21.93 -8.68
CA ARG D 134 19.36 -22.70 -9.36
C ARG D 134 19.67 -22.15 -10.75
N GLY D 135 20.82 -22.57 -11.29
CA GLY D 135 21.16 -22.34 -12.68
C GLY D 135 21.02 -23.58 -13.53
N THR D 136 21.68 -23.57 -14.69
CA THR D 136 21.79 -24.74 -15.54
C THR D 136 23.22 -24.89 -16.06
N ASP D 137 23.65 -26.13 -16.21
CA ASP D 137 24.88 -26.42 -16.93
C ASP D 137 24.66 -26.53 -18.44
N THR D 138 23.48 -26.95 -18.87
CA THR D 138 23.21 -27.24 -20.27
C THR D 138 22.32 -26.17 -20.89
N LEU D 139 22.34 -26.12 -22.22
CA LEU D 139 21.46 -25.21 -22.96
C LEU D 139 20.01 -25.60 -22.72
N ARG D 140 19.18 -24.59 -22.47
CA ARG D 140 17.76 -24.79 -22.27
C ARG D 140 16.99 -23.82 -23.18
N GLU D 141 15.70 -24.08 -23.34
CA GLU D 141 14.87 -23.29 -24.23
C GLU D 141 13.42 -23.38 -23.79
N VAL D 142 12.66 -22.36 -24.18
CA VAL D 142 11.25 -22.25 -23.82
C VAL D 142 10.49 -21.55 -24.95
N GLN D 143 9.21 -21.90 -25.10
CA GLN D 143 8.35 -21.22 -26.06
C GLN D 143 7.65 -20.06 -25.36
N LEU D 144 7.65 -18.88 -26.01
CA LEU D 144 6.94 -17.70 -25.53
C LEU D 144 6.07 -17.15 -26.64
N ARG D 145 4.95 -16.55 -26.24
CA ARG D 145 4.02 -15.98 -27.21
C ARG D 145 4.23 -14.48 -27.33
N VAL D 146 4.34 -14.00 -28.57
CA VAL D 146 4.38 -12.56 -28.80
C VAL D 146 3.09 -11.93 -28.32
N GLN D 147 3.20 -10.76 -27.70
CA GLN D 147 2.10 -10.00 -27.11
C GLN D 147 1.79 -8.76 -27.93
N ARG D 148 0.56 -8.26 -27.78
CA ARG D 148 0.25 -6.93 -28.29
C ARG D 148 1.18 -5.90 -27.64
N ASP D 149 1.55 -4.88 -28.43
CA ASP D 149 2.53 -3.89 -27.96
C ASP D 149 2.00 -3.08 -26.79
N ARG D 150 0.67 -2.85 -26.73
CA ARG D 150 0.09 -2.09 -25.63
C ARG D 150 0.51 -2.63 -24.27
N GLN D 151 0.82 -3.94 -24.17
CA GLN D 151 1.19 -4.52 -22.88
C GLN D 151 2.60 -4.15 -22.43
N CYS D 152 3.58 -4.09 -23.34
CA CYS D 152 4.84 -3.53 -22.90
C CYS D 152 4.81 -2.01 -22.81
N LEU D 153 4.07 -1.33 -23.71
CA LEU D 153 3.94 0.12 -23.61
C LEU D 153 3.43 0.53 -22.23
N ARG D 154 2.48 -0.23 -21.69
CA ARG D 154 1.90 0.07 -20.38
C ARG D 154 2.96 0.04 -19.26
N ILE D 155 3.86 -0.93 -19.26
CA ILE D 155 4.73 -1.11 -18.11
C ILE D 155 6.16 -0.64 -18.35
N PHE D 156 6.64 -0.61 -19.58
CA PHE D 156 8.02 -0.23 -19.86
C PHE D 156 7.97 1.11 -20.58
N GLY D 157 8.30 2.19 -19.85
CA GLY D 157 8.11 3.54 -20.36
C GLY D 157 8.89 3.86 -21.61
N SER D 158 9.98 3.13 -21.88
CA SER D 158 10.82 3.39 -23.04
C SER D 158 10.63 2.35 -24.15
N TYR D 159 9.62 1.48 -24.04
CA TYR D 159 9.40 0.48 -25.08
C TYR D 159 9.04 1.14 -26.40
N ASP D 160 9.61 0.63 -27.49
CA ASP D 160 9.38 1.16 -28.83
C ASP D 160 9.10 0.00 -29.79
N PRO D 161 7.86 -0.18 -30.22
CA PRO D 161 7.53 -1.33 -31.09
C PRO D 161 8.21 -1.30 -32.45
N ARG D 162 8.65 -0.13 -32.93
CA ARG D 162 9.46 -0.08 -34.14
C ARG D 162 10.75 -0.87 -33.98
N ARG D 163 11.38 -0.78 -32.81
CA ARG D 163 12.70 -1.38 -32.62
C ARG D 163 12.72 -2.54 -31.63
N GLN D 164 11.58 -2.88 -31.02
CA GLN D 164 11.55 -3.91 -29.99
C GLN D 164 10.29 -4.75 -30.14
N ILE D 165 10.26 -5.85 -29.41
CA ILE D 165 9.20 -6.86 -29.47
C ILE D 165 8.74 -7.13 -28.05
N CYS D 166 7.42 -7.25 -27.87
CA CYS D 166 6.81 -7.53 -26.58
C CYS D 166 6.46 -9.01 -26.50
N VAL D 167 7.10 -9.75 -25.59
CA VAL D 167 7.10 -11.21 -25.65
C VAL D 167 6.81 -11.80 -24.28
N GLY D 168 5.90 -12.78 -24.24
CA GLY D 168 5.65 -13.56 -23.05
C GLY D 168 4.31 -13.32 -22.39
N ASP D 169 3.47 -14.34 -22.31
CA ASP D 169 2.18 -14.20 -21.65
C ASP D 169 2.40 -14.04 -20.14
N ARG D 170 1.82 -12.98 -19.57
CA ARG D 170 2.01 -12.69 -18.16
C ARG D 170 1.55 -13.83 -17.26
N ARG D 171 0.59 -14.63 -17.72
CA ARG D 171 0.03 -15.68 -16.88
C ARG D 171 0.83 -16.97 -16.92
N GLU D 172 1.69 -17.15 -17.92
CA GLU D 172 2.53 -18.33 -18.02
C GLU D 172 3.87 -18.03 -17.37
N ARG D 173 4.36 -18.97 -16.54
CA ARG D 173 5.65 -18.79 -15.88
C ARG D 173 6.77 -19.33 -16.79
N LYS D 174 6.93 -18.62 -17.90
CA LYS D 174 8.00 -18.86 -18.85
C LYS D 174 8.63 -17.52 -19.20
N ALA D 175 9.97 -17.50 -19.22
CA ALA D 175 10.71 -16.25 -19.42
C ALA D 175 12.18 -16.58 -19.69
N ALA D 176 12.87 -15.68 -20.37
CA ALA D 176 14.31 -15.69 -20.30
C ALA D 176 14.74 -15.02 -19.01
N PHE D 177 15.91 -15.39 -18.49
CA PHE D 177 16.28 -14.91 -17.18
C PHE D 177 17.80 -14.75 -17.12
N LYS D 178 18.31 -14.44 -15.93
CA LYS D 178 19.69 -13.97 -15.72
C LYS D 178 20.72 -14.87 -16.39
N GLY D 179 21.48 -14.30 -17.32
CA GLY D 179 22.43 -15.05 -18.11
C GLY D 179 21.95 -15.33 -19.52
N ASP D 180 20.66 -15.14 -19.81
CA ASP D 180 20.11 -15.34 -21.14
C ASP D 180 20.19 -14.09 -22.01
N SER D 181 20.57 -12.94 -21.42
CA SER D 181 20.85 -11.70 -22.16
C SER D 181 21.61 -11.98 -23.44
N GLY D 182 21.16 -11.37 -24.53
CA GLY D 182 21.85 -11.45 -25.79
C GLY D 182 21.41 -12.58 -26.68
N GLY D 183 20.73 -13.58 -26.14
CA GLY D 183 20.34 -14.76 -26.91
C GLY D 183 19.18 -14.48 -27.82
N PRO D 184 18.96 -15.39 -28.77
CA PRO D 184 17.99 -15.16 -29.83
C PRO D 184 16.57 -15.57 -29.46
N LEU D 185 15.62 -14.84 -30.06
CA LEU D 185 14.21 -15.27 -30.13
C LEU D 185 13.97 -15.78 -31.54
N LEU D 186 13.68 -17.07 -31.67
CA LEU D 186 13.51 -17.69 -32.98
C LEU D 186 12.04 -17.88 -33.30
N CYS D 187 11.65 -17.49 -34.52
CA CYS D 187 10.30 -17.69 -35.03
C CYS D 187 10.46 -18.07 -36.49
N ASN D 188 9.83 -19.16 -36.90
CA ASN D 188 9.98 -19.68 -38.25
C ASN D 188 11.45 -19.92 -38.59
N ASN D 189 12.21 -20.42 -37.61
CA ASN D 189 13.65 -20.69 -37.74
C ASN D 189 14.44 -19.43 -38.12
N VAL D 190 13.91 -18.26 -37.82
CA VAL D 190 14.61 -17.01 -38.08
C VAL D 190 14.76 -16.28 -36.76
N ALA D 191 15.93 -15.66 -36.56
CA ALA D 191 16.26 -14.89 -35.36
C ALA D 191 15.65 -13.49 -35.47
N HIS D 192 14.45 -13.32 -34.91
CA HIS D 192 13.80 -12.02 -34.89
C HIS D 192 14.20 -11.14 -33.71
N GLY D 193 14.66 -11.73 -32.60
CA GLY D 193 14.83 -10.98 -31.38
C GLY D 193 16.14 -11.26 -30.67
N ILE D 194 16.53 -10.30 -29.85
CA ILE D 194 17.64 -10.40 -28.92
C ILE D 194 17.10 -10.15 -27.52
N VAL D 195 17.35 -11.07 -26.59
CA VAL D 195 16.94 -10.88 -25.19
C VAL D 195 17.54 -9.58 -24.66
N SER D 196 16.68 -8.65 -24.24
CA SER D 196 17.15 -7.32 -23.87
C SER D 196 16.83 -6.96 -22.42
N TYR D 197 15.56 -6.85 -22.03
CA TYR D 197 15.25 -6.45 -20.66
C TYR D 197 13.83 -6.85 -20.29
N GLY D 198 13.53 -6.73 -19.01
CA GLY D 198 12.20 -7.01 -18.49
C GLY D 198 12.12 -6.59 -17.03
N LYS D 199 11.08 -7.07 -16.36
CA LYS D 199 10.98 -6.87 -14.91
C LYS D 199 11.97 -7.75 -14.18
N SER D 200 12.71 -7.19 -13.21
CA SER D 200 13.61 -8.04 -12.41
C SER D 200 12.87 -9.12 -11.65
N SER D 201 11.56 -8.94 -11.40
CA SER D 201 10.79 -10.05 -10.84
C SER D 201 10.76 -11.25 -11.77
N GLY D 202 11.10 -11.06 -13.04
CA GLY D 202 10.95 -12.07 -14.05
C GLY D 202 9.52 -12.27 -14.52
N VAL D 203 8.56 -11.50 -14.02
CA VAL D 203 7.17 -11.63 -14.45
C VAL D 203 7.05 -11.10 -15.88
N PRO D 204 6.56 -11.90 -16.83
CA PRO D 204 6.44 -11.43 -18.23
C PRO D 204 5.33 -10.39 -18.32
N PRO D 205 5.22 -9.65 -19.44
CA PRO D 205 6.04 -9.70 -20.67
C PRO D 205 7.43 -9.09 -20.52
N GLU D 206 8.36 -9.51 -21.36
CA GLU D 206 9.71 -8.97 -21.45
C GLU D 206 9.93 -8.38 -22.83
N VAL D 207 11.04 -7.69 -22.99
CA VAL D 207 11.31 -6.95 -24.22
C VAL D 207 12.51 -7.54 -24.94
N PHE D 208 12.38 -7.74 -26.24
CA PHE D 208 13.45 -8.15 -27.10
C PHE D 208 13.79 -7.02 -28.07
N THR D 209 15.06 -6.94 -28.45
CA THR D 209 15.42 -6.06 -29.57
C THR D 209 14.95 -6.69 -30.88
N ARG D 210 14.29 -5.89 -31.70
CA ARG D 210 13.77 -6.36 -32.99
C ARG D 210 14.92 -6.35 -33.99
N VAL D 211 15.50 -7.53 -34.23
CA VAL D 211 16.64 -7.65 -35.15
C VAL D 211 16.34 -6.98 -36.49
N SER D 212 15.11 -7.12 -37.01
CA SER D 212 14.86 -6.65 -38.36
C SER D 212 14.96 -5.15 -38.51
N SER D 213 14.89 -4.39 -37.42
CA SER D 213 14.97 -2.94 -37.50
C SER D 213 16.39 -2.44 -37.68
N PHE D 214 17.38 -3.32 -37.71
CA PHE D 214 18.78 -2.93 -37.67
C PHE D 214 19.59 -3.60 -38.78
N LEU D 215 18.91 -4.25 -39.74
CA LEU D 215 19.58 -4.84 -40.90
C LEU D 215 20.50 -3.87 -41.62
N PRO D 216 20.10 -2.63 -41.94
CA PRO D 216 21.05 -1.71 -42.58
C PRO D 216 22.32 -1.51 -41.77
N TRP D 217 22.18 -1.33 -40.45
CA TRP D 217 23.36 -1.17 -39.59
C TRP D 217 24.19 -2.44 -39.53
N ILE D 218 23.54 -3.61 -39.37
CA ILE D 218 24.25 -4.87 -39.31
C ILE D 218 25.10 -5.10 -40.57
N ARG D 219 24.48 -4.89 -41.75
CA ARG D 219 25.19 -5.11 -43.01
C ARG D 219 26.36 -4.14 -43.17
N THR D 220 26.16 -2.87 -42.79
CA THR D 220 27.22 -1.89 -42.91
C THR D 220 28.33 -2.16 -41.91
N THR D 221 27.96 -2.48 -40.67
CA THR D 221 28.96 -2.85 -39.67
C THR D 221 29.79 -4.05 -40.12
N MET D 222 29.16 -5.01 -40.79
CA MET D 222 29.92 -6.18 -41.18
C MET D 222 30.87 -5.91 -42.40
N ARG D 223 31.09 -4.61 -42.71
CA ARG D 223 32.08 -4.09 -43.66
C ARG D 223 32.27 -5.00 -44.87
N THR E 3 40.10 -8.26 -6.37
CA THR E 3 40.57 -9.57 -5.99
C THR E 3 39.40 -10.53 -5.74
N ARG E 4 38.19 -10.01 -5.69
CA ARG E 4 37.00 -10.82 -5.43
C ARG E 4 35.84 -10.39 -6.33
N TYR E 5 35.06 -11.37 -6.83
CA TYR E 5 33.98 -11.09 -7.77
C TYR E 5 32.65 -11.40 -7.09
N VAL E 6 31.85 -10.37 -6.85
CA VAL E 6 30.63 -10.44 -6.06
C VAL E 6 29.43 -10.36 -6.99
N PRO E 7 28.52 -11.35 -7.00
CA PRO E 7 27.27 -11.21 -7.77
C PRO E 7 26.50 -9.95 -7.41
N TYR E 8 25.93 -9.30 -8.42
CA TYR E 8 25.22 -8.05 -8.18
C TYR E 8 24.16 -7.81 -9.25
N THR E 9 23.13 -7.05 -8.88
CA THR E 9 22.00 -6.75 -9.74
C THR E 9 21.71 -5.24 -9.72
N ILE E 10 21.07 -4.76 -10.79
CA ILE E 10 20.54 -3.40 -10.87
C ILE E 10 19.09 -3.45 -11.35
N ALA E 11 18.18 -2.83 -10.59
CA ALA E 11 16.84 -2.53 -11.05
C ALA E 11 16.65 -1.02 -11.10
N VAL E 12 16.09 -0.55 -12.19
CA VAL E 12 15.69 0.85 -12.35
C VAL E 12 14.22 0.82 -12.69
N ASN E 13 13.39 1.37 -11.79
CA ASN E 13 11.93 1.31 -11.94
C ASN E 13 11.45 -0.13 -12.09
N GLY E 14 12.09 -1.04 -11.37
CA GLY E 14 11.75 -2.44 -11.40
C GLY E 14 12.26 -3.22 -12.61
N THR E 15 12.95 -2.57 -13.55
CA THR E 15 13.39 -3.24 -14.76
C THR E 15 14.90 -3.39 -14.81
N SER E 16 15.33 -4.48 -15.42
CA SER E 16 16.73 -4.83 -15.45
C SER E 16 17.05 -5.62 -16.72
N THR E 17 18.27 -5.57 -17.13
CA THR E 17 18.74 -6.48 -18.15
C THR E 17 19.04 -7.85 -17.52
N PRO E 18 18.66 -8.98 -18.16
CA PRO E 18 18.84 -10.30 -17.53
C PRO E 18 20.25 -10.87 -17.75
N ILE E 19 21.25 -10.10 -17.34
CA ILE E 19 22.67 -10.46 -17.45
C ILE E 19 23.13 -11.05 -16.12
N LEU E 20 24.09 -11.99 -16.17
CA LEU E 20 24.72 -12.52 -14.97
C LEU E 20 26.01 -11.75 -14.76
N SER E 21 26.06 -10.93 -13.71
CA SER E 21 27.16 -10.00 -13.51
C SER E 21 27.71 -10.07 -12.09
N LYS E 22 29.02 -9.85 -12.00
CA LYS E 22 29.72 -9.80 -10.73
C LYS E 22 30.66 -8.60 -10.74
N LEU E 23 30.75 -7.87 -9.64
CA LEU E 23 31.65 -6.72 -9.64
C LEU E 23 32.91 -7.02 -8.85
N LYS E 24 34.02 -6.51 -9.37
CA LYS E 24 35.32 -6.65 -8.76
C LYS E 24 35.41 -5.74 -7.54
N ILE E 25 35.73 -6.30 -6.38
CA ILE E 25 35.99 -5.50 -5.20
C ILE E 25 37.24 -6.05 -4.51
N SER E 26 37.95 -5.16 -3.85
CA SER E 26 39.21 -5.51 -3.24
C SER E 26 38.96 -6.31 -1.96
N ASN E 27 39.62 -7.47 -1.85
CA ASN E 27 39.70 -8.15 -0.56
C ASN E 27 41.10 -8.12 0.03
N LYS E 28 41.93 -7.15 -0.38
CA LYS E 28 43.30 -6.98 0.12
C LYS E 28 43.36 -6.25 1.46
N GLN E 29 42.28 -5.62 1.86
CA GLN E 29 42.11 -5.08 3.20
C GLN E 29 40.61 -4.96 3.40
N LEU E 30 40.20 -4.69 4.63
CA LEU E 30 38.77 -4.55 4.91
C LEU E 30 38.22 -3.30 4.22
N ILE E 31 36.93 -3.35 3.89
CA ILE E 31 36.33 -2.27 3.13
C ILE E 31 35.23 -1.62 3.98
N SER E 32 34.68 -0.52 3.44
CA SER E 32 33.63 0.27 4.06
C SER E 32 32.45 0.44 3.10
N TYR E 33 31.34 0.99 3.62
CA TYR E 33 30.18 1.26 2.77
C TYR E 33 30.41 2.47 1.88
N LYS E 34 31.24 3.43 2.30
CA LYS E 34 31.68 4.46 1.36
C LYS E 34 32.32 3.82 0.12
N TYR E 35 33.24 2.87 0.33
CA TYR E 35 33.87 2.16 -0.77
C TYR E 35 32.84 1.49 -1.67
N LEU E 36 31.88 0.81 -1.09
CA LEU E 36 30.87 0.15 -1.90
C LEU E 36 29.97 1.17 -2.60
N ASN E 37 29.69 2.31 -1.93
CA ASN E 37 28.96 3.38 -2.60
C ASN E 37 29.67 3.75 -3.90
N ASP E 38 31.00 3.90 -3.84
CA ASP E 38 31.74 4.24 -5.05
C ASP E 38 31.60 3.17 -6.12
N LYS E 39 31.73 1.88 -5.74
CA LYS E 39 31.59 0.81 -6.72
C LYS E 39 30.18 0.75 -7.28
N VAL E 40 29.17 0.90 -6.42
CA VAL E 40 27.78 0.83 -6.86
C VAL E 40 27.46 1.96 -7.85
N LYS E 41 27.82 3.21 -7.49
CA LYS E 41 27.54 4.33 -8.37
C LYS E 41 28.31 4.20 -9.68
N SER E 42 29.50 3.62 -9.64
CA SER E 42 30.27 3.45 -10.87
C SER E 42 29.55 2.54 -11.86
N VAL E 43 28.97 1.43 -11.40
CA VAL E 43 28.30 0.55 -12.37
C VAL E 43 26.88 1.03 -12.68
N LEU E 44 26.21 1.73 -11.76
CA LEU E 44 25.00 2.47 -12.12
C LEU E 44 25.26 3.38 -13.33
N LYS E 45 26.38 4.11 -13.32
CA LYS E 45 26.63 5.03 -14.43
C LYS E 45 26.95 4.27 -15.71
N SER E 46 27.92 3.35 -15.64
CA SER E 46 28.40 2.68 -16.84
C SER E 46 27.39 1.68 -17.40
N GLU E 47 26.68 0.97 -16.52
CA GLU E 47 25.78 -0.06 -17.05
C GLU E 47 24.37 0.44 -17.34
N ARG E 48 23.86 1.43 -16.57
CA ARG E 48 22.51 1.93 -16.77
C ARG E 48 22.43 3.45 -16.98
N GLY E 49 23.57 4.14 -17.13
CA GLY E 49 23.52 5.56 -17.44
C GLY E 49 22.88 6.41 -16.36
N ILE E 50 22.97 5.98 -15.10
CA ILE E 50 22.47 6.71 -13.95
C ILE E 50 23.64 7.45 -13.32
N SER E 51 23.71 8.77 -13.53
CA SER E 51 24.80 9.57 -13.02
C SER E 51 24.56 9.96 -11.56
N ASP E 52 25.59 10.58 -10.97
CA ASP E 52 25.47 11.08 -9.60
C ASP E 52 24.34 12.11 -9.46
N LEU E 53 24.21 13.03 -10.43
CA LEU E 53 23.13 14.01 -10.38
C LEU E 53 21.76 13.35 -10.56
N ASP E 54 21.65 12.35 -11.45
CA ASP E 54 20.42 11.58 -11.58
C ASP E 54 19.94 11.07 -10.23
N LEU E 55 20.85 10.54 -9.41
CA LEU E 55 20.46 10.01 -8.11
C LEU E 55 19.83 11.09 -7.23
N LYS E 56 20.30 12.33 -7.33
CA LYS E 56 19.68 13.43 -6.57
C LYS E 56 18.19 13.54 -6.85
N PHE E 57 17.78 13.27 -8.10
CA PHE E 57 16.38 13.36 -8.49
C PHE E 57 15.61 12.06 -8.30
N ALA E 58 16.28 10.91 -8.19
CA ALA E 58 15.57 9.66 -7.96
C ALA E 58 14.73 9.72 -6.69
N LYS E 59 13.54 9.10 -6.73
CA LYS E 59 12.69 9.05 -5.54
C LYS E 59 13.34 8.24 -4.44
N GLN E 60 13.92 7.09 -4.80
CA GLN E 60 14.80 6.37 -3.89
C GLN E 60 15.94 5.74 -4.68
N ALA E 61 17.06 5.55 -3.99
CA ALA E 61 18.24 4.93 -4.57
C ALA E 61 18.93 4.19 -3.44
N LYS E 62 18.96 2.86 -3.50
CA LYS E 62 19.50 2.07 -2.41
C LYS E 62 20.19 0.84 -2.99
N TYR E 63 20.97 0.18 -2.15
CA TYR E 63 21.43 -1.16 -2.45
C TYR E 63 21.41 -1.95 -1.16
N THR E 64 21.22 -3.26 -1.29
CA THR E 64 21.20 -4.20 -0.17
C THR E 64 22.40 -5.12 -0.30
N VAL E 65 23.24 -5.16 0.73
CA VAL E 65 24.39 -6.07 0.79
C VAL E 65 23.95 -7.33 1.54
N TYR E 66 24.01 -8.47 0.87
CA TYR E 66 23.68 -9.75 1.49
C TYR E 66 24.97 -10.40 1.97
N PHE E 67 25.06 -10.66 3.27
CA PHE E 67 26.24 -11.33 3.79
C PHE E 67 26.04 -12.83 3.79
N LYS E 68 27.16 -13.56 3.72
CA LYS E 68 27.08 -15.01 3.63
C LYS E 68 26.51 -15.65 4.89
N ASN E 69 26.53 -14.95 6.03
CA ASN E 69 25.90 -15.52 7.22
C ASN E 69 24.40 -15.32 7.25
N GLY E 70 23.80 -14.74 6.19
CA GLY E 70 22.37 -14.51 6.13
C GLY E 70 21.92 -13.16 6.60
N LYS E 71 22.82 -12.35 7.16
CA LYS E 71 22.51 -10.97 7.49
C LYS E 71 22.49 -10.12 6.22
N LYS E 72 21.81 -8.98 6.29
CA LYS E 72 21.77 -8.05 5.17
C LYS E 72 21.82 -6.63 5.70
N GLN E 73 22.34 -5.72 4.88
CA GLN E 73 22.41 -4.31 5.21
C GLN E 73 21.89 -3.49 4.03
N VAL E 74 20.84 -2.70 4.26
CA VAL E 74 20.35 -1.73 3.29
C VAL E 74 21.16 -0.45 3.45
N VAL E 75 21.60 0.11 2.33
CA VAL E 75 22.41 1.33 2.38
C VAL E 75 21.90 2.34 1.36
N ASN E 76 21.17 3.34 1.85
CA ASN E 76 20.65 4.38 0.96
C ASN E 76 21.80 5.12 0.30
N LEU E 77 21.67 5.36 -0.99
CA LEU E 77 22.72 6.07 -1.72
C LEU E 77 22.51 7.58 -1.68
N LYS E 78 21.33 8.01 -1.27
CA LYS E 78 21.04 9.44 -1.19
C LYS E 78 21.44 10.04 0.16
N SER E 79 22.10 9.25 1.02
CA SER E 79 22.50 9.71 2.34
C SER E 79 24.00 9.89 2.43
N ASP E 80 24.43 10.97 3.08
CA ASP E 80 25.84 11.13 3.42
C ASP E 80 26.14 10.80 4.89
N ILE E 81 25.23 10.09 5.56
CA ILE E 81 25.47 9.60 6.92
C ILE E 81 26.10 8.22 6.81
N PHE E 82 27.27 8.02 7.44
CA PHE E 82 27.95 6.73 7.39
C PHE E 82 28.31 6.27 8.79
N THR E 83 28.16 4.95 9.03
CA THR E 83 28.77 4.39 10.22
C THR E 83 30.23 4.09 9.93
N PRO E 84 31.16 4.54 10.74
CA PRO E 84 32.58 4.42 10.34
C PRO E 84 33.19 3.06 10.68
N ASN E 85 32.61 1.99 10.13
CA ASN E 85 33.07 0.65 10.45
C ASN E 85 33.62 -0.02 9.21
N LEU E 86 34.36 -1.12 9.43
CA LEU E 86 34.94 -1.90 8.34
C LEU E 86 34.35 -3.30 8.38
N PHE E 87 34.38 -3.95 7.22
CA PHE E 87 33.94 -5.34 7.09
C PHE E 87 34.72 -5.98 5.95
N SER E 88 34.53 -7.28 5.79
CA SER E 88 35.33 -8.05 4.85
C SER E 88 34.55 -8.26 3.55
N ALA E 89 35.18 -7.94 2.42
CA ALA E 89 34.62 -8.23 1.13
C ALA E 89 34.38 -9.72 0.95
N LYS E 90 35.24 -10.55 1.56
CA LYS E 90 35.08 -11.99 1.52
C LYS E 90 33.76 -12.45 2.11
N ASP E 91 33.12 -11.63 2.95
CA ASP E 91 31.89 -12.04 3.61
C ASP E 91 30.62 -11.74 2.81
N ILE E 92 30.72 -11.03 1.69
CA ILE E 92 29.55 -10.58 0.95
C ILE E 92 29.04 -11.70 0.04
N LYS E 93 27.75 -12.03 0.15
CA LYS E 93 27.11 -12.99 -0.76
C LYS E 93 26.73 -12.34 -2.08
N LYS E 94 26.02 -11.21 -2.04
CA LYS E 94 25.58 -10.51 -3.26
C LYS E 94 25.09 -9.13 -2.88
N ILE E 95 24.91 -8.30 -3.92
CA ILE E 95 24.48 -6.91 -3.78
C ILE E 95 23.37 -6.63 -4.79
N ASP E 96 22.19 -6.26 -4.31
CA ASP E 96 21.08 -5.87 -5.17
C ASP E 96 20.92 -4.36 -5.08
N ILE E 97 21.04 -3.69 -6.23
CA ILE E 97 20.90 -2.24 -6.34
C ILE E 97 19.51 -1.92 -6.88
N ASP E 98 18.86 -0.91 -6.30
CA ASP E 98 17.48 -0.59 -6.66
C ASP E 98 17.27 0.92 -6.71
N VAL E 99 16.92 1.43 -7.88
CA VAL E 99 16.67 2.85 -8.09
C VAL E 99 15.26 3.00 -8.65
N LYS E 100 14.57 4.06 -8.23
CA LYS E 100 13.28 4.37 -8.83
C LYS E 100 12.88 5.83 -8.62
N ILE F 1 24.30 36.52 -10.40
CA ILE F 1 25.63 36.06 -10.83
C ILE F 1 26.63 36.37 -9.74
N VAL F 2 27.24 35.32 -9.17
CA VAL F 2 28.25 35.46 -8.13
C VAL F 2 29.61 35.38 -8.79
N GLY F 3 30.48 36.36 -8.51
CA GLY F 3 31.84 36.26 -9.01
C GLY F 3 32.00 36.54 -10.48
N GLY F 4 31.05 37.25 -11.08
CA GLY F 4 31.15 37.69 -12.45
C GLY F 4 31.67 39.11 -12.53
N ARG F 5 31.50 39.70 -13.73
CA ARG F 5 31.86 41.08 -13.98
C ARG F 5 30.67 41.83 -14.55
N ARG F 6 30.75 43.16 -14.51
CA ARG F 6 29.74 43.99 -15.13
C ARG F 6 29.79 43.82 -16.64
N ALA F 7 28.65 43.50 -17.24
CA ALA F 7 28.60 43.55 -18.69
C ALA F 7 28.76 44.99 -19.17
N ARG F 8 29.22 45.13 -20.40
CA ARG F 8 29.19 46.43 -21.05
C ARG F 8 27.74 46.79 -21.36
N PRO F 9 27.40 48.09 -21.36
CA PRO F 9 26.01 48.49 -21.63
C PRO F 9 25.47 47.93 -22.93
N HIS F 10 24.46 47.06 -22.84
CA HIS F 10 23.77 46.51 -23.99
C HIS F 10 24.67 45.60 -24.83
N ALA F 11 25.67 44.99 -24.19
CA ALA F 11 26.47 43.97 -24.85
C ALA F 11 25.60 42.83 -25.37
N TRP F 12 24.58 42.46 -24.60
CA TRP F 12 23.69 41.34 -24.91
C TRP F 12 22.29 41.88 -25.10
N PRO F 13 21.98 42.44 -26.28
CA PRO F 13 20.69 43.10 -26.50
C PRO F 13 19.50 42.15 -26.59
N PHE F 14 19.72 40.85 -26.47
CA PHE F 14 18.66 39.87 -26.39
C PHE F 14 18.26 39.54 -24.95
N MET F 15 18.99 40.08 -23.97
CA MET F 15 18.80 39.75 -22.57
C MET F 15 17.56 40.44 -22.03
N VAL F 16 16.75 39.70 -21.26
CA VAL F 16 15.44 40.17 -20.79
C VAL F 16 15.38 40.05 -19.28
N SER F 17 14.76 41.03 -18.64
CA SER F 17 14.48 41.02 -17.20
C SER F 17 12.98 40.85 -16.97
N LEU F 18 12.60 39.77 -16.32
CA LEU F 18 11.22 39.56 -15.89
C LEU F 18 11.04 40.16 -14.50
N GLN F 19 10.06 41.04 -14.35
CA GLN F 19 9.85 41.76 -13.10
C GLN F 19 8.41 41.59 -12.63
N LEU F 20 8.22 41.64 -11.31
CA LEU F 20 6.94 41.32 -10.69
C LEU F 20 6.35 42.57 -10.04
N ARG F 21 6.93 43.05 -8.96
CA ARG F 21 6.41 44.25 -8.30
C ARG F 21 7.49 45.32 -8.34
N GLY F 22 7.90 45.70 -9.55
CA GLY F 22 9.11 46.47 -9.75
C GLY F 22 10.40 45.70 -9.55
N GLY F 23 10.33 44.45 -9.09
CA GLY F 23 11.52 43.67 -8.74
C GLY F 23 11.76 42.56 -9.75
N HIS F 24 12.99 42.52 -10.25
CA HIS F 24 13.42 41.46 -11.16
C HIS F 24 13.37 40.13 -10.42
N PHE F 25 12.71 39.14 -11.02
CA PHE F 25 12.63 37.82 -10.39
C PHE F 25 13.24 36.69 -11.22
N CYS F 26 13.36 36.87 -12.54
CA CYS F 26 13.95 35.87 -13.44
C CYS F 26 14.46 36.58 -14.68
N GLY F 27 15.35 35.91 -15.39
CA GLY F 27 15.78 36.35 -16.70
C GLY F 27 14.98 35.65 -17.80
N ALA F 28 15.21 36.10 -19.02
CA ALA F 28 14.61 35.51 -20.22
C ALA F 28 15.43 35.95 -21.42
N THR F 29 15.09 35.38 -22.58
CA THR F 29 15.77 35.65 -23.84
C THR F 29 14.75 35.99 -24.91
N LEU F 30 14.98 37.09 -25.64
CA LEU F 30 14.13 37.46 -26.76
C LEU F 30 14.42 36.56 -27.96
N ILE F 31 13.44 35.75 -28.36
CA ILE F 31 13.58 34.79 -29.45
C ILE F 31 12.78 35.19 -30.68
N ALA F 32 12.00 36.26 -30.58
CA ALA F 32 11.26 36.89 -31.68
C ALA F 32 10.67 38.18 -31.14
N PRO F 33 10.39 39.16 -32.01
CA PRO F 33 9.91 40.46 -31.50
C PRO F 33 8.71 40.36 -30.58
N ASN F 34 7.93 39.28 -30.62
CA ASN F 34 6.81 39.11 -29.72
C ASN F 34 6.87 37.78 -28.96
N PHE F 35 8.08 37.27 -28.74
CA PHE F 35 8.29 36.01 -28.03
C PHE F 35 9.56 36.09 -27.19
N VAL F 36 9.45 35.73 -25.90
CA VAL F 36 10.62 35.50 -25.06
C VAL F 36 10.53 34.07 -24.51
N MET F 37 11.70 33.52 -24.17
CA MET F 37 11.80 32.18 -23.62
C MET F 37 12.49 32.21 -22.27
N SER F 38 12.00 31.40 -21.34
CA SER F 38 12.53 31.39 -19.97
C SER F 38 12.39 29.98 -19.40
N ALA F 39 12.63 29.85 -18.11
CA ALA F 39 12.45 28.58 -17.42
C ALA F 39 10.99 28.42 -17.01
N ALA F 40 10.42 27.24 -17.26
CA ALA F 40 9.05 26.97 -16.83
C ALA F 40 8.86 27.24 -15.33
N HIS F 41 9.86 26.89 -14.50
CA HIS F 41 9.70 27.07 -13.06
C HIS F 41 9.63 28.56 -12.66
N CYS F 42 10.06 29.48 -13.53
CA CYS F 42 9.97 30.90 -13.20
C CYS F 42 8.52 31.39 -13.16
N VAL F 43 7.64 30.80 -13.98
CA VAL F 43 6.29 31.30 -14.15
C VAL F 43 5.24 30.28 -13.74
N ALA F 44 5.65 29.15 -13.17
CA ALA F 44 4.67 28.10 -12.88
C ALA F 44 3.65 28.55 -11.84
N ASN F 45 4.09 29.30 -10.83
CA ASN F 45 3.21 29.69 -9.74
C ASN F 45 2.90 31.18 -9.70
N VAL F 46 3.44 31.98 -10.59
CA VAL F 46 3.19 33.42 -10.57
C VAL F 46 1.90 33.74 -11.31
N ASN F 47 1.32 34.89 -11.00
CA ASN F 47 0.25 35.47 -11.82
C ASN F 47 0.89 36.06 -13.07
N VAL F 48 0.64 35.41 -14.21
CA VAL F 48 1.30 35.80 -15.46
C VAL F 48 0.92 37.23 -15.84
N ARG F 49 -0.30 37.62 -15.52
CA ARG F 49 -0.77 38.97 -15.80
C ARG F 49 0.00 40.03 -15.02
N ALA F 50 0.67 39.65 -13.93
CA ALA F 50 1.47 40.60 -13.16
C ALA F 50 2.89 40.79 -13.71
N VAL F 51 3.34 39.93 -14.62
CA VAL F 51 4.73 39.90 -15.07
C VAL F 51 5.01 41.04 -16.06
N ARG F 52 6.09 41.76 -15.80
CA ARG F 52 6.60 42.81 -16.65
C ARG F 52 7.78 42.26 -17.46
N VAL F 53 7.70 42.33 -18.79
CA VAL F 53 8.76 41.85 -19.67
C VAL F 53 9.52 43.07 -20.19
N VAL F 54 10.77 43.25 -19.75
CA VAL F 54 11.51 44.46 -20.03
C VAL F 54 12.71 44.13 -20.91
N LEU F 55 12.80 44.82 -22.03
CA LEU F 55 13.86 44.70 -23.03
C LEU F 55 14.76 45.92 -22.96
N GLY F 56 15.95 45.78 -23.55
CA GLY F 56 16.84 46.92 -23.66
C GLY F 56 17.30 47.49 -22.33
N ALA F 57 17.34 46.67 -21.29
CA ALA F 57 17.72 47.13 -19.97
C ALA F 57 19.20 46.91 -19.71
N HIS F 58 19.77 47.73 -18.82
CA HIS F 58 21.14 47.51 -18.38
C HIS F 58 21.28 47.62 -16.86
N ASN F 59 21.12 48.82 -16.32
CA ASN F 59 21.29 49.11 -14.90
C ASN F 59 19.89 49.29 -14.33
N LEU F 60 19.41 48.27 -13.61
CA LEU F 60 18.06 48.28 -13.06
C LEU F 60 17.88 49.30 -11.93
N SER F 61 18.97 49.84 -11.38
CA SER F 61 18.85 50.92 -10.39
C SER F 61 18.29 52.19 -11.01
N ARG F 62 18.59 52.43 -12.28
CA ARG F 62 18.32 53.70 -12.96
C ARG F 62 17.25 53.52 -14.02
N ARG F 63 16.51 54.59 -14.29
CA ARG F 63 15.57 54.56 -15.39
C ARG F 63 16.33 54.67 -16.71
N GLU F 64 15.78 54.02 -17.73
CA GLU F 64 16.54 53.91 -18.97
C GLU F 64 15.60 54.09 -20.15
N PRO F 65 15.80 55.13 -20.96
CA PRO F 65 14.97 55.28 -22.17
C PRO F 65 15.21 54.18 -23.19
N THR F 66 16.32 53.46 -23.08
CA THR F 66 16.56 52.30 -23.91
C THR F 66 15.53 51.19 -23.71
N ARG F 67 14.85 51.16 -22.56
CA ARG F 67 13.98 50.05 -22.20
C ARG F 67 12.68 50.05 -22.98
N GLN F 68 12.26 48.85 -23.37
CA GLN F 68 10.92 48.58 -23.86
C GLN F 68 10.27 47.55 -22.94
N VAL F 69 9.00 47.76 -22.61
CA VAL F 69 8.29 46.98 -21.60
C VAL F 69 7.04 46.37 -22.22
N PHE F 70 6.83 45.07 -21.99
CA PHE F 70 5.67 44.36 -22.51
C PHE F 70 5.08 43.48 -21.42
N ALA F 71 3.81 43.15 -21.58
CA ALA F 71 3.11 42.19 -20.75
C ALA F 71 3.01 40.87 -21.49
N VAL F 72 2.71 39.82 -20.74
CA VAL F 72 2.66 38.46 -21.29
C VAL F 72 1.24 38.21 -21.80
N GLN F 73 1.14 37.84 -23.07
CA GLN F 73 -0.15 37.61 -23.70
C GLN F 73 -0.58 36.15 -23.58
N ARG F 74 0.35 35.23 -23.78
CA ARG F 74 0.07 33.80 -23.72
C ARG F 74 1.34 33.08 -23.28
N ILE F 75 1.17 31.91 -22.66
CA ILE F 75 2.30 31.08 -22.25
C ILE F 75 2.19 29.73 -22.96
N PHE F 76 3.34 29.15 -23.29
CA PHE F 76 3.46 27.86 -23.93
C PHE F 76 4.52 27.07 -23.18
N GLU F 77 4.15 25.88 -22.73
CA GLU F 77 5.10 24.98 -22.06
C GLU F 77 5.20 23.69 -22.87
N ASN F 78 6.17 22.84 -22.51
CA ASN F 78 6.60 21.73 -23.35
C ASN F 78 6.89 20.48 -22.50
N GLY F 79 6.02 20.20 -21.52
CA GLY F 79 6.18 19.00 -20.73
C GLY F 79 6.89 19.19 -19.41
N TYR F 80 6.80 20.38 -18.82
CA TYR F 80 7.55 20.69 -17.61
C TYR F 80 7.26 19.70 -16.48
N ASP F 81 8.32 19.16 -15.90
CA ASP F 81 8.27 18.20 -14.80
C ASP F 81 8.87 18.85 -13.57
N PRO F 82 8.07 19.41 -12.67
CA PRO F 82 8.65 20.07 -11.49
C PRO F 82 9.32 19.12 -10.53
N VAL F 83 9.06 17.82 -10.64
CA VAL F 83 9.71 16.86 -9.75
C VAL F 83 11.14 16.61 -10.19
N ASN F 84 11.34 16.27 -11.47
CA ASN F 84 12.67 15.93 -11.99
C ASN F 84 13.34 17.08 -12.73
N LEU F 85 12.73 18.27 -12.73
CA LEU F 85 13.26 19.45 -13.40
C LEU F 85 13.67 19.16 -14.84
N LEU F 86 12.77 18.50 -15.57
CA LEU F 86 12.94 18.20 -16.97
C LEU F 86 12.02 19.12 -17.78
N ASN F 87 12.46 19.47 -18.98
CA ASN F 87 11.77 20.43 -19.86
C ASN F 87 11.41 21.71 -19.11
N ASP F 88 12.43 22.30 -18.48
CA ASP F 88 12.26 23.54 -17.74
C ASP F 88 12.40 24.70 -18.74
N ILE F 89 11.40 24.81 -19.60
CA ILE F 89 11.40 25.80 -20.68
C ILE F 89 9.97 26.29 -20.90
N VAL F 90 9.82 27.60 -21.03
CA VAL F 90 8.53 28.22 -21.27
C VAL F 90 8.75 29.30 -22.33
N ILE F 91 7.76 29.49 -23.19
CA ILE F 91 7.77 30.57 -24.17
C ILE F 91 6.60 31.49 -23.85
N LEU F 92 6.91 32.74 -23.58
CA LEU F 92 5.90 33.77 -23.33
C LEU F 92 5.74 34.64 -24.56
N GLN F 93 4.52 34.78 -25.05
CA GLN F 93 4.22 35.71 -26.12
C GLN F 93 3.87 37.06 -25.52
N LEU F 94 4.35 38.13 -26.16
CA LEU F 94 4.13 39.48 -25.67
C LEU F 94 2.80 40.06 -26.19
N ASN F 95 2.31 41.08 -25.48
CA ASN F 95 1.12 41.79 -25.92
C ASN F 95 1.37 42.63 -27.17
N GLY F 96 2.59 42.67 -27.66
CA GLY F 96 2.93 43.40 -28.86
C GLY F 96 4.30 42.97 -29.35
N SER F 97 4.78 43.67 -30.37
CA SER F 97 6.09 43.38 -30.95
C SER F 97 7.09 44.45 -30.55
N ALA F 98 8.29 44.00 -30.18
CA ALA F 98 9.39 44.91 -29.92
C ALA F 98 9.88 45.53 -31.22
N THR F 99 10.43 46.74 -31.13
CA THR F 99 11.10 47.36 -32.27
C THR F 99 12.59 47.09 -32.12
N ILE F 100 13.15 46.39 -33.10
CA ILE F 100 14.54 45.95 -33.04
C ILE F 100 15.45 47.17 -33.14
N ASN F 101 16.24 47.38 -32.08
CA ASN F 101 17.09 48.53 -31.87
C ASN F 101 18.54 48.07 -31.84
N ALA F 102 19.45 48.98 -31.51
CA ALA F 102 20.78 48.56 -31.08
C ALA F 102 20.75 47.87 -29.73
N ASN F 103 19.70 48.11 -28.92
CA ASN F 103 19.63 47.55 -27.57
C ASN F 103 18.61 46.43 -27.43
N VAL F 104 17.80 46.18 -28.45
CA VAL F 104 16.75 45.17 -28.41
C VAL F 104 16.87 44.35 -29.69
N GLN F 105 17.38 43.12 -29.56
CA GLN F 105 17.66 42.29 -30.72
C GLN F 105 17.35 40.84 -30.41
N VAL F 106 17.00 40.10 -31.46
CA VAL F 106 16.58 38.71 -31.32
C VAL F 106 17.81 37.82 -31.26
N ALA F 107 17.82 36.88 -30.31
CA ALA F 107 18.93 35.97 -30.14
C ALA F 107 18.87 34.85 -31.18
N GLN F 108 20.01 34.17 -31.33
CA GLN F 108 20.16 33.08 -32.30
C GLN F 108 20.30 31.76 -31.56
N LEU F 109 19.58 30.75 -32.03
CA LEU F 109 19.43 29.48 -31.36
C LEU F 109 20.27 28.40 -32.06
N PRO F 110 20.44 27.24 -31.45
CA PRO F 110 21.14 26.14 -32.12
C PRO F 110 20.19 25.38 -33.03
N ALA F 111 20.72 24.37 -33.69
CA ALA F 111 19.91 23.44 -34.46
C ALA F 111 19.48 22.28 -33.58
N GLN F 112 18.36 21.66 -33.95
CA GLN F 112 17.82 20.54 -33.17
C GLN F 112 18.85 19.44 -32.97
N GLY F 113 19.08 19.07 -31.70
CA GLY F 113 19.93 17.94 -31.38
C GLY F 113 21.37 18.27 -31.07
N ARG F 114 21.81 19.52 -31.25
CA ARG F 114 23.19 19.89 -31.01
C ARG F 114 23.55 19.72 -29.55
N ARG F 115 24.70 19.07 -29.30
CA ARG F 115 25.09 18.63 -27.96
C ARG F 115 26.50 19.13 -27.66
N LEU F 116 26.62 20.12 -26.78
CA LEU F 116 27.93 20.67 -26.45
C LEU F 116 28.79 19.67 -25.68
N GLY F 117 30.10 19.74 -25.89
CA GLY F 117 31.03 18.82 -25.29
C GLY F 117 31.84 19.45 -24.17
N ASN F 118 32.59 18.60 -23.46
CA ASN F 118 33.31 19.06 -22.28
C ASN F 118 34.37 20.10 -22.64
N GLY F 119 34.42 21.18 -21.87
CA GLY F 119 35.42 22.21 -22.10
C GLY F 119 34.99 23.36 -22.98
N VAL F 120 33.79 23.31 -23.59
CA VAL F 120 33.32 24.43 -24.39
C VAL F 120 33.15 25.65 -23.50
N GLN F 121 33.71 26.77 -23.94
CA GLN F 121 33.66 28.00 -23.18
C GLN F 121 32.41 28.78 -23.52
N CYS F 122 31.67 29.17 -22.49
CA CYS F 122 30.37 29.81 -22.63
C CYS F 122 30.34 31.06 -21.75
N LEU F 123 29.32 31.87 -21.96
CA LEU F 123 29.05 33.01 -21.08
C LEU F 123 27.66 32.88 -20.49
N ALA F 124 27.60 32.93 -19.16
CA ALA F 124 26.36 33.09 -18.41
C ALA F 124 26.17 34.57 -18.05
N MET F 125 24.94 34.94 -17.70
CA MET F 125 24.61 36.34 -17.44
C MET F 125 23.28 36.47 -16.73
N GLY F 126 23.02 37.65 -16.19
CA GLY F 126 21.77 37.89 -15.49
C GLY F 126 21.91 38.96 -14.43
N TRP F 127 20.75 39.30 -13.83
CA TRP F 127 20.66 40.29 -12.75
C TRP F 127 20.39 39.63 -11.39
N GLY F 128 20.83 38.39 -11.20
CA GLY F 128 20.63 37.69 -9.94
C GLY F 128 21.55 38.19 -8.84
N LEU F 129 21.36 37.60 -7.65
CA LEU F 129 22.18 37.91 -6.49
C LEU F 129 23.67 37.89 -6.85
N LEU F 130 24.42 38.78 -6.20
CA LEU F 130 25.85 38.97 -6.41
C LEU F 130 26.70 38.15 -5.44
N GLY F 131 26.10 37.64 -4.36
CA GLY F 131 26.69 36.60 -3.55
C GLY F 131 25.64 35.56 -3.20
N ARG F 132 26.08 34.55 -2.46
CA ARG F 132 25.22 33.38 -2.22
C ARG F 132 23.95 33.75 -1.47
N ASN F 133 24.04 34.74 -0.57
CA ASN F 133 22.86 35.33 0.09
C ASN F 133 23.22 36.80 0.30
N ARG F 134 22.96 37.61 -0.73
CA ARG F 134 23.68 38.88 -0.88
C ARG F 134 22.81 39.85 -1.67
N GLY F 135 23.33 41.06 -1.86
CA GLY F 135 22.58 42.10 -2.53
C GLY F 135 22.24 41.76 -3.97
N ILE F 136 21.11 42.28 -4.41
CA ILE F 136 20.62 42.08 -5.77
C ILE F 136 21.43 42.95 -6.72
N ALA F 137 21.52 42.49 -7.96
CA ALA F 137 22.35 43.14 -8.97
C ALA F 137 21.61 44.33 -9.55
N SER F 138 22.35 45.39 -9.83
CA SER F 138 21.81 46.51 -10.59
C SER F 138 22.25 46.43 -12.04
N VAL F 139 23.57 46.42 -12.27
CA VAL F 139 24.13 46.32 -13.60
C VAL F 139 24.18 44.84 -14.01
N LEU F 140 23.72 44.55 -15.23
CA LEU F 140 23.78 43.18 -15.76
C LEU F 140 25.18 42.60 -15.62
N GLN F 141 25.25 41.41 -15.03
CA GLN F 141 26.50 40.69 -14.82
C GLN F 141 26.67 39.60 -15.87
N GLU F 142 27.94 39.27 -16.15
CA GLU F 142 28.27 38.18 -17.06
C GLU F 142 29.41 37.38 -16.46
N LEU F 143 29.56 36.14 -16.91
CA LEU F 143 30.44 35.20 -16.22
C LEU F 143 30.88 34.11 -17.20
N ASN F 144 32.20 33.98 -17.39
CA ASN F 144 32.74 32.91 -18.21
C ASN F 144 32.58 31.56 -17.50
N VAL F 145 31.97 30.60 -18.19
CA VAL F 145 31.75 29.26 -17.66
C VAL F 145 32.27 28.24 -18.67
N THR F 146 32.44 27.02 -18.20
CA THR F 146 32.88 25.90 -19.04
C THR F 146 31.85 24.79 -18.96
N VAL F 147 31.46 24.26 -20.12
CA VAL F 147 30.59 23.09 -20.14
C VAL F 147 31.34 21.92 -19.52
N VAL F 148 30.67 21.21 -18.61
CA VAL F 148 31.24 20.04 -17.95
C VAL F 148 30.26 18.88 -18.10
N THR F 149 30.78 17.67 -18.30
CA THR F 149 29.93 16.49 -18.28
C THR F 149 30.00 15.74 -16.95
N SER F 150 31.10 15.87 -16.21
CA SER F 150 31.19 15.31 -14.86
C SER F 150 30.24 16.05 -13.91
N LEU F 151 29.59 15.29 -13.02
CA LEU F 151 28.57 15.82 -12.09
C LEU F 151 27.38 16.44 -12.81
N CYS F 152 27.12 16.05 -14.05
CA CYS F 152 25.93 16.50 -14.75
C CYS F 152 25.01 15.30 -15.00
N ARG F 153 23.98 15.51 -15.81
CA ARG F 153 23.13 14.42 -16.28
C ARG F 153 22.78 14.73 -17.71
N ARG F 154 22.33 13.71 -18.42
CA ARG F 154 22.14 13.84 -19.87
C ARG F 154 21.08 14.87 -20.22
N SER F 155 20.05 15.03 -19.41
CA SER F 155 18.98 15.94 -19.79
C SER F 155 19.30 17.41 -19.48
N ASN F 156 20.55 17.77 -19.21
CA ASN F 156 20.89 19.16 -18.94
C ASN F 156 22.21 19.50 -19.59
N VAL F 157 22.41 20.80 -19.81
CA VAL F 157 23.73 21.38 -20.06
C VAL F 157 24.20 21.97 -18.74
N CYS F 158 25.34 21.49 -18.24
CA CYS F 158 25.90 21.96 -16.97
C CYS F 158 27.22 22.70 -17.20
N THR F 159 27.45 23.71 -16.36
CA THR F 159 28.60 24.60 -16.52
C THR F 159 29.27 24.81 -15.17
N LEU F 160 30.54 25.21 -15.22
CA LEU F 160 31.30 25.35 -13.99
C LEU F 160 32.38 26.42 -14.15
N VAL F 161 32.71 27.07 -13.03
CA VAL F 161 33.91 27.91 -12.93
C VAL F 161 34.90 27.22 -11.99
N ARG F 162 35.82 26.44 -12.56
CA ARG F 162 36.72 25.63 -11.74
C ARG F 162 37.67 26.50 -10.91
N GLY F 163 37.81 26.14 -9.63
CA GLY F 163 38.75 26.79 -8.74
C GLY F 163 38.23 28.05 -8.05
N ARG F 164 37.13 28.61 -8.55
CA ARG F 164 36.51 29.79 -7.96
C ARG F 164 35.10 29.42 -7.51
N GLN F 165 34.60 30.17 -6.54
CA GLN F 165 33.19 30.08 -6.15
C GLN F 165 32.44 31.13 -6.95
N ALA F 166 32.02 30.77 -8.15
CA ALA F 166 31.26 31.63 -9.05
C ALA F 166 30.17 30.81 -9.70
N GLY F 167 29.10 31.48 -10.13
CA GLY F 167 27.98 30.78 -10.74
C GLY F 167 26.75 31.64 -10.72
N VAL F 168 25.66 31.09 -11.28
CA VAL F 168 24.38 31.79 -11.23
C VAL F 168 23.86 31.74 -9.80
N CYS F 169 22.97 32.68 -9.47
CA CYS F 169 22.36 32.68 -8.15
C CYS F 169 20.92 33.16 -8.30
N PHE F 170 20.28 33.41 -7.16
CA PHE F 170 18.84 33.65 -7.15
C PHE F 170 18.51 34.95 -7.88
N GLY F 171 17.57 34.86 -8.82
CA GLY F 171 17.30 35.90 -9.79
C GLY F 171 17.81 35.60 -11.18
N ASP F 172 18.64 34.57 -11.37
CA ASP F 172 19.21 34.25 -12.68
C ASP F 172 18.47 33.15 -13.41
N SER F 173 17.53 32.47 -12.76
CA SER F 173 16.68 31.49 -13.41
C SER F 173 16.10 32.06 -14.70
N GLY F 174 16.10 31.25 -15.75
CA GLY F 174 15.56 31.69 -17.02
C GLY F 174 16.53 32.47 -17.87
N SER F 175 17.73 32.79 -17.36
CA SER F 175 18.67 33.60 -18.13
C SER F 175 19.42 32.74 -19.15
N PRO F 176 19.89 33.35 -20.24
CA PRO F 176 20.56 32.58 -21.29
C PRO F 176 21.96 32.15 -20.91
N LEU F 177 22.35 31.02 -21.47
CA LEU F 177 23.74 30.60 -21.54
C LEU F 177 24.15 30.69 -23.00
N VAL F 178 25.17 31.50 -23.28
CA VAL F 178 25.59 31.81 -24.64
C VAL F 178 26.90 31.09 -24.93
N CYS F 179 26.89 30.21 -25.93
CA CYS F 179 28.05 29.41 -26.32
C CYS F 179 28.25 29.54 -27.82
N ASN F 180 29.41 30.08 -28.21
CA ASN F 180 29.72 30.35 -29.62
C ASN F 180 28.63 31.17 -30.27
N GLY F 181 28.07 32.11 -29.51
CA GLY F 181 27.07 33.02 -30.04
C GLY F 181 25.70 32.45 -30.25
N LEU F 182 25.38 31.30 -29.64
CA LEU F 182 24.05 30.70 -29.72
C LEU F 182 23.55 30.40 -28.31
N ILE F 183 22.25 30.57 -28.10
CA ILE F 183 21.63 30.31 -26.79
C ILE F 183 21.46 28.81 -26.66
N HIS F 184 22.35 28.16 -25.91
CA HIS F 184 22.27 26.72 -25.69
C HIS F 184 21.58 26.36 -24.38
N GLY F 185 21.45 27.30 -23.46
CA GLY F 185 20.92 26.99 -22.14
C GLY F 185 19.97 28.04 -21.63
N ILE F 186 19.05 27.59 -20.78
CA ILE F 186 18.21 28.43 -19.94
C ILE F 186 18.47 27.99 -18.50
N ALA F 187 18.82 28.95 -17.64
CA ALA F 187 19.21 28.64 -16.27
C ALA F 187 18.07 27.94 -15.52
N SER F 188 18.39 26.81 -14.90
CA SER F 188 17.38 25.93 -14.32
C SER F 188 17.64 25.63 -12.84
N PHE F 189 18.80 25.06 -12.45
CA PHE F 189 18.99 24.83 -11.02
C PHE F 189 20.47 24.86 -10.63
N VAL F 190 20.68 25.11 -9.36
CA VAL F 190 21.99 25.02 -8.73
C VAL F 190 21.93 23.86 -7.74
N ARG F 191 23.10 23.42 -7.29
CA ARG F 191 23.23 22.31 -6.35
C ARG F 191 24.19 22.73 -5.24
N GLY F 192 23.80 22.48 -3.99
CA GLY F 192 24.58 22.91 -2.85
C GLY F 192 24.63 24.41 -2.66
N GLY F 193 23.56 25.12 -3.02
CA GLY F 193 23.56 26.56 -2.95
C GLY F 193 24.28 27.16 -4.15
N CYS F 194 24.21 28.48 -4.25
CA CYS F 194 24.89 29.18 -5.33
C CYS F 194 26.41 29.12 -5.15
N ALA F 195 27.12 29.12 -6.28
CA ALA F 195 28.56 29.33 -6.27
C ALA F 195 29.29 28.43 -5.28
N SER F 196 28.93 27.14 -5.27
CA SER F 196 29.59 26.21 -4.37
C SER F 196 31.06 26.00 -4.75
N GLY F 197 31.41 26.17 -6.03
CA GLY F 197 32.72 25.77 -6.49
C GLY F 197 32.97 24.27 -6.43
N LEU F 198 31.92 23.48 -6.24
CA LEU F 198 31.97 22.02 -6.22
C LEU F 198 31.08 21.42 -7.29
N TYR F 199 29.81 21.89 -7.37
CA TYR F 199 28.85 21.34 -8.29
C TYR F 199 28.54 22.32 -9.41
N PRO F 200 28.39 21.83 -10.63
CA PRO F 200 28.08 22.72 -11.74
C PRO F 200 26.67 23.29 -11.62
N ASP F 201 26.45 24.43 -12.29
CA ASP F 201 25.09 24.93 -12.50
C ASP F 201 24.48 24.20 -13.70
N ALA F 202 23.15 24.09 -13.70
CA ALA F 202 22.47 23.30 -14.72
C ALA F 202 21.53 24.17 -15.53
N PHE F 203 21.57 23.99 -16.86
CA PHE F 203 20.73 24.74 -17.78
C PHE F 203 19.85 23.78 -18.57
N ALA F 204 18.65 24.23 -18.87
CA ALA F 204 17.81 23.48 -19.78
C ALA F 204 18.45 23.47 -21.17
N PRO F 205 18.48 22.31 -21.84
CA PRO F 205 19.21 22.20 -23.11
C PRO F 205 18.40 22.68 -24.31
N VAL F 206 18.58 23.95 -24.68
CA VAL F 206 17.74 24.59 -25.70
C VAL F 206 17.73 23.78 -26.98
N ALA F 207 18.88 23.22 -27.37
CA ALA F 207 18.98 22.53 -28.65
C ALA F 207 18.06 21.32 -28.73
N GLN F 208 17.71 20.74 -27.59
CA GLN F 208 16.73 19.65 -27.57
C GLN F 208 15.28 20.11 -27.75
N PHE F 209 15.00 21.42 -27.79
CA PHE F 209 13.62 21.92 -27.90
C PHE F 209 13.41 22.84 -29.11
N VAL F 210 14.38 22.94 -30.01
CA VAL F 210 14.33 23.93 -31.08
C VAL F 210 13.08 23.73 -31.95
N ASN F 211 12.71 22.47 -32.22
CA ASN F 211 11.53 22.22 -33.04
C ASN F 211 10.26 22.73 -32.36
N TRP F 212 10.10 22.45 -31.07
CA TRP F 212 8.96 23.00 -30.34
C TRP F 212 8.98 24.52 -30.33
N ILE F 213 10.18 25.11 -30.17
CA ILE F 213 10.28 26.57 -30.23
C ILE F 213 9.84 27.09 -31.59
N ASP F 214 10.36 26.49 -32.67
CA ASP F 214 10.01 26.91 -34.02
C ASP F 214 8.52 26.75 -34.29
N SER F 215 7.91 25.67 -33.78
CA SER F 215 6.48 25.48 -33.94
C SER F 215 5.64 26.49 -33.17
N ILE F 216 6.18 27.09 -32.10
CA ILE F 216 5.48 28.16 -31.39
C ILE F 216 5.72 29.50 -32.08
N ILE F 217 6.99 29.88 -32.26
CA ILE F 217 7.30 31.15 -32.92
C ILE F 217 7.03 31.14 -34.42
N GLN F 218 6.57 30.02 -34.99
CA GLN F 218 6.26 29.90 -36.41
C GLN F 218 7.48 30.16 -37.31
N ILE G 1 -12.81 26.03 16.92
CA ILE G 1 -13.84 25.05 17.24
C ILE G 1 -14.60 24.63 15.97
N ILE G 2 -14.57 23.32 15.66
CA ILE G 2 -15.30 22.73 14.54
C ILE G 2 -16.61 22.12 15.03
N GLY G 3 -17.71 22.44 14.34
CA GLY G 3 -18.99 21.79 14.60
C GLY G 3 -19.68 22.18 15.89
N GLY G 4 -19.32 23.32 16.49
CA GLY G 4 -19.89 23.78 17.73
C GLY G 4 -20.90 24.90 17.56
N ARG G 5 -21.14 25.64 18.66
CA ARG G 5 -22.09 26.75 18.72
C ARG G 5 -21.40 27.96 19.32
N GLU G 6 -21.94 29.14 19.02
CA GLU G 6 -21.50 30.33 19.74
C GLU G 6 -21.85 30.19 21.21
N SER G 7 -20.90 30.53 22.08
CA SER G 7 -21.15 30.47 23.52
C SER G 7 -22.04 31.63 23.97
N ARG G 8 -22.88 31.37 24.97
CA ARG G 8 -23.57 32.47 25.64
C ARG G 8 -22.52 33.46 26.13
N PRO G 9 -22.63 34.75 25.80
CA PRO G 9 -21.60 35.73 26.20
C PRO G 9 -21.34 35.69 27.70
N HIS G 10 -20.06 35.58 28.05
CA HIS G 10 -19.59 35.61 29.42
C HIS G 10 -20.12 34.45 30.25
N SER G 11 -20.61 33.39 29.59
CA SER G 11 -21.01 32.19 30.30
C SER G 11 -19.81 31.35 30.72
N ARG G 12 -18.62 31.61 30.19
CA ARG G 12 -17.38 30.92 30.57
C ARG G 12 -16.37 31.98 31.00
N PRO G 13 -16.53 32.56 32.19
CA PRO G 13 -15.71 33.71 32.59
C PRO G 13 -14.26 33.39 32.90
N TYR G 14 -13.85 32.10 32.89
CA TYR G 14 -12.45 31.71 33.04
C TYR G 14 -11.65 31.81 31.73
N MET G 15 -12.33 31.94 30.59
CA MET G 15 -11.66 31.85 29.30
C MET G 15 -10.69 33.00 29.08
N ALA G 16 -9.50 32.66 28.62
CA ALA G 16 -8.41 33.59 28.37
C ALA G 16 -8.01 33.51 26.91
N TYR G 17 -7.95 34.66 26.25
CA TYR G 17 -7.45 34.80 24.89
C TYR G 17 -6.00 35.24 24.95
N LEU G 18 -5.10 34.44 24.35
CA LEU G 18 -3.67 34.65 24.43
C LEU G 18 -3.12 35.11 23.09
N GLN G 19 -2.36 36.21 23.10
CA GLN G 19 -1.57 36.66 21.96
C GLN G 19 -0.10 36.51 22.32
N ILE G 20 0.61 35.66 21.57
CA ILE G 20 2.00 35.32 21.82
C ILE G 20 2.85 35.88 20.70
N GLN G 21 3.93 36.59 21.06
CA GLN G 21 4.90 37.08 20.11
C GLN G 21 6.29 36.55 20.46
N SER G 22 7.10 36.34 19.44
CA SER G 22 8.54 36.12 19.58
C SER G 22 9.19 36.75 18.36
N PRO G 23 10.52 36.88 18.35
CA PRO G 23 11.17 37.44 17.15
C PRO G 23 10.95 36.61 15.89
N ALA G 24 10.52 35.34 15.98
CA ALA G 24 10.26 34.55 14.79
C ALA G 24 8.82 34.67 14.26
N GLY G 25 7.88 35.14 15.08
CA GLY G 25 6.51 35.14 14.62
C GLY G 25 5.53 35.35 15.75
N GLN G 26 4.27 35.00 15.46
CA GLN G 26 3.12 35.39 16.25
C GLN G 26 2.17 34.20 16.32
N SER G 27 1.60 33.97 17.50
CA SER G 27 0.62 32.89 17.69
C SER G 27 -0.56 33.37 18.53
N ARG G 28 -1.68 32.69 18.37
CA ARG G 28 -2.89 32.91 19.18
C ARG G 28 -3.33 31.58 19.76
N CYS G 29 -3.66 31.57 21.06
CA CYS G 29 -4.14 30.40 21.78
C CYS G 29 -5.26 30.80 22.72
N GLY G 30 -5.90 29.77 23.30
CA GLY G 30 -6.74 29.94 24.45
C GLY G 30 -6.02 29.59 25.77
N GLY G 31 -6.77 29.71 26.84
CA GLY G 31 -6.28 29.40 28.17
C GLY G 31 -7.44 29.58 29.13
N PHE G 32 -7.18 29.33 30.41
CA PHE G 32 -8.24 29.50 31.38
C PHE G 32 -7.65 29.96 32.72
N LEU G 33 -8.34 30.92 33.34
CA LEU G 33 -7.92 31.45 34.64
C LEU G 33 -8.13 30.40 35.71
N VAL G 34 -7.11 30.17 36.53
CA VAL G 34 -7.20 29.20 37.62
C VAL G 34 -7.04 29.84 38.99
N ARG G 35 -6.48 31.04 39.07
CA ARG G 35 -6.51 31.85 40.28
C ARG G 35 -6.37 33.29 39.81
N GLU G 36 -6.69 34.22 40.70
CA GLU G 36 -6.69 35.64 40.34
C GLU G 36 -5.41 36.09 39.64
N ASP G 37 -4.31 35.35 39.80
CA ASP G 37 -3.04 35.76 39.22
C ASP G 37 -2.47 34.77 38.23
N PHE G 38 -3.19 33.69 37.92
CA PHE G 38 -2.61 32.61 37.13
C PHE G 38 -3.57 32.11 36.07
N VAL G 39 -3.03 31.89 34.87
CA VAL G 39 -3.74 31.33 33.73
C VAL G 39 -3.06 30.03 33.34
N LEU G 40 -3.85 29.01 33.07
CA LEU G 40 -3.33 27.73 32.63
C LEU G 40 -3.56 27.60 31.13
N THR G 41 -2.58 27.00 30.45
CA THR G 41 -2.60 26.85 28.99
C THR G 41 -1.60 25.76 28.61
N ALA G 42 -1.36 25.62 27.32
CA ALA G 42 -0.43 24.62 26.81
C ALA G 42 0.97 25.18 26.80
N ALA G 43 1.96 24.29 27.01
CA ALA G 43 3.35 24.72 26.91
C ALA G 43 3.75 25.04 25.48
N HIS G 44 3.08 24.42 24.49
CA HIS G 44 3.46 24.72 23.11
C HIS G 44 3.05 26.12 22.68
N CYS G 45 2.30 26.85 23.52
CA CYS G 45 1.93 28.24 23.27
C CYS G 45 2.93 29.23 23.83
N TRP G 46 4.09 28.77 24.30
CA TRP G 46 5.07 29.67 24.90
C TRP G 46 5.66 30.65 23.88
N GLY G 47 6.11 31.78 24.38
CA GLY G 47 6.85 32.73 23.57
C GLY G 47 7.45 33.79 24.48
N SER G 48 8.15 34.74 23.87
CA SER G 48 8.83 35.76 24.66
C SER G 48 7.90 36.76 25.32
N ASN G 49 6.66 36.91 24.83
CA ASN G 49 5.71 37.88 25.39
C ASN G 49 4.29 37.41 25.13
N ILE G 50 3.45 37.42 26.16
CA ILE G 50 2.07 36.96 26.06
C ILE G 50 1.13 38.03 26.60
N ASN G 51 0.23 38.52 25.74
CA ASN G 51 -0.93 39.32 26.13
C ASN G 51 -2.04 38.38 26.52
N VAL G 52 -2.62 38.59 27.70
CA VAL G 52 -3.81 37.85 28.14
C VAL G 52 -5.02 38.79 28.10
N THR G 53 -6.09 38.35 27.43
CA THR G 53 -7.36 39.06 27.47
C THR G 53 -8.39 38.19 28.16
N LEU G 54 -8.90 38.69 29.28
CA LEU G 54 -9.94 38.04 30.06
C LEU G 54 -11.24 38.82 29.89
N GLY G 55 -12.36 38.15 30.14
CA GLY G 55 -13.65 38.79 30.10
C GLY G 55 -14.21 39.01 28.71
N ALA G 56 -13.68 38.32 27.71
CA ALA G 56 -14.06 38.61 26.34
C ALA G 56 -15.16 37.67 25.86
N HIS G 57 -15.97 38.19 24.96
CA HIS G 57 -16.75 37.35 24.07
C HIS G 57 -16.32 37.56 22.63
N ASN G 58 -16.52 38.77 22.11
CA ASN G 58 -16.05 39.15 20.78
C ASN G 58 -14.64 39.72 20.92
N ILE G 59 -13.64 38.93 20.53
CA ILE G 59 -12.25 39.35 20.66
C ILE G 59 -11.87 40.42 19.64
N GLN G 60 -12.80 40.81 18.76
CA GLN G 60 -12.49 41.87 17.81
C GLN G 60 -12.91 43.25 18.28
N ARG G 61 -13.69 43.38 19.35
CA ARG G 61 -14.07 44.68 19.88
C ARG G 61 -13.40 44.93 21.23
N ARG G 62 -13.29 46.21 21.59
CA ARG G 62 -12.90 46.63 22.94
C ARG G 62 -14.14 46.60 23.84
N GLU G 63 -14.48 45.40 24.29
CA GLU G 63 -15.65 45.24 25.14
C GLU G 63 -15.37 45.76 26.54
N ASN G 64 -16.37 46.41 27.14
CA ASN G 64 -16.21 46.90 28.51
C ASN G 64 -15.91 45.78 29.49
N THR G 65 -16.27 44.54 29.18
CA THR G 65 -16.05 43.44 30.10
C THR G 65 -14.62 42.91 30.07
N GLN G 66 -13.80 43.35 29.12
CA GLN G 66 -12.47 42.78 28.96
C GLN G 66 -11.47 43.36 29.98
N GLN G 67 -10.52 42.52 30.38
CA GLN G 67 -9.35 42.93 31.16
C GLN G 67 -8.10 42.46 30.43
N HIS G 68 -7.11 43.34 30.32
CA HIS G 68 -5.92 43.09 29.51
C HIS G 68 -4.71 43.06 30.43
N ILE G 69 -4.00 41.94 30.44
CA ILE G 69 -2.94 41.71 31.40
C ILE G 69 -1.83 40.91 30.74
N THR G 70 -0.60 41.37 30.88
CA THR G 70 0.52 40.66 30.31
C THR G 70 0.98 39.55 31.25
N ALA G 71 1.39 38.43 30.67
CA ALA G 71 2.09 37.41 31.43
C ALA G 71 3.38 37.98 31.98
N ARG G 72 3.55 37.90 33.31
CA ARG G 72 4.80 38.28 33.95
C ARG G 72 5.84 37.16 33.84
N ARG G 73 5.39 35.91 34.00
CA ARG G 73 6.21 34.73 33.75
C ARG G 73 5.38 33.70 33.01
N ALA G 74 5.99 33.07 32.02
CA ALA G 74 5.37 31.97 31.28
C ALA G 74 6.17 30.72 31.60
N ILE G 75 5.61 29.88 32.48
CA ILE G 75 6.34 28.76 33.10
C ILE G 75 5.91 27.46 32.40
N ARG G 76 6.68 27.04 31.40
CA ARG G 76 6.48 25.72 30.82
C ARG G 76 6.82 24.63 31.83
N HIS G 77 6.07 23.54 31.80
CA HIS G 77 6.42 22.41 32.64
C HIS G 77 7.87 22.01 32.39
N PRO G 78 8.65 21.68 33.43
CA PRO G 78 10.08 21.44 33.23
C PRO G 78 10.39 20.22 32.38
N GLN G 79 9.48 19.28 32.25
CA GLN G 79 9.69 18.10 31.42
C GLN G 79 8.86 18.16 30.14
N TYR G 80 8.47 19.37 29.72
CA TYR G 80 7.81 19.52 28.43
C TYR G 80 8.75 19.09 27.29
N ASN G 81 8.27 18.18 26.46
CA ASN G 81 9.02 17.66 25.32
C ASN G 81 8.25 18.12 24.07
N GLN G 82 8.80 19.09 23.36
CA GLN G 82 8.09 19.62 22.22
C GLN G 82 8.05 18.66 21.04
N ARG G 83 8.87 17.60 21.04
CA ARG G 83 8.89 16.64 19.94
C ARG G 83 7.70 15.68 20.04
N THR G 84 7.58 15.02 21.18
CA THR G 84 6.52 14.07 21.48
C THR G 84 5.27 14.75 22.02
N ILE G 85 5.39 16.01 22.44
CA ILE G 85 4.32 16.82 23.00
C ILE G 85 3.79 16.21 24.30
N GLN G 86 4.69 15.71 25.15
CA GLN G 86 4.32 15.25 26.48
C GLN G 86 4.58 16.36 27.50
N ASN G 87 3.81 16.32 28.59
CA ASN G 87 3.86 17.35 29.64
C ASN G 87 3.60 18.74 29.05
N ASP G 88 2.53 18.84 28.26
CA ASP G 88 2.24 20.06 27.50
C ASP G 88 1.33 20.95 28.34
N ILE G 89 1.94 21.62 29.30
CA ILE G 89 1.21 22.44 30.27
C ILE G 89 2.10 23.61 30.69
N MET G 90 1.50 24.79 30.77
CA MET G 90 2.20 26.03 31.08
C MET G 90 1.33 26.84 32.03
N LEU G 91 1.95 27.46 33.02
CA LEU G 91 1.28 28.39 33.91
C LEU G 91 1.76 29.79 33.60
N LEU G 92 0.82 30.72 33.39
CA LEU G 92 1.11 32.14 33.17
C LEU G 92 0.85 32.89 34.46
N GLN G 93 1.91 33.44 35.06
CA GLN G 93 1.74 34.32 36.19
C GLN G 93 1.45 35.73 35.66
N LEU G 94 0.27 36.26 35.99
CA LEU G 94 -0.16 37.54 35.46
C LEU G 94 0.55 38.71 36.15
N SER G 95 0.71 39.80 35.39
CA SER G 95 1.37 41.00 35.90
C SER G 95 0.64 41.59 37.10
N ARG G 96 -0.68 41.59 37.05
CA ARG G 96 -1.52 42.06 38.14
C ARG G 96 -2.63 41.04 38.36
N ARG G 97 -3.22 41.08 39.54
CA ARG G 97 -4.38 40.24 39.79
C ARG G 97 -5.56 40.78 38.99
N VAL G 98 -6.41 39.87 38.54
CA VAL G 98 -7.62 40.26 37.83
C VAL G 98 -8.62 40.82 38.82
N ARG G 99 -9.46 41.74 38.36
CA ARG G 99 -10.66 42.11 39.10
C ARG G 99 -11.69 40.99 38.92
N ARG G 100 -12.04 40.32 40.01
CA ARG G 100 -12.99 39.22 39.93
C ARG G 100 -14.41 39.76 39.84
N ASN G 101 -15.14 39.34 38.81
CA ASN G 101 -16.52 39.79 38.62
C ASN G 101 -17.25 38.76 37.77
N ARG G 102 -18.46 39.13 37.34
CA ARG G 102 -19.31 38.24 36.53
C ARG G 102 -18.68 37.84 35.21
N ASN G 103 -17.76 38.65 34.67
CA ASN G 103 -17.14 38.31 33.40
C ASN G 103 -15.78 37.63 33.57
N VAL G 104 -15.19 37.66 34.76
CA VAL G 104 -13.82 37.17 34.95
C VAL G 104 -13.76 36.47 36.31
N ASN G 105 -13.64 35.15 36.33
CA ASN G 105 -13.28 34.45 37.56
C ASN G 105 -12.76 33.05 37.24
N PRO G 106 -11.97 32.46 38.15
CA PRO G 106 -11.31 31.19 37.84
C PRO G 106 -12.27 30.01 37.77
N VAL G 107 -11.86 28.98 37.04
CA VAL G 107 -12.59 27.71 36.95
C VAL G 107 -11.95 26.73 37.92
N ALA G 108 -12.76 25.81 38.43
CA ALA G 108 -12.27 24.82 39.37
C ALA G 108 -11.51 23.71 38.64
N LEU G 109 -10.39 23.28 39.22
CA LEU G 109 -9.61 22.16 38.72
C LEU G 109 -10.05 20.87 39.38
N PRO G 110 -9.78 19.71 38.80
CA PRO G 110 -10.18 18.44 39.43
C PRO G 110 -9.28 18.10 40.61
N ARG G 111 -9.73 17.12 41.40
CA ARG G 111 -8.85 16.58 42.41
C ARG G 111 -7.73 15.77 41.76
N ALA G 112 -6.58 15.72 42.44
CA ALA G 112 -5.40 15.01 41.92
C ALA G 112 -5.74 13.56 41.56
N GLN G 113 -5.24 13.14 40.40
CA GLN G 113 -5.39 11.78 39.88
C GLN G 113 -6.84 11.41 39.55
N GLU G 114 -7.77 12.36 39.61
CA GLU G 114 -9.14 12.13 39.17
C GLU G 114 -9.18 11.58 37.74
N GLY G 115 -9.92 10.49 37.54
CA GLY G 115 -10.09 9.93 36.22
C GLY G 115 -11.20 10.59 35.42
N LEU G 116 -11.41 10.09 34.21
CA LEU G 116 -12.47 10.60 33.34
C LEU G 116 -13.00 9.45 32.50
N ARG G 117 -14.23 9.06 32.77
CA ARG G 117 -14.75 7.81 32.21
C ARG G 117 -14.99 7.92 30.71
N PRO G 118 -14.55 6.95 29.92
CA PRO G 118 -14.92 6.93 28.50
C PRO G 118 -16.43 6.99 28.33
N GLY G 119 -16.88 7.82 27.39
CA GLY G 119 -18.28 8.02 27.16
C GLY G 119 -18.85 9.28 27.79
N THR G 120 -18.13 9.87 28.76
CA THR G 120 -18.52 11.17 29.30
C THR G 120 -18.54 12.24 28.22
N LEU G 121 -19.58 13.06 28.24
CA LEU G 121 -19.65 14.24 27.39
C LEU G 121 -19.04 15.44 28.12
N CYS G 122 -18.06 16.09 27.49
CA CYS G 122 -17.42 17.29 28.03
C CYS G 122 -17.48 18.41 27.00
N THR G 123 -17.19 19.63 27.44
CA THR G 123 -17.17 20.77 26.55
C THR G 123 -15.77 21.36 26.46
N VAL G 124 -15.34 21.68 25.23
CA VAL G 124 -14.16 22.49 24.99
C VAL G 124 -14.62 23.80 24.35
N ALA G 125 -13.94 24.90 24.67
CA ALA G 125 -14.31 26.22 24.17
C ALA G 125 -13.08 26.94 23.62
N GLY G 126 -13.30 27.83 22.66
CA GLY G 126 -12.18 28.65 22.19
C GLY G 126 -12.59 29.57 21.06
N TRP G 127 -11.63 30.39 20.63
CA TRP G 127 -11.81 31.32 19.53
C TRP G 127 -11.10 30.84 18.26
N GLY G 128 -10.93 29.53 18.13
CA GLY G 128 -10.20 29.00 16.99
C GLY G 128 -11.03 28.99 15.72
N ARG G 129 -10.38 28.60 14.63
CA ARG G 129 -11.04 28.52 13.34
C ARG G 129 -12.19 27.52 13.36
N VAL G 130 -13.21 27.78 12.54
CA VAL G 130 -14.37 26.90 12.45
C VAL G 130 -14.33 26.05 11.20
N SER G 131 -13.27 26.15 10.42
CA SER G 131 -13.04 25.33 9.23
C SER G 131 -11.64 25.67 8.74
N MET G 132 -11.23 25.01 7.65
CA MET G 132 -9.96 25.35 7.03
C MET G 132 -9.94 26.78 6.49
N ARG G 133 -11.10 27.38 6.23
CA ARG G 133 -11.15 28.69 5.59
C ARG G 133 -11.99 29.72 6.33
N ARG G 134 -12.33 29.50 7.60
CA ARG G 134 -13.19 30.45 8.29
C ARG G 134 -12.84 30.53 9.77
N GLY G 135 -12.88 31.76 10.30
CA GLY G 135 -12.64 32.02 11.70
C GLY G 135 -13.91 32.37 12.46
N THR G 136 -13.71 32.84 13.70
CA THR G 136 -14.77 33.36 14.52
C THR G 136 -14.26 34.60 15.25
N ASP G 137 -15.12 35.62 15.34
CA ASP G 137 -14.86 36.76 16.21
C ASP G 137 -15.22 36.47 17.65
N THR G 138 -16.12 35.53 17.89
CA THR G 138 -16.70 35.32 19.19
C THR G 138 -16.41 33.92 19.70
N LEU G 139 -16.49 33.77 21.01
CA LEU G 139 -16.23 32.50 21.68
C LEU G 139 -17.22 31.43 21.24
N ARG G 140 -16.71 30.24 20.91
CA ARG G 140 -17.52 29.11 20.53
C ARG G 140 -17.16 27.91 21.40
N GLU G 141 -18.01 26.89 21.35
CA GLU G 141 -17.85 25.70 22.17
C GLU G 141 -18.54 24.53 21.50
N VAL G 142 -18.06 23.32 21.81
CA VAL G 142 -18.63 22.08 21.29
C VAL G 142 -18.47 20.99 22.34
N GLN G 143 -19.43 20.07 22.37
CA GLN G 143 -19.35 18.91 23.24
C GLN G 143 -18.66 17.75 22.54
N LEU G 144 -17.67 17.18 23.20
CA LEU G 144 -16.93 16.03 22.70
C LEU G 144 -17.09 14.86 23.66
N ARG G 145 -17.05 13.65 23.11
CA ARG G 145 -17.23 12.43 23.89
C ARG G 145 -15.86 11.85 24.24
N VAL G 146 -15.59 11.69 25.54
CA VAL G 146 -14.35 11.05 25.95
C VAL G 146 -14.33 9.64 25.38
N GLN G 147 -13.16 9.25 24.87
CA GLN G 147 -12.88 7.96 24.24
C GLN G 147 -12.09 7.08 25.19
N ARG G 148 -12.10 5.78 24.92
CA ARG G 148 -11.24 4.89 25.68
C ARG G 148 -9.78 5.21 25.42
N ASP G 149 -8.94 4.96 26.42
CA ASP G 149 -7.51 5.25 26.28
C ASP G 149 -6.89 4.46 25.15
N ARG G 150 -7.44 3.28 24.88
CA ARG G 150 -6.88 2.37 23.91
C ARG G 150 -6.96 2.93 22.50
N GLN G 151 -7.94 3.79 22.21
CA GLN G 151 -8.06 4.38 20.88
C GLN G 151 -6.87 5.27 20.56
N CYS G 152 -6.47 6.14 21.50
CA CYS G 152 -5.36 7.04 21.23
C CYS G 152 -4.02 6.32 21.25
N LEU G 153 -3.87 5.26 22.05
CA LEU G 153 -2.64 4.48 22.04
C LEU G 153 -2.40 3.84 20.67
N ARG G 154 -3.47 3.42 20.01
CA ARG G 154 -3.42 2.78 18.70
C ARG G 154 -3.33 3.79 17.55
N ILE G 155 -3.26 5.09 17.86
CA ILE G 155 -3.20 6.15 16.87
C ILE G 155 -1.96 7.02 17.03
N PHE G 156 -1.59 7.34 18.27
CA PHE G 156 -0.60 8.38 18.55
C PHE G 156 0.62 7.75 19.24
N GLY G 157 1.78 7.93 18.64
CA GLY G 157 2.96 7.20 19.07
C GLY G 157 3.41 7.50 20.49
N SER G 158 3.11 8.70 21.00
CA SER G 158 3.66 9.14 22.28
C SER G 158 2.59 9.42 23.31
N TYR G 159 1.36 8.98 23.07
CA TYR G 159 0.24 9.19 23.98
C TYR G 159 0.47 8.46 25.30
N ASP G 160 0.38 9.18 26.41
CA ASP G 160 0.50 8.57 27.73
C ASP G 160 -0.82 8.68 28.46
N PRO G 161 -1.54 7.56 28.66
CA PRO G 161 -2.85 7.62 29.34
C PRO G 161 -2.79 8.27 30.72
N ARG G 162 -1.67 8.12 31.43
CA ARG G 162 -1.59 8.66 32.78
C ARG G 162 -1.67 10.19 32.79
N ARG G 163 -1.25 10.85 31.70
CA ARG G 163 -1.11 12.30 31.72
C ARG G 163 -1.80 12.99 30.55
N GLN G 164 -2.55 12.23 29.73
CA GLN G 164 -3.29 12.76 28.60
C GLN G 164 -4.66 12.10 28.58
N ILE G 165 -5.60 12.74 27.88
CA ILE G 165 -6.97 12.26 27.74
C ILE G 165 -7.26 12.08 26.25
N CYS G 166 -7.96 11.01 25.91
CA CYS G 166 -8.38 10.71 24.54
C CYS G 166 -9.81 11.21 24.38
N VAL G 167 -10.01 12.20 23.53
CA VAL G 167 -11.29 12.89 23.50
C VAL G 167 -11.78 13.03 22.06
N GLY G 168 -13.04 12.67 21.85
CA GLY G 168 -13.69 12.98 20.59
C GLY G 168 -14.04 11.75 19.77
N ASP G 169 -15.35 11.52 19.59
CA ASP G 169 -15.84 10.44 18.74
C ASP G 169 -15.47 10.72 17.28
N ARG G 170 -14.80 9.78 16.63
CA ARG G 170 -14.31 10.07 15.28
C ARG G 170 -15.44 10.14 14.26
N ARG G 171 -16.64 9.66 14.59
CA ARG G 171 -17.77 9.72 13.67
C ARG G 171 -18.45 11.08 13.66
N GLU G 172 -18.07 12.01 14.53
CA GLU G 172 -18.68 13.32 14.62
C GLU G 172 -17.72 14.37 14.10
N ARG G 173 -18.21 15.29 13.27
CA ARG G 173 -17.41 16.41 12.79
C ARG G 173 -17.41 17.51 13.86
N LYS G 174 -16.76 17.18 14.98
CA LYS G 174 -16.64 18.07 16.14
C LYS G 174 -15.22 17.99 16.67
N ALA G 175 -14.61 19.15 16.93
CA ALA G 175 -13.21 19.16 17.39
C ALA G 175 -12.79 20.58 17.75
N ALA G 176 -11.71 20.64 18.54
CA ALA G 176 -10.91 21.86 18.64
C ALA G 176 -10.04 21.99 17.40
N PHE G 177 -9.79 23.23 16.99
CA PHE G 177 -9.02 23.48 15.77
C PHE G 177 -8.11 24.70 16.00
N LYS G 178 -7.42 25.13 14.94
CA LYS G 178 -6.41 26.19 14.94
C LYS G 178 -6.77 27.42 15.76
N GLY G 179 -6.03 27.68 16.84
CA GLY G 179 -6.31 28.78 17.75
C GLY G 179 -7.04 28.38 19.02
N ASP G 180 -7.51 27.14 19.11
CA ASP G 180 -8.13 26.56 20.30
C ASP G 180 -7.12 25.97 21.28
N SER G 181 -5.85 25.83 20.87
CA SER G 181 -4.75 25.39 21.72
C SER G 181 -4.82 26.01 23.11
N GLY G 182 -4.55 25.19 24.13
CA GLY G 182 -4.44 25.68 25.49
C GLY G 182 -5.77 25.87 26.20
N GLY G 183 -6.90 25.81 25.49
CA GLY G 183 -8.21 25.93 26.07
C GLY G 183 -8.64 24.75 26.91
N PRO G 184 -9.66 24.95 27.75
CA PRO G 184 -10.06 23.90 28.70
C PRO G 184 -11.04 22.90 28.12
N LEU G 185 -10.91 21.65 28.57
CA LEU G 185 -11.96 20.65 28.43
C LEU G 185 -12.69 20.61 29.76
N LEU G 186 -13.97 20.96 29.75
CA LEU G 186 -14.74 21.09 30.98
C LEU G 186 -15.65 19.89 31.14
N CYS G 187 -15.54 19.22 32.28
CA CYS G 187 -16.34 18.06 32.64
C CYS G 187 -16.65 18.19 34.13
N ASN G 188 -17.92 18.00 34.49
CA ASN G 188 -18.36 18.13 35.89
C ASN G 188 -18.15 19.54 36.42
N ASN G 189 -18.35 20.53 35.54
CA ASN G 189 -18.07 21.95 35.84
C ASN G 189 -16.61 22.20 36.17
N VAL G 190 -15.73 21.29 35.78
CA VAL G 190 -14.34 21.30 36.24
C VAL G 190 -13.44 21.15 35.03
N ALA G 191 -12.27 21.81 35.08
CA ALA G 191 -11.33 21.82 33.95
C ALA G 191 -10.43 20.60 34.02
N HIS G 192 -10.84 19.53 33.32
CA HIS G 192 -10.09 18.27 33.30
C HIS G 192 -8.97 18.26 32.26
N GLY G 193 -9.10 19.01 31.16
CA GLY G 193 -8.14 18.93 30.08
C GLY G 193 -7.71 20.27 29.53
N ILE G 194 -6.58 20.25 28.80
CA ILE G 194 -6.03 21.36 28.04
C ILE G 194 -5.86 20.87 26.60
N VAL G 195 -6.41 21.64 25.65
CA VAL G 195 -6.25 21.34 24.22
C VAL G 195 -4.76 21.26 23.89
N SER G 196 -4.29 20.07 23.50
CA SER G 196 -2.87 19.87 23.26
C SER G 196 -2.55 19.53 21.80
N TYR G 197 -3.02 18.40 21.27
CA TYR G 197 -2.64 18.03 19.93
C TYR G 197 -3.61 17.00 19.35
N GLY G 198 -3.49 16.80 18.05
CA GLY G 198 -4.29 15.81 17.36
C GLY G 198 -3.71 15.51 16.01
N LYS G 199 -4.49 14.81 15.19
CA LYS G 199 -4.12 14.64 13.79
C LYS G 199 -4.24 15.95 13.05
N SER G 200 -3.25 16.25 12.21
CA SER G 200 -3.31 17.48 11.41
C SER G 200 -4.56 17.52 10.53
N SER G 201 -5.02 16.35 10.06
CA SER G 201 -6.28 16.25 9.33
C SER G 201 -7.46 16.85 10.08
N GLY G 202 -7.36 16.98 11.40
CA GLY G 202 -8.49 17.37 12.22
C GLY G 202 -9.38 16.23 12.64
N VAL G 203 -9.21 15.04 12.07
CA VAL G 203 -10.11 13.92 12.35
C VAL G 203 -9.94 13.49 13.81
N PRO G 204 -11.03 13.35 14.56
CA PRO G 204 -10.92 12.91 15.95
C PRO G 204 -10.52 11.46 16.03
N PRO G 205 -10.11 10.96 17.19
CA PRO G 205 -9.99 11.65 18.48
C PRO G 205 -8.76 12.55 18.56
N GLU G 206 -8.81 13.54 19.44
CA GLU G 206 -7.66 14.38 19.73
C GLU G 206 -7.21 14.14 21.17
N VAL G 207 -6.09 14.78 21.52
CA VAL G 207 -5.44 14.55 22.80
C VAL G 207 -5.44 15.84 23.62
N PHE G 208 -5.82 15.72 24.88
CA PHE G 208 -5.79 16.80 25.87
C PHE G 208 -4.80 16.45 26.97
N THR G 209 -4.14 17.46 27.53
CA THR G 209 -3.38 17.25 28.75
C THR G 209 -4.33 16.96 29.89
N ARG G 210 -4.07 15.88 30.63
CA ARG G 210 -4.90 15.52 31.79
C ARG G 210 -4.45 16.39 32.96
N VAL G 211 -5.25 17.41 33.29
CA VAL G 211 -4.85 18.40 34.30
C VAL G 211 -4.64 17.72 35.66
N SER G 212 -5.50 16.77 36.02
CA SER G 212 -5.42 16.15 37.34
C SER G 212 -4.14 15.35 37.57
N SER G 213 -3.31 15.15 36.56
CA SER G 213 -1.99 14.52 36.74
C SER G 213 -0.92 15.52 37.14
N PHE G 214 -1.23 16.82 37.22
CA PHE G 214 -0.21 17.85 37.35
C PHE G 214 -0.43 18.77 38.55
N LEU G 215 -1.29 18.36 39.49
CA LEU G 215 -1.63 19.25 40.62
C LEU G 215 -0.42 19.59 41.48
N PRO G 216 0.42 18.64 41.91
CA PRO G 216 1.62 19.04 42.67
C PRO G 216 2.44 20.13 42.01
N TRP G 217 2.78 19.98 40.73
CA TRP G 217 3.57 21.00 40.06
C TRP G 217 2.79 22.32 39.97
N ILE G 218 1.48 22.25 39.75
CA ILE G 218 0.67 23.48 39.69
C ILE G 218 0.68 24.19 41.03
N ARG G 219 0.41 23.44 42.12
CA ARG G 219 0.39 24.08 43.43
C ARG G 219 1.76 24.62 43.78
N THR G 220 2.82 23.87 43.44
CA THR G 220 4.18 24.32 43.71
C THR G 220 4.56 25.55 42.89
N THR G 221 4.28 25.51 41.58
CA THR G 221 4.61 26.65 40.72
C THR G 221 3.95 27.93 41.22
N MET G 222 2.69 27.85 41.67
CA MET G 222 1.93 29.04 42.04
C MET G 222 2.28 29.57 43.41
N ARG G 223 3.42 29.16 43.99
CA ARG G 223 3.91 29.57 45.33
C ARG G 223 3.03 30.54 46.12
N THR H 3 8.54 43.49 6.65
CA THR H 3 8.25 42.35 7.50
C THR H 3 6.78 41.93 7.41
N ARG H 4 6.54 40.67 7.05
CA ARG H 4 5.20 40.15 6.86
C ARG H 4 5.04 38.82 7.60
N TYR H 5 3.85 38.61 8.18
CA TYR H 5 3.54 37.41 8.95
C TYR H 5 2.73 36.45 8.08
N VAL H 6 3.23 35.23 7.92
CA VAL H 6 2.67 34.23 7.03
C VAL H 6 2.13 33.08 7.86
N PRO H 7 0.87 32.69 7.71
CA PRO H 7 0.36 31.52 8.46
C PRO H 7 1.14 30.27 8.07
N TYR H 8 1.37 29.40 9.07
CA TYR H 8 2.06 28.15 8.81
C TYR H 8 1.58 27.09 9.80
N THR H 9 1.87 25.83 9.44
CA THR H 9 1.57 24.68 10.29
C THR H 9 2.75 23.70 10.24
N ILE H 10 2.93 22.94 11.31
CA ILE H 10 3.88 21.84 11.36
C ILE H 10 3.14 20.55 11.65
N ALA H 11 3.36 19.52 10.82
CA ALA H 11 2.94 18.15 11.11
C ALA H 11 4.18 17.27 11.20
N VAL H 12 4.21 16.43 12.22
CA VAL H 12 5.31 15.53 12.48
C VAL H 12 4.66 14.19 12.75
N ASN H 13 4.74 13.29 11.77
CA ASN H 13 4.11 11.96 11.84
C ASN H 13 2.59 12.09 11.99
N GLY H 14 1.99 12.94 11.16
CA GLY H 14 0.56 13.17 11.20
C GLY H 14 0.05 14.06 12.33
N THR H 15 0.83 14.28 13.40
CA THR H 15 0.34 15.01 14.57
C THR H 15 0.75 16.46 14.53
N SER H 16 -0.20 17.34 14.86
CA SER H 16 0.02 18.78 14.98
C SER H 16 -0.62 19.32 16.26
N THR H 17 0.00 20.34 16.83
CA THR H 17 -0.66 21.16 17.84
C THR H 17 -1.61 22.15 17.15
N PRO H 18 -2.86 22.26 17.59
CA PRO H 18 -3.83 23.15 16.89
C PRO H 18 -3.67 24.63 17.25
N ILE H 19 -2.48 25.17 16.96
CA ILE H 19 -2.15 26.55 17.29
C ILE H 19 -2.31 27.40 16.05
N LEU H 20 -2.73 28.65 16.23
CA LEU H 20 -2.82 29.63 15.14
C LEU H 20 -1.49 30.41 15.12
N SER H 21 -0.61 30.06 14.18
CA SER H 21 0.75 30.58 14.17
C SER H 21 1.10 31.15 12.81
N LYS H 22 1.84 32.25 12.84
CA LYS H 22 2.28 33.00 11.67
C LYS H 22 3.77 33.27 11.84
N LEU H 23 4.56 33.01 10.80
CA LEU H 23 5.99 33.23 10.92
C LEU H 23 6.38 34.51 10.18
N LYS H 24 7.39 35.17 10.72
CA LYS H 24 7.83 36.46 10.19
C LYS H 24 8.80 36.21 9.02
N ILE H 25 8.49 36.71 7.83
CA ILE H 25 9.44 36.66 6.73
C ILE H 25 9.59 38.06 6.12
N SER H 26 10.74 38.27 5.48
CA SER H 26 11.05 39.57 4.92
C SER H 26 10.16 39.86 3.71
N ASN H 27 9.70 41.12 3.60
CA ASN H 27 8.97 41.52 2.40
C ASN H 27 9.45 42.85 1.85
N LYS H 28 10.67 43.29 2.19
CA LYS H 28 11.24 44.48 1.60
C LYS H 28 12.18 44.15 0.44
N GLN H 29 12.18 42.89 -0.01
CA GLN H 29 12.84 42.46 -1.23
C GLN H 29 12.30 41.08 -1.58
N LEU H 30 12.49 40.69 -2.83
CA LEU H 30 12.08 39.35 -3.28
C LEU H 30 12.89 38.28 -2.55
N ILE H 31 12.24 37.15 -2.28
CA ILE H 31 12.87 36.06 -1.53
C ILE H 31 12.96 34.82 -2.40
N SER H 32 13.54 33.74 -1.84
CA SER H 32 13.86 32.51 -2.54
C SER H 32 13.44 31.32 -1.69
N TYR H 33 13.42 30.13 -2.29
CA TYR H 33 13.13 28.92 -1.52
C TYR H 33 14.27 28.57 -0.56
N LYS H 34 15.51 28.94 -0.90
CA LYS H 34 16.58 28.79 0.07
C LYS H 34 16.31 29.63 1.31
N TYR H 35 15.83 30.85 1.12
CA TYR H 35 15.45 31.69 2.25
C TYR H 35 14.35 31.02 3.08
N LEU H 36 13.32 30.49 2.42
CA LEU H 36 12.22 29.88 3.16
C LEU H 36 12.69 28.63 3.90
N ASN H 37 13.65 27.89 3.33
CA ASN H 37 14.19 26.70 3.99
C ASN H 37 14.69 27.04 5.38
N ASP H 38 15.48 28.12 5.49
CA ASP H 38 16.04 28.43 6.80
C ASP H 38 14.96 28.84 7.79
N LYS H 39 13.91 29.53 7.32
CA LYS H 39 12.80 29.90 8.21
C LYS H 39 12.00 28.69 8.65
N VAL H 40 11.78 27.73 7.73
CA VAL H 40 11.05 26.52 8.06
C VAL H 40 11.82 25.67 9.06
N LYS H 41 13.09 25.40 8.77
CA LYS H 41 13.93 24.65 9.69
C LYS H 41 13.97 25.31 11.07
N SER H 42 13.99 26.65 11.10
CA SER H 42 14.07 27.36 12.36
C SER H 42 12.89 27.03 13.28
N VAL H 43 11.68 27.02 12.74
CA VAL H 43 10.53 26.81 13.62
C VAL H 43 10.28 25.31 13.85
N LEU H 44 10.68 24.45 12.90
CA LEU H 44 10.74 23.02 13.20
C LEU H 44 11.61 22.76 14.43
N LYS H 45 12.75 23.42 14.52
CA LYS H 45 13.61 23.22 15.68
C LYS H 45 13.03 23.86 16.94
N SER H 46 12.48 25.09 16.84
CA SER H 46 12.04 25.77 18.04
C SER H 46 10.66 25.32 18.53
N GLU H 47 9.76 24.90 17.63
CA GLU H 47 8.41 24.56 18.05
C GLU H 47 8.16 23.05 18.18
N ARG H 48 8.87 22.23 17.40
CA ARG H 48 8.72 20.79 17.53
C ARG H 48 10.04 20.08 17.84
N GLY H 49 11.12 20.83 18.12
CA GLY H 49 12.37 20.20 18.48
C GLY H 49 13.02 19.36 17.41
N ILE H 50 12.67 19.55 16.14
CA ILE H 50 13.28 18.79 15.05
C ILE H 50 14.48 19.60 14.55
N SER H 51 15.71 19.11 14.80
CA SER H 51 16.92 19.83 14.45
C SER H 51 17.37 19.50 13.02
N ASP H 52 18.46 20.13 12.56
CA ASP H 52 18.98 19.85 11.23
C ASP H 52 19.35 18.37 11.10
N LEU H 53 20.09 17.84 12.07
CA LEU H 53 20.49 16.45 12.00
C LEU H 53 19.27 15.52 12.07
N ASP H 54 18.24 15.90 12.83
CA ASP H 54 17.01 15.10 12.84
C ASP H 54 16.44 14.94 11.43
N LEU H 55 16.51 16.02 10.62
CA LEU H 55 15.96 15.95 9.26
C LEU H 55 16.72 14.95 8.40
N LYS H 56 18.01 14.74 8.67
CA LYS H 56 18.74 13.77 7.88
C LYS H 56 18.17 12.37 8.09
N PHE H 57 17.62 12.09 9.27
CA PHE H 57 17.08 10.76 9.53
C PHE H 57 15.60 10.64 9.20
N ALA H 58 14.89 11.77 9.08
CA ALA H 58 13.50 11.71 8.66
C ALA H 58 13.38 10.97 7.33
N LYS H 59 12.35 10.12 7.23
CA LYS H 59 12.03 9.48 5.95
C LYS H 59 11.61 10.51 4.91
N GLN H 60 10.87 11.53 5.33
CA GLN H 60 10.42 12.56 4.39
C GLN H 60 10.28 13.87 5.14
N ALA H 61 10.78 14.96 4.56
CA ALA H 61 10.65 16.28 5.19
C ALA H 61 10.42 17.29 4.08
N LYS H 62 9.24 17.92 4.08
CA LYS H 62 8.86 18.82 3.02
C LYS H 62 8.04 19.97 3.59
N TYR H 63 7.88 21.01 2.78
CA TYR H 63 6.87 22.01 3.05
C TYR H 63 6.26 22.44 1.72
N THR H 64 5.04 22.93 1.82
CA THR H 64 4.23 23.30 0.67
C THR H 64 3.87 24.76 0.82
N VAL H 65 4.32 25.57 -0.14
CA VAL H 65 4.01 26.99 -0.17
C VAL H 65 2.73 27.16 -0.99
N TYR H 66 1.64 27.55 -0.35
CA TYR H 66 0.42 27.89 -1.08
C TYR H 66 0.46 29.38 -1.47
N PHE H 67 0.15 29.67 -2.72
CA PHE H 67 0.15 31.04 -3.18
C PHE H 67 -1.28 31.59 -3.24
N LYS H 68 -1.37 32.91 -3.09
CA LYS H 68 -2.68 33.56 -3.04
C LYS H 68 -3.47 33.38 -4.34
N ASN H 69 -2.82 33.04 -5.45
CA ASN H 69 -3.52 32.82 -6.72
C ASN H 69 -3.97 31.38 -6.90
N GLY H 70 -3.89 30.55 -5.87
CA GLY H 70 -4.32 29.18 -5.93
C GLY H 70 -3.21 28.16 -6.18
N LYS H 71 -2.06 28.60 -6.69
CA LYS H 71 -0.96 27.69 -7.00
C LYS H 71 -0.20 27.28 -5.74
N LYS H 72 0.58 26.20 -5.85
CA LYS H 72 1.33 25.71 -4.71
C LYS H 72 2.62 25.03 -5.16
N GLN H 73 3.65 25.18 -4.32
CA GLN H 73 4.97 24.61 -4.61
C GLN H 73 5.41 23.75 -3.44
N VAL H 74 5.70 22.48 -3.70
CA VAL H 74 6.25 21.61 -2.67
C VAL H 74 7.77 21.70 -2.72
N VAL H 75 8.37 21.93 -1.56
CA VAL H 75 9.82 22.06 -1.48
C VAL H 75 10.38 21.06 -0.49
N ASN H 76 11.24 20.17 -0.98
CA ASN H 76 11.83 19.16 -0.11
C ASN H 76 12.79 19.79 0.89
N LEU H 77 12.78 19.31 2.12
CA LEU H 77 13.70 19.82 3.13
C LEU H 77 14.95 18.95 3.18
N LYS H 78 14.98 17.89 2.39
CA LYS H 78 16.17 17.02 2.34
C LYS H 78 16.99 17.23 1.08
N SER H 79 16.65 18.17 0.21
CA SER H 79 17.39 18.37 -1.04
C SER H 79 18.13 19.69 -1.06
N ASP H 80 19.36 19.67 -1.57
CA ASP H 80 20.13 20.89 -1.79
C ASP H 80 20.12 21.31 -3.25
N ILE H 81 19.16 20.81 -4.04
CA ILE H 81 18.91 21.30 -5.39
C ILE H 81 17.93 22.47 -5.29
N PHE H 82 18.26 23.60 -5.92
CA PHE H 82 17.45 24.81 -5.86
C PHE H 82 17.27 25.41 -7.25
N THR H 83 16.03 25.77 -7.59
CA THR H 83 15.84 26.64 -8.74
C THR H 83 16.18 28.07 -8.32
N PRO H 84 17.08 28.77 -9.04
CA PRO H 84 17.53 30.10 -8.62
C PRO H 84 16.59 31.25 -9.03
N ASN H 85 15.30 31.11 -8.68
CA ASN H 85 14.33 32.16 -8.96
C ASN H 85 13.99 32.93 -7.68
N LEU H 86 13.29 34.05 -7.86
CA LEU H 86 12.85 34.86 -6.74
C LEU H 86 11.34 35.01 -6.83
N PHE H 87 10.71 35.22 -5.67
CA PHE H 87 9.27 35.44 -5.63
C PHE H 87 8.95 36.37 -4.47
N SER H 88 7.76 36.98 -4.54
CA SER H 88 7.36 37.94 -3.52
C SER H 88 6.67 37.24 -2.35
N ALA H 89 7.09 37.60 -1.13
CA ALA H 89 6.45 37.08 0.07
C ALA H 89 5.02 37.57 0.22
N LYS H 90 4.65 38.67 -0.46
CA LYS H 90 3.29 39.17 -0.44
C LYS H 90 2.33 38.23 -1.14
N ASP H 91 2.83 37.32 -1.97
CA ASP H 91 2.02 36.36 -2.69
C ASP H 91 1.77 35.05 -1.92
N ILE H 92 2.47 34.82 -0.82
CA ILE H 92 2.30 33.58 -0.05
C ILE H 92 1.02 33.65 0.79
N LYS H 93 0.15 32.65 0.59
CA LYS H 93 -1.06 32.48 1.39
C LYS H 93 -0.79 31.72 2.69
N LYS H 94 -0.12 30.57 2.61
CA LYS H 94 0.23 29.84 3.82
C LYS H 94 1.36 28.86 3.48
N ILE H 95 1.87 28.19 4.51
CA ILE H 95 2.97 27.25 4.36
C ILE H 95 2.67 26.04 5.24
N ASP H 96 2.62 24.86 4.64
CA ASP H 96 2.32 23.64 5.37
C ASP H 96 3.60 22.84 5.42
N ILE H 97 4.10 22.59 6.63
CA ILE H 97 5.36 21.86 6.86
C ILE H 97 5.01 20.43 7.28
N ASP H 98 5.67 19.45 6.67
CA ASP H 98 5.36 18.04 6.96
C ASP H 98 6.62 17.19 7.04
N VAL H 99 6.75 16.44 8.12
CA VAL H 99 7.92 15.61 8.41
C VAL H 99 7.42 14.28 8.95
N LYS H 100 7.94 13.17 8.43
CA LYS H 100 7.55 11.87 8.98
C LYS H 100 8.66 10.82 8.91
N ILE I 1 12.17 -21.58 20.14
CA ILE I 1 12.86 -20.36 20.55
C ILE I 1 13.68 -19.79 19.37
N ILE I 2 13.50 -18.49 19.07
CA ILE I 2 14.24 -17.81 18.00
C ILE I 2 15.33 -16.95 18.63
N GLY I 3 16.55 -17.03 18.08
CA GLY I 3 17.63 -16.15 18.49
C GLY I 3 18.20 -16.43 19.86
N GLY I 4 18.07 -17.68 20.34
CA GLY I 4 18.52 -18.06 21.67
C GLY I 4 19.66 -19.06 21.65
N ARG I 5 19.85 -19.72 22.78
CA ARG I 5 20.94 -20.69 22.91
C ARG I 5 20.41 -21.99 23.50
N GLU I 6 21.16 -23.07 23.27
CA GLU I 6 20.81 -24.36 23.84
C GLU I 6 20.99 -24.33 25.36
N SER I 7 19.98 -24.78 26.10
CA SER I 7 20.07 -24.83 27.56
C SER I 7 21.09 -25.87 28.01
N ARG I 8 21.79 -25.58 29.10
CA ARG I 8 22.55 -26.63 29.76
C ARG I 8 21.60 -27.75 30.14
N PRO I 9 21.88 -28.99 29.75
CA PRO I 9 20.96 -30.10 30.02
C PRO I 9 20.55 -30.14 31.50
N HIS I 10 19.24 -30.26 31.73
CA HIS I 10 18.65 -30.44 33.05
C HIS I 10 18.86 -29.24 33.97
N SER I 11 19.22 -28.07 33.41
CA SER I 11 19.34 -26.84 34.17
C SER I 11 18.01 -26.19 34.49
N ARG I 12 16.92 -26.63 33.86
CA ARG I 12 15.58 -26.09 34.08
C ARG I 12 14.66 -27.27 34.37
N PRO I 13 14.85 -27.93 35.52
CA PRO I 13 14.20 -29.23 35.77
C PRO I 13 12.68 -29.19 35.84
N TYR I 14 12.08 -28.01 35.87
CA TYR I 14 10.63 -27.82 35.85
C TYR I 14 10.04 -27.91 34.45
N MET I 15 10.86 -27.79 33.40
CA MET I 15 10.31 -27.74 32.03
C MET I 15 9.55 -29.02 31.69
N ALA I 16 8.36 -28.85 31.12
CA ALA I 16 7.50 -29.96 30.71
C ALA I 16 7.29 -29.91 29.21
N TYR I 17 7.35 -31.08 28.56
CA TYR I 17 7.07 -31.20 27.13
C TYR I 17 5.72 -31.87 26.98
N LEU I 18 4.82 -31.22 26.25
CA LEU I 18 3.44 -31.69 26.14
C LEU I 18 3.15 -32.17 24.73
N GLN I 19 2.59 -33.36 24.63
CA GLN I 19 2.09 -33.92 23.38
C GLN I 19 0.58 -34.05 23.54
N ILE I 20 -0.16 -33.31 22.72
CA ILE I 20 -1.60 -33.19 22.85
C ILE I 20 -2.23 -33.81 21.62
N GLN I 21 -3.24 -34.65 21.83
CA GLN I 21 -3.99 -35.23 20.72
C GLN I 21 -5.47 -34.94 20.89
N SER I 22 -6.16 -34.78 19.76
CA SER I 22 -7.62 -34.68 19.72
C SER I 22 -8.10 -35.36 18.46
N PRO I 23 -9.39 -35.62 18.31
CA PRO I 23 -9.86 -36.21 17.05
C PRO I 23 -9.45 -35.38 15.83
N ALA I 24 -9.24 -34.07 16.02
CA ALA I 24 -8.93 -33.17 14.92
C ALA I 24 -7.45 -33.16 14.52
N GLY I 25 -6.53 -33.45 15.44
CA GLY I 25 -5.12 -33.42 15.10
C GLY I 25 -4.23 -33.53 16.34
N GLN I 26 -2.98 -33.12 16.19
CA GLN I 26 -1.99 -33.23 17.25
C GLN I 26 -1.26 -31.91 17.44
N SER I 27 -0.82 -31.67 18.67
CA SER I 27 -0.10 -30.44 18.97
C SER I 27 1.03 -30.72 19.94
N ARG I 28 2.04 -29.87 19.88
CA ARG I 28 3.17 -29.90 20.79
C ARG I 28 3.24 -28.55 21.47
N CYS I 29 3.36 -28.56 22.81
CA CYS I 29 3.48 -27.37 23.64
C CYS I 29 4.56 -27.58 24.70
N GLY I 30 4.88 -26.50 25.41
CA GLY I 30 5.63 -26.55 26.64
C GLY I 30 4.75 -26.32 27.86
N GLY I 31 5.39 -26.40 29.02
CA GLY I 31 4.70 -26.23 30.30
C GLY I 31 5.75 -26.23 31.39
N PHE I 32 5.30 -26.11 32.64
CA PHE I 32 6.24 -26.19 33.74
C PHE I 32 5.60 -26.79 34.98
N LEU I 33 6.39 -27.57 35.71
CA LEU I 33 5.99 -28.21 36.96
C LEU I 33 5.84 -27.16 38.05
N VAL I 34 4.68 -27.10 38.70
CA VAL I 34 4.48 -26.16 39.81
C VAL I 34 4.28 -26.87 41.13
N ARG I 35 3.87 -28.14 41.10
CA ARG I 35 3.86 -29.04 42.24
C ARG I 35 4.10 -30.43 41.69
N GLU I 36 4.41 -31.37 42.59
CA GLU I 36 4.67 -32.73 42.14
C GLU I 36 3.50 -33.33 41.38
N ASP I 37 2.29 -32.82 41.56
CA ASP I 37 1.13 -33.36 40.86
C ASP I 37 0.56 -32.42 39.81
N PHE I 38 1.20 -31.27 39.52
CA PHE I 38 0.60 -30.28 38.63
C PHE I 38 1.61 -29.61 37.69
N VAL I 39 1.19 -29.49 36.44
CA VAL I 39 1.90 -28.71 35.42
C VAL I 39 1.01 -27.56 34.96
N LEU I 40 1.60 -26.38 34.86
CA LEU I 40 0.95 -25.18 34.34
C LEU I 40 1.36 -24.92 32.88
N THR I 41 0.41 -24.44 32.09
CA THR I 41 0.59 -24.26 30.66
C THR I 41 -0.53 -23.35 30.16
N ALA I 42 -0.65 -23.22 28.84
CA ALA I 42 -1.65 -22.33 28.28
C ALA I 42 -2.93 -23.10 27.96
N ALA I 43 -4.06 -22.41 28.09
CA ALA I 43 -5.34 -23.02 27.73
C ALA I 43 -5.41 -23.39 26.26
N HIS I 44 -4.71 -22.64 25.40
CA HIS I 44 -4.81 -22.98 23.99
C HIS I 44 -4.06 -24.25 23.63
N CYS I 45 -3.40 -24.91 24.60
CA CYS I 45 -2.80 -26.23 24.41
C CYS I 45 -3.72 -27.38 24.79
N TRP I 46 -4.96 -27.10 25.18
CA TRP I 46 -5.89 -28.13 25.60
C TRP I 46 -6.20 -29.10 24.46
N GLY I 47 -6.49 -30.35 24.84
CA GLY I 47 -6.93 -31.40 23.92
C GLY I 47 -7.49 -32.54 24.74
N SER I 48 -7.88 -33.62 24.03
CA SER I 48 -8.54 -34.75 24.69
C SER I 48 -7.58 -35.57 25.55
N ASN I 49 -6.36 -35.82 25.06
CA ASN I 49 -5.35 -36.54 25.81
C ASN I 49 -4.06 -35.76 25.74
N ILE I 50 -3.40 -35.64 26.88
CA ILE I 50 -2.13 -34.91 26.96
C ILE I 50 -1.10 -35.84 27.58
N ASN I 51 0.00 -36.06 26.87
CA ASN I 51 1.13 -36.77 27.45
C ASN I 51 2.23 -35.79 27.84
N VAL I 52 2.67 -35.88 29.09
CA VAL I 52 3.64 -34.95 29.69
C VAL I 52 4.98 -35.68 29.86
N THR I 53 6.09 -35.00 29.51
CA THR I 53 7.44 -35.50 29.72
C THR I 53 8.22 -34.50 30.58
N LEU I 54 8.59 -34.92 31.79
CA LEU I 54 9.49 -34.17 32.66
C LEU I 54 10.89 -34.77 32.53
N GLY I 55 11.89 -33.95 32.82
CA GLY I 55 13.26 -34.42 32.92
C GLY I 55 13.98 -34.54 31.60
N ALA I 56 13.43 -33.98 30.53
CA ALA I 56 14.00 -34.13 29.20
C ALA I 56 14.98 -33.01 28.88
N HIS I 57 15.99 -33.37 28.10
CA HIS I 57 16.77 -32.38 27.35
C HIS I 57 16.54 -32.58 25.86
N ASN I 58 17.01 -33.71 25.31
CA ASN I 58 16.70 -34.13 23.93
C ASN I 58 15.37 -34.87 23.95
N ILE I 59 14.31 -34.22 23.44
CA ILE I 59 13.00 -34.86 23.36
C ILE I 59 12.88 -35.83 22.20
N GLN I 60 13.91 -35.95 21.35
CA GLN I 60 13.92 -36.97 20.31
C GLN I 60 14.61 -38.27 20.76
N ARG I 61 15.15 -38.29 21.97
CA ARG I 61 15.87 -39.44 22.52
C ARG I 61 15.13 -39.89 23.78
N ARG I 62 15.11 -41.20 24.02
CA ARG I 62 14.47 -41.68 25.25
C ARG I 62 15.52 -41.67 26.35
N GLU I 63 15.72 -40.48 26.91
CA GLU I 63 16.71 -40.29 27.94
C GLU I 63 16.26 -40.95 29.25
N ASN I 64 17.24 -41.48 29.98
CA ASN I 64 16.95 -42.18 31.24
C ASN I 64 16.34 -41.24 32.27
N THR I 65 16.67 -39.95 32.18
CA THR I 65 16.18 -38.98 33.14
C THR I 65 14.70 -38.64 32.95
N GLN I 66 14.07 -39.09 31.87
CA GLN I 66 12.71 -38.66 31.58
C GLN I 66 11.68 -39.42 32.41
N GLN I 67 10.56 -38.74 32.69
CA GLN I 67 9.40 -39.33 33.34
C GLN I 67 8.19 -38.99 32.48
N HIS I 68 7.44 -40.03 32.08
CA HIS I 68 6.30 -39.86 31.18
C HIS I 68 5.01 -40.10 31.96
N ILE I 69 4.17 -39.07 32.02
CA ILE I 69 2.98 -39.09 32.84
C ILE I 69 1.85 -38.47 32.03
N THR I 70 0.70 -39.15 31.98
CA THR I 70 -0.42 -38.54 31.30
C THR I 70 -1.13 -37.56 32.23
N ALA I 71 -1.87 -36.65 31.62
CA ALA I 71 -2.67 -35.70 32.38
C ALA I 71 -3.98 -36.36 32.72
N ARG I 72 -4.29 -36.41 34.02
CA ARG I 72 -5.58 -36.92 34.49
C ARG I 72 -6.71 -35.89 34.31
N ARG I 73 -6.41 -34.61 34.49
CA ARG I 73 -7.35 -33.54 34.19
C ARG I 73 -6.58 -32.42 33.52
N ALA I 74 -7.19 -31.84 32.49
CA ALA I 74 -6.66 -30.70 31.74
C ALA I 74 -7.66 -29.56 31.92
N ILE I 75 -7.40 -28.68 32.90
CA ILE I 75 -8.36 -27.70 33.39
C ILE I 75 -8.03 -26.34 32.79
N ARG I 76 -8.72 -25.97 31.70
CA ARG I 76 -8.66 -24.59 31.22
C ARG I 76 -9.31 -23.65 32.21
N HIS I 77 -8.83 -22.40 32.25
CA HIS I 77 -9.50 -21.38 33.03
C HIS I 77 -10.97 -21.28 32.58
N PRO I 78 -11.93 -21.15 33.49
CA PRO I 78 -13.34 -21.19 33.06
C PRO I 78 -13.77 -19.99 32.21
N GLN I 79 -12.99 -18.90 32.18
CA GLN I 79 -13.28 -17.75 31.32
C GLN I 79 -12.29 -17.63 30.16
N TYR I 80 -11.55 -18.69 29.85
CA TYR I 80 -10.69 -18.67 28.68
C TYR I 80 -11.53 -18.31 27.46
N ASN I 81 -11.03 -17.39 26.65
CA ASN I 81 -11.71 -16.91 25.46
C ASN I 81 -10.74 -17.14 24.31
N GLN I 82 -11.03 -18.15 23.48
CA GLN I 82 -10.03 -18.49 22.50
C GLN I 82 -10.00 -17.51 21.31
N ARG I 83 -11.00 -16.62 21.17
CA ARG I 83 -10.92 -15.62 20.12
C ARG I 83 -9.98 -14.47 20.51
N THR I 84 -10.24 -13.83 21.66
CA THR I 84 -9.39 -12.78 22.21
C THR I 84 -8.12 -13.33 22.88
N ILE I 85 -8.04 -14.64 23.08
CA ILE I 85 -6.92 -15.26 23.80
C ILE I 85 -6.74 -14.61 25.17
N GLN I 86 -7.83 -14.41 25.88
CA GLN I 86 -7.77 -13.91 27.25
C GLN I 86 -7.93 -15.06 28.23
N ASN I 87 -7.38 -14.89 29.44
CA ASN I 87 -7.36 -15.94 30.45
C ASN I 87 -6.77 -17.25 29.90
N ASP I 88 -5.63 -17.12 29.21
CA ASP I 88 -5.00 -18.24 28.50
C ASP I 88 -4.10 -18.95 29.49
N ILE I 89 -4.70 -19.81 30.32
CA ILE I 89 -3.95 -20.51 31.36
C ILE I 89 -4.67 -21.82 31.65
N MET I 90 -3.88 -22.86 31.91
CA MET I 90 -4.42 -24.20 32.12
C MET I 90 -3.54 -24.99 33.08
N LEU I 91 -4.21 -25.75 33.93
CA LEU I 91 -3.54 -26.66 34.86
C LEU I 91 -3.74 -28.10 34.44
N LEU I 92 -2.65 -28.85 34.43
CA LEU I 92 -2.63 -30.28 34.14
C LEU I 92 -2.39 -31.01 35.45
N GLN I 93 -3.40 -31.72 35.91
CA GLN I 93 -3.25 -32.60 37.06
C GLN I 93 -2.68 -33.93 36.58
N LEU I 94 -1.51 -34.28 37.07
CA LEU I 94 -0.84 -35.48 36.58
C LEU I 94 -1.52 -36.73 37.11
N SER I 95 -1.48 -37.81 36.32
CA SER I 95 -2.07 -39.08 36.73
C SER I 95 -1.28 -39.75 37.84
N ARG I 96 -0.04 -39.34 38.08
CA ARG I 96 0.69 -39.72 39.28
C ARG I 96 1.65 -38.58 39.59
N ARG I 97 2.04 -38.49 40.86
CA ARG I 97 3.07 -37.55 41.28
C ARG I 97 4.41 -37.88 40.62
N VAL I 98 5.19 -36.84 40.32
CA VAL I 98 6.53 -37.08 39.78
C VAL I 98 7.43 -37.55 40.91
N ARG I 99 8.50 -38.25 40.54
CA ARG I 99 9.60 -38.60 41.43
C ARG I 99 10.58 -37.42 41.41
N ARG I 100 10.68 -36.71 42.53
CA ARG I 100 11.49 -35.49 42.52
C ARG I 100 12.96 -35.88 42.56
N ASN I 101 13.79 -35.19 41.77
CA ASN I 101 15.23 -35.44 41.75
C ASN I 101 15.90 -34.23 41.11
N ARG I 102 17.21 -34.32 40.87
CA ARG I 102 17.90 -33.18 40.26
C ARG I 102 17.34 -32.80 38.89
N ASN I 103 16.72 -33.75 38.19
CA ASN I 103 16.27 -33.51 36.82
C ASN I 103 14.79 -33.14 36.72
N VAL I 104 14.00 -33.39 37.76
CA VAL I 104 12.55 -33.13 37.75
C VAL I 104 12.21 -32.42 39.06
N ASN I 105 11.84 -31.14 38.97
CA ASN I 105 11.70 -30.30 40.16
C ASN I 105 10.81 -29.12 39.85
N PRO I 106 9.86 -28.76 40.72
CA PRO I 106 8.93 -27.66 40.42
C PRO I 106 9.59 -26.29 40.50
N VAL I 107 8.99 -25.31 39.80
CA VAL I 107 9.47 -23.94 39.80
C VAL I 107 8.53 -23.09 40.65
N ALA I 108 9.09 -22.09 41.31
CA ALA I 108 8.29 -21.24 42.19
C ALA I 108 7.47 -20.26 41.36
N LEU I 109 6.28 -19.92 41.88
CA LEU I 109 5.39 -18.93 41.30
C LEU I 109 5.55 -17.60 42.02
N PRO I 110 5.19 -16.47 41.38
CA PRO I 110 5.36 -15.18 42.05
C PRO I 110 4.40 -15.06 43.22
N ARG I 111 4.57 -13.98 43.98
CA ARG I 111 3.66 -13.68 45.07
C ARG I 111 2.41 -13.01 44.55
N ALA I 112 1.37 -13.00 45.40
CA ALA I 112 0.09 -12.33 45.13
C ALA I 112 0.28 -10.96 44.46
N GLN I 113 -0.35 -10.79 43.30
CA GLN I 113 -0.35 -9.54 42.55
C GLN I 113 1.04 -9.01 42.22
N GLU I 114 2.06 -9.86 42.14
CA GLU I 114 3.40 -9.35 41.90
C GLU I 114 3.54 -8.90 40.46
N GLY I 115 4.07 -7.69 40.28
CA GLY I 115 4.25 -7.13 38.96
C GLY I 115 5.62 -7.42 38.39
N LEU I 116 5.93 -6.71 37.31
CA LEU I 116 7.17 -6.93 36.59
C LEU I 116 7.48 -5.65 35.84
N ARG I 117 8.47 -4.89 36.32
CA ARG I 117 8.76 -3.59 35.74
C ARG I 117 9.23 -3.73 34.30
N PRO I 118 8.81 -2.84 33.40
CA PRO I 118 9.42 -2.77 32.08
C PRO I 118 10.93 -2.60 32.20
N GLY I 119 11.66 -3.20 31.27
CA GLY I 119 13.10 -3.20 31.30
C GLY I 119 13.69 -4.45 31.92
N THR I 120 12.95 -5.13 32.79
CA THR I 120 13.45 -6.37 33.40
C THR I 120 13.79 -7.42 32.34
N LEU I 121 14.98 -8.01 32.45
CA LEU I 121 15.39 -9.12 31.60
C LEU I 121 14.90 -10.43 32.21
N CYS I 122 14.13 -11.20 31.44
CA CYS I 122 13.64 -12.51 31.84
C CYS I 122 14.01 -13.52 30.76
N THR I 123 13.82 -14.80 31.07
CA THR I 123 14.17 -15.89 30.16
C THR I 123 12.96 -16.74 29.85
N VAL I 124 12.79 -17.09 28.57
CA VAL I 124 11.78 -18.07 28.19
C VAL I 124 12.53 -19.26 27.62
N ALA I 125 12.01 -20.47 27.83
CA ALA I 125 12.64 -21.68 27.34
C ALA I 125 11.60 -22.59 26.69
N GLY I 126 12.05 -23.44 25.76
CA GLY I 126 11.13 -24.36 25.12
C GLY I 126 11.81 -25.18 24.05
N TRP I 127 11.03 -26.12 23.48
CA TRP I 127 11.46 -26.98 22.38
C TRP I 127 10.85 -26.56 21.03
N GLY I 128 10.44 -25.30 20.90
CA GLY I 128 9.84 -24.83 19.68
C GLY I 128 10.88 -24.60 18.59
N ARG I 129 10.36 -24.23 17.42
CA ARG I 129 11.23 -24.02 16.26
C ARG I 129 12.15 -22.83 16.48
N VAL I 130 13.26 -22.83 15.73
CA VAL I 130 14.25 -21.75 15.82
C VAL I 130 14.19 -20.81 14.64
N SER I 131 13.36 -21.09 13.66
CA SER I 131 13.18 -20.25 12.48
C SER I 131 12.00 -20.82 11.71
N MET I 132 11.67 -20.21 10.58
CA MET I 132 10.63 -20.76 9.74
C MET I 132 11.00 -22.15 9.23
N ARG I 133 12.29 -22.46 9.16
CA ARG I 133 12.79 -23.65 8.47
C ARG I 133 13.36 -24.74 9.37
N ARG I 134 13.72 -24.43 10.61
CA ARG I 134 14.49 -25.37 11.41
C ARG I 134 13.90 -25.51 12.81
N GLY I 135 13.81 -26.76 13.27
CA GLY I 135 13.35 -27.08 14.60
C GLY I 135 14.50 -27.24 15.55
N THR I 136 14.22 -27.88 16.69
CA THR I 136 15.25 -28.26 17.64
C THR I 136 14.89 -29.60 18.26
N ASP I 137 15.92 -30.39 18.56
CA ASP I 137 15.73 -31.62 19.34
C ASP I 137 15.86 -31.37 20.83
N THR I 138 16.65 -30.38 21.24
CA THR I 138 16.99 -30.14 22.63
C THR I 138 16.39 -28.83 23.12
N LEU I 139 16.36 -28.70 24.44
CA LEU I 139 15.78 -27.54 25.10
C LEU I 139 16.65 -26.31 24.82
N ARG I 140 15.98 -25.21 24.49
CA ARG I 140 16.65 -23.95 24.16
C ARG I 140 16.02 -22.83 24.99
N GLU I 141 16.73 -21.69 25.05
CA GLU I 141 16.28 -20.57 25.88
C GLU I 141 16.83 -19.26 25.36
N VAL I 142 16.15 -18.17 25.73
CA VAL I 142 16.52 -16.84 25.27
C VAL I 142 16.06 -15.82 26.30
N GLN I 143 16.86 -14.76 26.46
CA GLN I 143 16.49 -13.69 27.39
C GLN I 143 15.74 -12.59 26.64
N LEU I 144 14.65 -12.11 27.25
CA LEU I 144 13.79 -11.13 26.61
C LEU I 144 13.56 -9.99 27.59
N ARG I 145 13.37 -8.79 27.05
CA ARG I 145 13.12 -7.62 27.87
C ARG I 145 11.63 -7.39 28.02
N VAL I 146 11.19 -7.15 29.26
CA VAL I 146 9.81 -6.75 29.49
C VAL I 146 9.62 -5.34 28.93
N GLN I 147 8.53 -5.13 28.21
CA GLN I 147 8.23 -3.84 27.62
C GLN I 147 7.19 -3.08 28.45
N ARG I 148 7.18 -1.76 28.30
CA ARG I 148 6.02 -0.98 28.72
C ARG I 148 4.78 -1.50 28.01
N ASP I 149 3.61 -1.32 28.65
CA ASP I 149 2.40 -1.93 28.13
C ASP I 149 1.96 -1.29 26.82
N ARG I 150 2.31 -0.02 26.60
CA ARG I 150 1.93 0.68 25.38
C ARG I 150 2.38 -0.09 24.15
N GLN I 151 3.46 -0.87 24.26
CA GLN I 151 3.94 -1.65 23.11
C GLN I 151 2.92 -2.68 22.67
N CYS I 152 2.33 -3.41 23.62
CA CYS I 152 1.30 -4.37 23.23
C CYS I 152 -0.03 -3.70 23.02
N LEU I 153 -0.37 -2.71 23.88
CA LEU I 153 -1.65 -2.01 23.77
C LEU I 153 -1.85 -1.42 22.39
N ARG I 154 -0.79 -1.00 21.71
CA ARG I 154 -1.01 -0.36 20.43
C ARG I 154 -1.21 -1.35 19.28
N ILE I 155 -0.76 -2.59 19.41
CA ILE I 155 -0.85 -3.52 18.28
C ILE I 155 -1.75 -4.71 18.55
N PHE I 156 -2.14 -5.00 19.79
CA PHE I 156 -3.01 -6.13 20.11
C PHE I 156 -4.32 -5.59 20.69
N GLY I 157 -5.40 -5.68 19.90
CA GLY I 157 -6.68 -5.13 20.32
C GLY I 157 -7.15 -5.57 21.70
N SER I 158 -6.84 -6.81 22.08
CA SER I 158 -7.39 -7.39 23.30
C SER I 158 -6.38 -7.52 24.42
N TYR I 159 -5.21 -6.87 24.31
CA TYR I 159 -4.21 -7.03 25.37
C TYR I 159 -4.70 -6.34 26.65
N ASP I 160 -4.58 -7.05 27.77
CA ASP I 160 -5.03 -6.56 29.07
C ASP I 160 -3.87 -6.59 30.04
N PRO I 161 -3.27 -5.44 30.36
CA PRO I 161 -2.09 -5.44 31.24
C PRO I 161 -2.36 -5.93 32.65
N ARG I 162 -3.63 -6.02 33.06
CA ARG I 162 -3.92 -6.56 34.38
C ARG I 162 -3.78 -8.08 34.44
N ARG I 163 -3.80 -8.76 33.29
CA ARG I 163 -3.71 -10.21 33.25
C ARG I 163 -2.63 -10.74 32.31
N GLN I 164 -1.87 -9.85 31.65
CA GLN I 164 -0.90 -10.28 30.63
C GLN I 164 0.37 -9.44 30.76
N ILE I 165 1.42 -9.87 30.07
CA ILE I 165 2.72 -9.22 30.12
C ILE I 165 3.18 -8.95 28.69
N CYS I 166 3.72 -7.76 28.46
CA CYS I 166 4.22 -7.39 27.15
C CYS I 166 5.72 -7.58 27.14
N VAL I 167 6.21 -8.49 26.29
CA VAL I 167 7.57 -9.00 26.39
C VAL I 167 8.24 -9.01 25.02
N GLY I 168 9.46 -8.48 24.96
CA GLY I 168 10.28 -8.60 23.78
C GLY I 168 10.56 -7.30 23.09
N ASP I 169 11.84 -6.96 22.97
CA ASP I 169 12.26 -5.74 22.29
C ASP I 169 12.09 -5.95 20.79
N ARG I 170 11.30 -5.08 20.17
CA ARG I 170 10.99 -5.20 18.75
C ARG I 170 12.25 -5.13 17.89
N ARG I 171 13.33 -4.52 18.40
CA ARG I 171 14.60 -4.40 17.69
C ARG I 171 15.45 -5.68 17.67
N GLU I 172 15.14 -6.66 18.52
CA GLU I 172 15.95 -7.87 18.65
C GLU I 172 15.20 -9.05 18.07
N ARG I 173 15.88 -9.85 17.25
CA ARG I 173 15.29 -11.06 16.69
C ARG I 173 15.36 -12.18 17.74
N LYS I 174 14.55 -12.02 18.79
CA LYS I 174 14.49 -12.98 19.88
C LYS I 174 13.03 -13.15 20.27
N ALA I 175 12.56 -14.40 20.30
CA ALA I 175 11.14 -14.61 20.60
C ALA I 175 10.91 -16.09 20.85
N ALA I 176 9.83 -16.38 21.57
CA ALA I 176 9.26 -17.71 21.49
C ALA I 176 8.67 -17.91 20.09
N PHE I 177 8.59 -19.17 19.67
CA PHE I 177 8.09 -19.51 18.35
C PHE I 177 7.39 -20.86 18.44
N LYS I 178 7.05 -21.44 17.29
CA LYS I 178 6.09 -22.54 17.22
C LYS I 178 6.56 -23.75 18.02
N GLY I 179 5.79 -24.10 19.05
CA GLY I 179 6.14 -25.18 19.95
C GLY I 179 6.52 -24.70 21.33
N ASP I 180 6.79 -23.40 21.49
CA ASP I 180 7.08 -22.86 22.80
C ASP I 180 5.84 -22.51 23.59
N SER I 181 4.65 -22.46 22.97
CA SER I 181 3.40 -22.17 23.67
C SER I 181 3.36 -22.86 25.04
N GLY I 182 2.89 -22.14 26.05
CA GLY I 182 2.77 -22.70 27.40
C GLY I 182 4.03 -22.69 28.23
N GLY I 183 5.19 -22.52 27.64
CA GLY I 183 6.41 -22.45 28.40
C GLY I 183 6.44 -21.26 29.34
N PRO I 184 7.31 -21.30 30.33
CA PRO I 184 7.40 -20.22 31.32
C PRO I 184 8.27 -19.03 30.90
N LEU I 185 7.90 -17.88 31.43
CA LEU I 185 8.79 -16.73 31.49
C LEU I 185 9.34 -16.66 32.91
N LEU I 186 10.67 -16.82 33.03
CA LEU I 186 11.40 -16.89 34.30
C LEU I 186 12.12 -15.58 34.57
N CYS I 187 11.82 -14.97 35.72
CA CYS I 187 12.54 -13.78 36.15
C CYS I 187 13.03 -14.08 37.56
N ASN I 188 14.35 -14.03 37.74
CA ASN I 188 14.98 -14.37 39.01
C ASN I 188 14.57 -15.77 39.49
N ASN I 189 14.33 -16.68 38.54
CA ASN I 189 13.99 -18.08 38.82
C ASN I 189 12.57 -18.23 39.36
N VAL I 190 11.69 -17.27 39.06
CA VAL I 190 10.27 -17.35 39.36
C VAL I 190 9.52 -17.30 38.04
N ALA I 191 8.56 -18.20 37.85
CA ALA I 191 7.75 -18.26 36.63
C ALA I 191 6.68 -17.16 36.67
N HIS I 192 7.01 -15.99 36.11
CA HIS I 192 6.06 -14.88 36.02
C HIS I 192 5.08 -14.99 34.83
N GLY I 193 5.46 -15.63 33.73
CA GLY I 193 4.63 -15.63 32.54
C GLY I 193 4.47 -17.00 31.93
N ILE I 194 3.42 -17.11 31.12
CA ILE I 194 3.16 -18.27 30.26
C ILE I 194 3.10 -17.82 28.80
N VAL I 195 3.89 -18.47 27.93
CA VAL I 195 3.87 -18.14 26.51
C VAL I 195 2.44 -18.24 25.98
N SER I 196 1.94 -17.15 25.39
CA SER I 196 0.54 -17.09 25.00
C SER I 196 0.36 -16.76 23.51
N TYR I 197 0.64 -15.53 23.09
CA TYR I 197 0.44 -15.25 21.68
C TYR I 197 1.34 -14.12 21.27
N GLY I 198 1.37 -13.89 19.97
CA GLY I 198 2.13 -12.83 19.37
C GLY I 198 1.69 -12.65 17.94
N LYS I 199 2.45 -11.83 17.20
CA LYS I 199 2.22 -11.67 15.78
C LYS I 199 2.69 -12.91 15.02
N SER I 200 1.94 -13.28 13.99
CA SER I 200 2.27 -14.50 13.25
C SER I 200 3.65 -14.40 12.58
N SER I 201 4.14 -13.19 12.32
CA SER I 201 5.48 -13.05 11.77
C SER I 201 6.58 -13.42 12.75
N GLY I 202 6.26 -13.55 14.05
CA GLY I 202 7.29 -13.72 15.06
C GLY I 202 8.00 -12.44 15.49
N VAL I 203 7.63 -11.30 14.94
CA VAL I 203 8.26 -10.02 15.32
C VAL I 203 7.81 -9.63 16.73
N PRO I 204 8.71 -9.27 17.63
CA PRO I 204 8.30 -8.86 18.99
C PRO I 204 7.55 -7.53 18.93
N PRO I 205 6.84 -7.14 20.00
CA PRO I 205 6.65 -7.84 21.29
C PRO I 205 5.64 -8.96 21.21
N GLU I 206 5.67 -9.88 22.18
CA GLU I 206 4.69 -10.94 22.29
C GLU I 206 4.00 -10.84 23.64
N VAL I 207 2.93 -11.61 23.81
CA VAL I 207 2.10 -11.54 25.01
C VAL I 207 2.27 -12.83 25.81
N PHE I 208 2.48 -12.68 27.12
CA PHE I 208 2.51 -13.76 28.08
C PHE I 208 1.34 -13.61 29.05
N THR I 209 0.69 -14.71 29.41
CA THR I 209 -0.22 -14.68 30.54
C THR I 209 0.55 -14.32 31.80
N ARG I 210 0.02 -13.40 32.59
CA ARG I 210 0.68 -12.98 33.83
C ARG I 210 0.24 -13.91 34.95
N VAL I 211 1.13 -14.86 35.32
CA VAL I 211 0.79 -15.90 36.30
C VAL I 211 0.20 -15.31 37.58
N SER I 212 0.79 -14.21 38.08
CA SER I 212 0.41 -13.70 39.39
C SER I 212 -1.03 -13.18 39.42
N SER I 213 -1.60 -12.83 38.28
CA SER I 213 -3.00 -12.42 38.20
C SER I 213 -3.96 -13.58 38.42
N PHE I 214 -3.48 -14.82 38.37
CA PHE I 214 -4.35 -15.99 38.42
C PHE I 214 -4.06 -16.87 39.65
N LEU I 215 -3.27 -16.36 40.60
CA LEU I 215 -2.95 -17.14 41.78
C LEU I 215 -4.17 -17.59 42.57
N PRO I 216 -5.21 -16.77 42.79
CA PRO I 216 -6.41 -17.33 43.44
C PRO I 216 -7.01 -18.52 42.71
N TRP I 217 -7.18 -18.44 41.38
CA TRP I 217 -7.70 -19.57 40.61
C TRP I 217 -6.75 -20.77 40.67
N ILE I 218 -5.45 -20.52 40.58
CA ILE I 218 -4.47 -21.61 40.64
C ILE I 218 -4.57 -22.36 41.97
N ARG I 219 -4.51 -21.61 43.09
CA ARG I 219 -4.61 -22.23 44.40
C ARG I 219 -5.92 -22.97 44.60
N THR I 220 -7.03 -22.34 44.19
CA THR I 220 -8.33 -23.00 44.32
C THR I 220 -8.37 -24.29 43.52
N THR I 221 -7.79 -24.28 42.32
CA THR I 221 -7.86 -25.44 41.44
C THR I 221 -6.94 -26.56 41.92
N MET I 222 -5.73 -26.23 42.40
CA MET I 222 -4.84 -27.26 42.90
C MET I 222 -5.22 -27.72 44.31
N ARG I 223 -5.81 -26.82 45.11
CA ARG I 223 -6.02 -26.96 46.56
C ARG I 223 -4.93 -27.80 47.24
N ILE J 1 -42.96 -10.51 9.26
CA ILE J 1 -42.92 -11.89 9.76
C ILE J 1 -43.48 -12.82 8.69
N VAL J 2 -42.65 -13.73 8.19
CA VAL J 2 -43.04 -14.69 7.17
C VAL J 2 -43.43 -16.00 7.84
N GLY J 3 -44.63 -16.50 7.54
CA GLY J 3 -45.02 -17.79 8.08
C GLY J 3 -45.46 -17.77 9.53
N GLY J 4 -45.82 -16.61 10.06
CA GLY J 4 -46.30 -16.48 11.42
C GLY J 4 -47.80 -16.45 11.48
N ARG J 5 -48.32 -15.80 12.52
CA ARG J 5 -49.74 -15.75 12.78
C ARG J 5 -50.09 -14.38 13.34
N ARG J 6 -51.36 -14.01 13.22
CA ARG J 6 -51.83 -12.74 13.74
C ARG J 6 -51.78 -12.75 15.28
N ALA J 7 -51.14 -11.72 15.84
CA ALA J 7 -51.20 -11.50 17.27
C ALA J 7 -52.61 -11.16 17.68
N ARG J 8 -53.00 -11.60 18.88
CA ARG J 8 -54.24 -11.09 19.45
C ARG J 8 -54.09 -9.60 19.72
N PRO J 9 -55.18 -8.84 19.60
CA PRO J 9 -55.09 -7.38 19.77
C PRO J 9 -54.39 -6.99 21.06
N HIS J 10 -53.36 -6.15 20.93
CA HIS J 10 -52.63 -5.58 22.07
C HIS J 10 -52.08 -6.66 23.00
N ALA J 11 -51.85 -7.86 22.46
CA ALA J 11 -51.19 -8.91 23.22
C ALA J 11 -49.83 -8.46 23.73
N TRP J 12 -49.18 -7.54 23.00
CA TRP J 12 -47.81 -7.13 23.27
C TRP J 12 -47.78 -5.63 23.40
N PRO J 13 -48.29 -5.10 24.52
CA PRO J 13 -48.51 -3.65 24.63
C PRO J 13 -47.23 -2.84 24.64
N PHE J 14 -46.07 -3.50 24.67
CA PHE J 14 -44.79 -2.84 24.49
C PHE J 14 -44.40 -2.70 23.02
N MET J 15 -45.16 -3.34 22.11
CA MET J 15 -44.77 -3.35 20.70
C MET J 15 -44.98 -1.98 20.07
N VAL J 16 -43.96 -1.51 19.37
CA VAL J 16 -43.90 -0.15 18.86
C VAL J 16 -43.62 -0.19 17.37
N SER J 17 -44.23 0.73 16.63
CA SER J 17 -44.02 0.89 15.20
C SER J 17 -43.31 2.22 14.92
N LEU J 18 -42.18 2.16 14.23
CA LEU J 18 -41.53 3.39 13.75
C LEU J 18 -42.00 3.69 12.34
N GLN J 19 -42.41 4.94 12.09
CA GLN J 19 -43.07 5.31 10.85
C GLN J 19 -42.43 6.54 10.23
N LEU J 20 -42.17 6.46 8.92
CA LEU J 20 -41.81 7.60 8.08
C LEU J 20 -42.94 7.83 7.08
N ARG J 21 -43.53 9.02 7.12
CA ARG J 21 -44.85 9.27 6.52
C ARG J 21 -45.82 8.39 7.30
N GLY J 22 -46.77 7.73 6.65
CA GLY J 22 -47.49 6.69 7.35
C GLY J 22 -46.82 5.35 7.28
N GLY J 23 -45.61 5.32 6.71
CA GLY J 23 -44.90 4.09 6.42
C GLY J 23 -44.13 3.50 7.57
N HIS J 24 -44.61 2.37 8.06
CA HIS J 24 -43.86 1.60 9.03
C HIS J 24 -42.57 1.11 8.40
N PHE J 25 -41.43 1.50 8.96
CA PHE J 25 -40.14 1.08 8.43
C PHE J 25 -39.33 0.22 9.39
N CYS J 26 -39.59 0.29 10.69
CA CYS J 26 -38.93 -0.55 11.68
C CYS J 26 -39.85 -0.66 12.89
N GLY J 27 -39.57 -1.66 13.73
CA GLY J 27 -40.24 -1.83 15.00
C GLY J 27 -39.37 -1.36 16.17
N ALA J 28 -39.97 -1.40 17.35
CA ALA J 28 -39.31 -0.92 18.56
C ALA J 28 -40.04 -1.51 19.77
N THR J 29 -39.45 -1.28 20.94
CA THR J 29 -39.98 -1.77 22.20
C THR J 29 -40.06 -0.61 23.18
N LEU J 30 -41.19 -0.47 23.85
CA LEU J 30 -41.32 0.54 24.89
C LEU J 30 -40.62 0.04 26.16
N ILE J 31 -39.56 0.74 26.57
CA ILE J 31 -38.74 0.30 27.70
C ILE J 31 -38.81 1.25 28.88
N ALA J 32 -39.37 2.44 28.69
CA ALA J 32 -39.76 3.34 29.76
C ALA J 32 -40.84 4.26 29.20
N PRO J 33 -41.59 4.97 30.05
CA PRO J 33 -42.65 5.85 29.53
C PRO J 33 -42.19 6.83 28.46
N ASN J 34 -40.92 7.24 28.48
CA ASN J 34 -40.39 8.21 27.53
C ASN J 34 -39.22 7.66 26.73
N PHE J 35 -39.13 6.33 26.60
CA PHE J 35 -38.01 5.68 25.92
C PHE J 35 -38.48 4.43 25.19
N VAL J 36 -38.07 4.31 23.93
CA VAL J 36 -38.17 3.06 23.18
C VAL J 36 -36.76 2.67 22.73
N MET J 37 -36.57 1.37 22.50
CA MET J 37 -35.30 0.90 22.00
C MET J 37 -35.53 0.13 20.70
N SER J 38 -34.60 0.31 19.76
CA SER J 38 -34.71 -0.28 18.43
C SER J 38 -33.32 -0.71 17.97
N ALA J 39 -33.22 -1.09 16.71
CA ALA J 39 -31.94 -1.39 16.09
C ALA J 39 -31.28 -0.09 15.62
N ALA J 40 -29.96 0.02 15.82
CA ALA J 40 -29.24 1.22 15.41
C ALA J 40 -29.29 1.40 13.89
N HIS J 41 -29.17 0.31 13.13
CA HIS J 41 -29.22 0.46 11.68
C HIS J 41 -30.57 1.00 11.21
N CYS J 42 -31.60 0.92 12.05
CA CYS J 42 -32.93 1.40 11.67
C CYS J 42 -32.95 2.91 11.47
N VAL J 43 -32.19 3.65 12.26
CA VAL J 43 -32.23 5.10 12.19
C VAL J 43 -30.91 5.70 11.75
N ALA J 44 -29.96 4.89 11.28
CA ALA J 44 -28.65 5.42 10.95
C ALA J 44 -28.74 6.49 9.87
N ASN J 45 -29.62 6.31 8.89
CA ASN J 45 -29.62 7.15 7.71
C ASN J 45 -30.90 7.97 7.52
N VAL J 46 -31.90 7.82 8.39
CA VAL J 46 -33.11 8.60 8.23
C VAL J 46 -32.92 9.96 8.89
N ASN J 47 -33.80 10.89 8.55
CA ASN J 47 -33.92 12.12 9.32
C ASN J 47 -34.80 11.83 10.54
N VAL J 48 -34.25 12.05 11.73
CA VAL J 48 -34.91 11.61 12.95
C VAL J 48 -36.20 12.39 13.20
N ARG J 49 -36.22 13.68 12.84
CA ARG J 49 -37.43 14.47 13.07
C ARG J 49 -38.59 14.07 12.15
N ALA J 50 -38.34 13.25 11.14
CA ALA J 50 -39.43 12.75 10.31
C ALA J 50 -40.11 11.52 10.91
N VAL J 51 -39.53 10.92 11.94
CA VAL J 51 -40.01 9.65 12.49
C VAL J 51 -41.08 9.91 13.54
N ARG J 52 -42.11 9.08 13.52
CA ARG J 52 -43.15 9.05 14.54
C ARG J 52 -43.10 7.71 15.27
N VAL J 53 -43.10 7.77 16.59
CA VAL J 53 -43.05 6.57 17.43
C VAL J 53 -44.47 6.23 17.86
N VAL J 54 -45.03 5.18 17.26
CA VAL J 54 -46.45 4.86 17.42
C VAL J 54 -46.57 3.70 18.41
N LEU J 55 -47.21 3.98 19.56
CA LEU J 55 -47.46 3.00 20.60
C LEU J 55 -48.92 2.56 20.55
N GLY J 56 -49.17 1.37 21.10
CA GLY J 56 -50.53 0.87 21.24
C GLY J 56 -51.25 0.63 19.93
N ALA J 57 -50.56 0.09 18.94
CA ALA J 57 -51.16 -0.19 17.65
C ALA J 57 -51.30 -1.68 17.42
N HIS J 58 -52.18 -2.03 16.48
CA HIS J 58 -52.42 -3.43 16.13
C HIS J 58 -52.53 -3.57 14.61
N ASN J 59 -53.59 -3.01 14.05
CA ASN J 59 -53.82 -3.04 12.60
C ASN J 59 -53.39 -1.68 12.06
N LEU J 60 -52.15 -1.62 11.54
CA LEU J 60 -51.58 -0.39 11.03
C LEU J 60 -52.34 0.19 9.84
N SER J 61 -53.23 -0.59 9.22
CA SER J 61 -53.99 -0.13 8.07
C SER J 61 -55.27 0.62 8.45
N ARG J 62 -55.74 0.45 9.68
CA ARG J 62 -56.89 1.20 10.18
C ARG J 62 -56.40 2.44 10.93
N ARG J 63 -57.35 3.22 11.43
CA ARG J 63 -57.08 4.32 12.34
C ARG J 63 -57.52 3.89 13.73
N GLU J 64 -56.58 3.81 14.66
CA GLU J 64 -56.85 3.21 15.95
C GLU J 64 -56.75 4.24 17.05
N PRO J 65 -57.83 4.45 17.82
CA PRO J 65 -57.78 5.42 18.94
C PRO J 65 -56.91 4.95 20.08
N THR J 66 -56.51 3.68 20.07
CA THR J 66 -55.57 3.14 21.04
C THR J 66 -54.19 3.77 20.89
N ARG J 67 -53.86 4.29 19.72
CA ARG J 67 -52.52 4.78 19.45
C ARG J 67 -52.19 6.02 20.27
N GLN J 68 -50.92 6.10 20.66
CA GLN J 68 -50.28 7.29 21.20
C GLN J 68 -49.03 7.54 20.37
N VAL J 69 -48.84 8.76 19.88
CA VAL J 69 -47.82 9.06 18.89
C VAL J 69 -46.88 10.12 19.44
N PHE J 70 -45.58 9.92 19.23
CA PHE J 70 -44.56 10.79 19.78
C PHE J 70 -43.48 11.03 18.74
N ALA J 71 -42.75 12.12 18.92
CA ALA J 71 -41.53 12.39 18.17
C ALA J 71 -40.30 11.97 18.98
N VAL J 72 -39.15 11.99 18.32
CA VAL J 72 -37.88 11.66 18.95
C VAL J 72 -37.22 12.96 19.38
N GLN J 73 -36.75 13.01 20.63
CA GLN J 73 -36.02 14.17 21.12
C GLN J 73 -34.50 13.97 21.11
N ARG J 74 -34.03 12.73 21.25
CA ARG J 74 -32.60 12.48 21.32
C ARG J 74 -32.35 11.03 20.94
N ILE J 75 -31.17 10.77 20.37
CA ILE J 75 -30.71 9.43 20.03
C ILE J 75 -29.55 9.07 20.96
N PHE J 76 -29.58 7.85 21.48
CA PHE J 76 -28.46 7.30 22.25
C PHE J 76 -27.98 6.03 21.57
N GLU J 77 -26.66 5.86 21.49
CA GLU J 77 -26.09 4.67 20.88
C GLU J 77 -24.87 4.23 21.66
N ASN J 78 -24.59 2.93 21.58
CA ASN J 78 -23.49 2.31 22.33
C ASN J 78 -22.42 1.80 21.38
N GLY J 79 -22.00 2.63 20.43
CA GLY J 79 -20.92 2.28 19.53
C GLY J 79 -21.29 1.33 18.40
N TYR J 80 -22.34 1.68 17.66
CA TYR J 80 -22.80 0.86 16.55
C TYR J 80 -21.70 0.68 15.51
N ASP J 81 -21.38 -0.57 15.21
CA ASP J 81 -20.43 -0.95 14.16
C ASP J 81 -21.24 -1.43 12.97
N PRO J 82 -21.47 -0.60 11.94
CA PRO J 82 -22.27 -1.06 10.79
C PRO J 82 -21.53 -2.05 9.89
N VAL J 83 -20.20 -2.15 10.02
CA VAL J 83 -19.44 -3.09 9.20
C VAL J 83 -19.68 -4.53 9.69
N ASN J 84 -19.62 -4.73 11.00
CA ASN J 84 -19.76 -6.06 11.58
C ASN J 84 -21.11 -6.28 12.26
N LEU J 85 -22.03 -5.32 12.15
CA LEU J 85 -23.34 -5.37 12.81
C LEU J 85 -23.19 -5.72 14.28
N LEU J 86 -22.29 -5.03 14.95
CA LEU J 86 -22.12 -5.14 16.38
C LEU J 86 -22.79 -3.96 17.07
N ASN J 87 -23.26 -4.20 18.30
CA ASN J 87 -23.91 -3.16 19.11
C ASN J 87 -25.02 -2.47 18.33
N ASP J 88 -25.84 -3.28 17.65
CA ASP J 88 -26.91 -2.78 16.81
C ASP J 88 -28.14 -2.50 17.67
N ILE J 89 -27.99 -1.50 18.56
CA ILE J 89 -29.04 -1.07 19.48
C ILE J 89 -29.09 0.45 19.51
N VAL J 90 -30.30 0.99 19.69
CA VAL J 90 -30.49 2.42 19.83
C VAL J 90 -31.62 2.66 20.82
N ILE J 91 -31.47 3.66 21.66
CA ILE J 91 -32.55 4.13 22.53
C ILE J 91 -32.99 5.50 22.04
N LEU J 92 -34.29 5.66 21.83
CA LEU J 92 -34.89 6.89 21.36
C LEU J 92 -35.70 7.51 22.51
N GLN J 93 -35.35 8.75 22.86
CA GLN J 93 -36.11 9.48 23.87
C GLN J 93 -37.30 10.15 23.21
N LEU J 94 -38.49 9.90 23.76
CA LEU J 94 -39.71 10.47 23.19
C LEU J 94 -39.85 11.95 23.58
N ASN J 95 -40.63 12.68 22.78
CA ASN J 95 -41.02 14.06 23.12
C ASN J 95 -42.11 14.10 24.17
N GLY J 96 -42.03 13.23 25.17
CA GLY J 96 -43.03 13.19 26.22
C GLY J 96 -43.07 11.80 26.81
N SER J 97 -44.04 11.60 27.69
CA SER J 97 -44.20 10.34 28.41
C SER J 97 -45.52 9.69 28.04
N ALA J 98 -45.47 8.37 27.81
CA ALA J 98 -46.66 7.62 27.44
C ALA J 98 -47.61 7.47 28.63
N THR J 99 -48.90 7.44 28.32
CA THR J 99 -49.94 7.11 29.29
C THR J 99 -50.08 5.60 29.32
N ILE J 100 -49.79 5.00 30.46
CA ILE J 100 -49.78 3.54 30.60
C ILE J 100 -51.21 3.05 30.73
N ASN J 101 -51.59 2.08 29.91
CA ASN J 101 -52.88 1.43 30.02
C ASN J 101 -52.74 -0.01 29.56
N ALA J 102 -53.88 -0.69 29.39
CA ALA J 102 -53.87 -2.09 28.96
C ALA J 102 -53.21 -2.28 27.60
N ASN J 103 -53.11 -1.21 26.78
CA ASN J 103 -52.58 -1.31 25.44
C ASN J 103 -51.20 -0.69 25.26
N VAL J 104 -50.74 0.11 26.22
CA VAL J 104 -49.44 0.76 26.14
C VAL J 104 -48.73 0.50 27.47
N GLN J 105 -47.81 -0.47 27.48
CA GLN J 105 -47.11 -0.82 28.70
C GLN J 105 -45.63 -0.99 28.45
N VAL J 106 -44.87 -0.91 29.53
CA VAL J 106 -43.42 -0.99 29.47
C VAL J 106 -43.01 -2.46 29.52
N ALA J 107 -42.08 -2.84 28.65
CA ALA J 107 -41.58 -4.21 28.64
C ALA J 107 -40.49 -4.40 29.68
N GLN J 108 -40.26 -5.66 30.04
CA GLN J 108 -39.25 -6.05 31.02
C GLN J 108 -38.02 -6.64 30.34
N LEU J 109 -36.85 -6.21 30.79
CA LEU J 109 -35.57 -6.60 30.21
C LEU J 109 -34.81 -7.57 31.12
N PRO J 110 -33.89 -8.36 30.58
CA PRO J 110 -33.13 -9.29 31.40
C PRO J 110 -32.06 -8.55 32.20
N ALA J 111 -31.35 -9.29 33.04
CA ALA J 111 -30.20 -8.75 33.75
C ALA J 111 -28.94 -8.85 32.89
N GLN J 112 -27.97 -7.99 33.19
CA GLN J 112 -26.77 -7.81 32.38
C GLN J 112 -25.94 -9.09 32.29
N GLY J 113 -25.86 -9.67 31.09
CA GLY J 113 -25.03 -10.84 30.86
C GLY J 113 -25.77 -12.16 30.75
N ARG J 114 -27.10 -12.19 30.94
CA ARG J 114 -27.82 -13.44 30.86
C ARG J 114 -27.82 -13.96 29.43
N ARG J 115 -27.22 -15.13 29.22
CA ARG J 115 -27.11 -15.72 27.90
C ARG J 115 -28.11 -16.88 27.78
N LEU J 116 -28.87 -16.88 26.70
CA LEU J 116 -29.90 -17.89 26.45
C LEU J 116 -29.30 -19.11 25.77
N GLY J 117 -29.61 -20.29 26.30
CA GLY J 117 -29.07 -21.52 25.75
C GLY J 117 -29.82 -22.04 24.53
N ASN J 118 -29.17 -22.98 23.85
CA ASN J 118 -29.73 -23.67 22.70
C ASN J 118 -31.06 -24.32 23.07
N GLY J 119 -32.11 -24.02 22.32
CA GLY J 119 -33.40 -24.65 22.50
C GLY J 119 -34.46 -23.81 23.18
N VAL J 120 -34.08 -22.69 23.81
CA VAL J 120 -35.07 -21.87 24.51
C VAL J 120 -36.12 -21.38 23.53
N GLN J 121 -37.38 -21.38 23.96
CA GLN J 121 -38.53 -21.07 23.12
C GLN J 121 -38.92 -19.60 23.30
N CYS J 122 -38.86 -18.85 22.21
CA CYS J 122 -39.09 -17.41 22.20
C CYS J 122 -40.19 -17.08 21.20
N LEU J 123 -40.60 -15.82 21.19
CA LEU J 123 -41.60 -15.36 20.24
C LEU J 123 -41.07 -14.10 19.56
N ALA J 124 -40.92 -14.16 18.25
CA ALA J 124 -40.65 -12.96 17.45
C ALA J 124 -41.98 -12.32 17.03
N MET J 125 -41.92 -11.06 16.62
CA MET J 125 -43.12 -10.33 16.23
C MET J 125 -42.74 -9.08 15.44
N GLY J 126 -43.72 -8.52 14.76
CA GLY J 126 -43.51 -7.31 13.99
C GLY J 126 -44.49 -7.16 12.85
N TRP J 127 -44.42 -5.99 12.19
CA TRP J 127 -45.24 -5.62 11.05
C TRP J 127 -44.48 -5.66 9.71
N GLY J 128 -43.37 -6.39 9.65
CA GLY J 128 -42.65 -6.52 8.40
C GLY J 128 -43.43 -7.35 7.39
N LEU J 129 -42.80 -7.55 6.23
CA LEU J 129 -43.42 -8.28 5.14
C LEU J 129 -43.89 -9.66 5.57
N LEU J 130 -44.98 -10.11 4.96
CA LEU J 130 -45.57 -11.43 5.19
C LEU J 130 -45.12 -12.47 4.18
N GLY J 131 -44.52 -12.05 3.07
CA GLY J 131 -43.83 -12.96 2.19
C GLY J 131 -42.38 -12.52 2.05
N ARG J 132 -41.50 -13.42 1.61
CA ARG J 132 -40.10 -13.07 1.46
C ARG J 132 -39.92 -11.92 0.48
N ASN J 133 -40.77 -11.85 -0.55
CA ASN J 133 -40.68 -10.84 -1.61
C ASN J 133 -41.70 -9.71 -1.47
N ARG J 134 -42.90 -10.00 -0.96
CA ARG J 134 -44.01 -9.07 -1.13
C ARG J 134 -44.94 -9.15 0.09
N GLY J 135 -45.84 -8.18 0.18
CA GLY J 135 -46.90 -8.22 1.16
C GLY J 135 -46.58 -7.50 2.44
N ILE J 136 -46.83 -6.19 2.48
CA ILE J 136 -46.65 -5.45 3.73
C ILE J 136 -47.78 -5.81 4.68
N ALA J 137 -47.45 -5.89 5.97
CA ALA J 137 -48.39 -6.38 6.98
C ALA J 137 -49.16 -5.23 7.60
N SER J 138 -50.44 -5.46 7.86
CA SER J 138 -51.29 -4.52 8.58
C SER J 138 -51.49 -4.93 10.03
N VAL J 139 -51.94 -6.17 10.28
CA VAL J 139 -52.11 -6.66 11.65
C VAL J 139 -50.79 -7.22 12.15
N LEU J 140 -50.47 -6.91 13.42
CA LEU J 140 -49.22 -7.33 14.04
C LEU J 140 -49.10 -8.85 14.08
N GLN J 141 -47.99 -9.36 13.56
CA GLN J 141 -47.73 -10.78 13.45
C GLN J 141 -46.81 -11.24 14.57
N GLU J 142 -46.96 -12.49 15.00
CA GLU J 142 -46.06 -13.11 15.96
C GLU J 142 -45.64 -14.48 15.47
N LEU J 143 -44.51 -14.97 15.99
CA LEU J 143 -43.87 -16.16 15.44
C LEU J 143 -43.11 -16.92 16.53
N ASN J 144 -43.45 -18.19 16.72
CA ASN J 144 -42.68 -19.03 17.64
C ASN J 144 -41.33 -19.37 17.01
N VAL J 145 -40.25 -19.14 17.77
CA VAL J 145 -38.90 -19.37 17.29
C VAL J 145 -38.09 -20.05 18.41
N THR J 146 -37.02 -20.71 18.00
CA THR J 146 -36.11 -21.42 18.90
C THR J 146 -34.74 -20.78 18.82
N VAL J 147 -34.17 -20.46 19.99
CA VAL J 147 -32.77 -20.02 20.04
C VAL J 147 -31.89 -21.14 19.54
N VAL J 148 -30.91 -20.80 18.72
CA VAL J 148 -29.94 -21.76 18.23
C VAL J 148 -28.53 -21.21 18.40
N THR J 149 -27.59 -22.11 18.68
CA THR J 149 -26.17 -21.74 18.73
C THR J 149 -25.43 -22.05 17.43
N SER J 150 -25.87 -23.04 16.66
CA SER J 150 -25.24 -23.39 15.40
C SER J 150 -25.61 -22.37 14.32
N LEU J 151 -24.64 -22.06 13.44
CA LEU J 151 -24.77 -21.01 12.43
C LEU J 151 -25.00 -19.64 13.06
N CYS J 152 -24.56 -19.44 14.30
CA CYS J 152 -24.66 -18.13 14.92
C CYS J 152 -23.26 -17.63 15.25
N ARG J 153 -23.19 -16.58 16.06
CA ARG J 153 -21.92 -16.09 16.57
C ARG J 153 -22.20 -15.54 17.95
N ARG J 154 -21.16 -15.46 18.79
CA ARG J 154 -21.39 -15.17 20.20
C ARG J 154 -22.01 -13.78 20.42
N SER J 155 -21.77 -12.84 19.52
CA SER J 155 -22.24 -11.47 19.75
C SER J 155 -23.69 -11.26 19.29
N ASN J 156 -24.44 -12.32 19.00
CA ASN J 156 -25.86 -12.22 18.69
C ASN J 156 -26.62 -13.31 19.41
N VAL J 157 -27.92 -13.10 19.57
CA VAL J 157 -28.87 -14.19 19.79
C VAL J 157 -29.48 -14.53 18.44
N CYS J 158 -29.41 -15.80 18.07
CA CYS J 158 -29.99 -16.24 16.81
C CYS J 158 -31.15 -17.17 17.08
N THR J 159 -32.13 -17.16 16.17
CA THR J 159 -33.33 -17.98 16.32
C THR J 159 -33.67 -18.63 14.98
N LEU J 160 -34.44 -19.72 15.05
CA LEU J 160 -34.74 -20.49 13.85
C LEU J 160 -36.10 -21.17 14.01
N VAL J 161 -36.79 -21.34 12.88
CA VAL J 161 -38.02 -22.12 12.82
C VAL J 161 -37.68 -23.36 12.00
N ARG J 162 -37.39 -24.44 12.68
CA ARG J 162 -36.76 -25.58 12.03
C ARG J 162 -37.76 -26.34 11.16
N GLY J 163 -37.33 -26.68 9.94
CA GLY J 163 -38.14 -27.43 8.99
C GLY J 163 -39.15 -26.61 8.22
N ARG J 164 -39.26 -25.32 8.50
CA ARG J 164 -40.27 -24.47 7.91
C ARG J 164 -39.60 -23.21 7.41
N GLN J 165 -40.20 -22.56 6.42
CA GLN J 165 -39.65 -21.31 5.90
C GLN J 165 -40.42 -20.18 6.59
N ALA J 166 -39.89 -19.74 7.72
CA ALA J 166 -40.51 -18.71 8.54
C ALA J 166 -39.41 -17.91 9.25
N GLY J 167 -39.67 -16.63 9.45
CA GLY J 167 -38.70 -15.77 10.10
C GLY J 167 -39.09 -14.31 9.96
N VAL J 168 -38.21 -13.45 10.47
CA VAL J 168 -38.43 -12.02 10.30
C VAL J 168 -38.16 -11.65 8.84
N CYS J 169 -38.79 -10.56 8.38
CA CYS J 169 -38.55 -10.04 7.05
C CYS J 169 -38.55 -8.51 7.12
N PHE J 170 -38.47 -7.88 5.95
CA PHE J 170 -38.16 -6.46 5.87
C PHE J 170 -39.27 -5.64 6.53
N GLY J 171 -38.87 -4.71 7.39
CA GLY J 171 -39.77 -4.01 8.28
C GLY J 171 -39.75 -4.54 9.71
N ASP J 172 -39.21 -5.75 9.93
CA ASP J 172 -39.17 -6.30 11.28
C ASP J 172 -37.91 -5.91 12.05
N SER J 173 -36.91 -5.35 11.38
CA SER J 173 -35.77 -4.74 12.07
C SER J 173 -36.23 -3.91 13.27
N GLY J 174 -35.48 -4.01 14.35
CA GLY J 174 -35.81 -3.28 15.55
C GLY J 174 -36.84 -3.94 16.44
N SER J 175 -37.51 -4.97 15.96
CA SER J 175 -38.60 -5.51 16.76
C SER J 175 -38.07 -6.38 17.89
N PRO J 176 -38.84 -6.53 18.97
CA PRO J 176 -38.37 -7.31 20.11
C PRO J 176 -38.45 -8.82 19.87
N LEU J 177 -37.53 -9.53 20.52
CA LEU J 177 -37.66 -10.97 20.71
C LEU J 177 -38.03 -11.19 22.17
N VAL J 178 -39.11 -11.93 22.42
CA VAL J 178 -39.60 -12.14 23.78
C VAL J 178 -39.33 -13.59 24.19
N CYS J 179 -38.50 -13.77 25.23
CA CYS J 179 -38.15 -15.10 25.76
C CYS J 179 -38.42 -15.15 27.25
N ASN J 180 -39.19 -16.15 27.66
CA ASN J 180 -39.63 -16.31 29.05
C ASN J 180 -40.14 -14.98 29.60
N GLY J 181 -40.84 -14.22 28.76
CA GLY J 181 -41.41 -12.97 29.19
C GLY J 181 -40.47 -11.79 29.29
N LEU J 182 -39.25 -11.89 28.74
CA LEU J 182 -38.29 -10.80 28.79
C LEU J 182 -37.76 -10.51 27.39
N ILE J 183 -37.37 -9.26 27.16
CA ILE J 183 -36.90 -8.83 25.83
C ILE J 183 -35.41 -9.15 25.77
N HIS J 184 -35.09 -10.27 25.12
CA HIS J 184 -33.72 -10.71 24.93
C HIS J 184 -33.14 -10.31 23.57
N GLY J 185 -33.95 -9.78 22.66
CA GLY J 185 -33.48 -9.55 21.30
C GLY J 185 -34.06 -8.31 20.67
N ILE J 186 -33.28 -7.73 19.75
CA ILE J 186 -33.72 -6.68 18.83
C ILE J 186 -33.39 -7.18 17.42
N ALA J 187 -34.41 -7.35 16.58
CA ALA J 187 -34.17 -7.90 15.25
C ALA J 187 -33.12 -7.08 14.52
N SER J 188 -32.08 -7.76 14.03
CA SER J 188 -30.90 -7.09 13.47
C SER J 188 -30.56 -7.52 12.05
N PHE J 189 -30.41 -8.81 11.77
CA PHE J 189 -30.12 -9.17 10.38
C PHE J 189 -30.59 -10.58 10.03
N VAL J 190 -30.81 -10.79 8.72
CA VAL J 190 -31.10 -12.10 8.17
C VAL J 190 -29.94 -12.55 7.28
N ARG J 191 -29.95 -13.83 6.92
CA ARG J 191 -28.89 -14.42 6.10
C ARG J 191 -29.50 -15.26 5.01
N GLY J 192 -29.15 -14.96 3.76
CA GLY J 192 -29.75 -15.65 2.63
C GLY J 192 -31.19 -15.26 2.34
N GLY J 193 -31.51 -13.97 2.47
CA GLY J 193 -32.90 -13.53 2.37
C GLY J 193 -33.71 -13.96 3.60
N CYS J 194 -34.96 -13.51 3.61
CA CYS J 194 -35.89 -13.85 4.68
C CYS J 194 -36.34 -15.30 4.56
N ALA J 195 -36.67 -15.91 5.70
CA ALA J 195 -37.34 -17.20 5.74
C ALA J 195 -36.63 -18.22 4.87
N SER J 196 -35.29 -18.24 4.93
CA SER J 196 -34.55 -19.21 4.14
C SER J 196 -34.80 -20.63 4.61
N GLY J 197 -35.13 -20.81 5.88
CA GLY J 197 -35.28 -22.15 6.41
C GLY J 197 -33.97 -22.88 6.58
N LEU J 198 -32.86 -22.17 6.39
CA LEU J 198 -31.50 -22.68 6.50
C LEU J 198 -30.71 -21.96 7.56
N TYR J 199 -30.71 -20.64 7.54
CA TYR J 199 -29.88 -19.89 8.45
C TYR J 199 -30.73 -19.17 9.46
N PRO J 200 -30.26 -19.04 10.70
CA PRO J 200 -31.05 -18.36 11.72
C PRO J 200 -31.14 -16.87 11.49
N ASP J 201 -32.18 -16.27 12.07
CA ASP J 201 -32.29 -14.82 12.19
C ASP J 201 -31.41 -14.36 13.34
N ALA J 202 -30.85 -13.17 13.22
CA ALA J 202 -29.91 -12.70 14.23
C ALA J 202 -30.45 -11.46 14.91
N PHE J 203 -30.37 -11.47 16.23
CA PHE J 203 -30.91 -10.43 17.09
C PHE J 203 -29.78 -9.79 17.87
N ALA J 204 -29.89 -8.49 18.10
CA ALA J 204 -28.96 -7.82 18.99
C ALA J 204 -29.22 -8.33 20.41
N PRO J 205 -28.18 -8.73 21.14
CA PRO J 205 -28.41 -9.37 22.45
C PRO J 205 -28.59 -8.36 23.59
N VAL J 206 -29.85 -8.08 23.89
CA VAL J 206 -30.21 -7.03 24.84
C VAL J 206 -29.48 -7.19 26.17
N ALA J 207 -29.35 -8.44 26.65
CA ALA J 207 -28.77 -8.65 27.97
C ALA J 207 -27.36 -8.11 28.09
N GLN J 208 -26.57 -8.18 27.01
CA GLN J 208 -25.23 -7.61 27.01
C GLN J 208 -25.22 -6.09 27.13
N PHE J 209 -26.35 -5.41 26.91
CA PHE J 209 -26.42 -3.95 26.94
C PHE J 209 -27.22 -3.41 28.11
N VAL J 210 -27.51 -4.22 29.12
CA VAL J 210 -28.44 -3.81 30.16
C VAL J 210 -27.92 -2.58 30.90
N ASN J 211 -26.61 -2.52 31.14
CA ASN J 211 -26.09 -1.42 31.95
C ASN J 211 -26.02 -0.11 31.18
N TRP J 212 -25.80 -0.17 29.87
CA TRP J 212 -25.93 1.03 29.05
C TRP J 212 -27.38 1.51 28.99
N ILE J 213 -28.35 0.59 29.02
CA ILE J 213 -29.76 0.97 28.98
C ILE J 213 -30.19 1.56 30.32
N ASP J 214 -29.99 0.82 31.41
CA ASP J 214 -30.32 1.32 32.75
C ASP J 214 -29.63 2.64 33.07
N SER J 215 -28.52 2.96 32.40
CA SER J 215 -27.87 4.25 32.53
C SER J 215 -28.52 5.32 31.66
N ILE J 216 -29.05 4.95 30.49
CA ILE J 216 -29.73 5.94 29.64
C ILE J 216 -31.11 6.26 30.21
N ILE J 217 -31.81 5.26 30.75
CA ILE J 217 -33.17 5.46 31.23
C ILE J 217 -33.25 5.63 32.75
N GLN J 218 -32.11 5.82 33.41
CA GLN J 218 -32.06 6.07 34.86
C GLN J 218 -32.91 5.11 35.68
N ILE K 1 -19.99 19.32 -19.44
CA ILE K 1 -18.66 19.87 -19.68
C ILE K 1 -18.17 20.56 -18.42
N ILE K 2 -16.98 20.16 -17.94
CA ILE K 2 -16.34 20.75 -16.77
C ILE K 2 -15.28 21.74 -17.23
N GLY K 3 -15.25 22.93 -16.63
CA GLY K 3 -14.27 23.94 -16.95
C GLY K 3 -14.43 24.62 -18.29
N GLY K 4 -15.58 24.48 -18.93
CA GLY K 4 -15.78 24.98 -20.28
C GLY K 4 -16.41 26.36 -20.33
N ARG K 5 -17.00 26.67 -21.49
CA ARG K 5 -17.76 27.89 -21.68
C ARG K 5 -19.01 27.55 -22.48
N GLU K 6 -20.03 28.40 -22.35
CA GLU K 6 -21.22 28.21 -23.17
C GLU K 6 -20.83 28.42 -24.63
N SER K 7 -21.35 27.58 -25.51
CA SER K 7 -21.05 27.72 -26.93
C SER K 7 -21.78 28.93 -27.51
N ARG K 8 -21.21 29.52 -28.56
CA ARG K 8 -21.99 30.45 -29.36
C ARG K 8 -23.18 29.69 -29.93
N PRO K 9 -24.41 30.20 -29.78
CA PRO K 9 -25.60 29.43 -30.17
C PRO K 9 -25.55 28.97 -31.64
N HIS K 10 -25.77 27.67 -31.84
CA HIS K 10 -25.87 27.06 -33.16
C HIS K 10 -24.58 27.17 -33.98
N SER K 11 -23.46 27.42 -33.32
CA SER K 11 -22.16 27.42 -33.98
C SER K 11 -21.62 26.01 -34.19
N ARG K 12 -22.30 24.99 -33.66
CA ARG K 12 -21.92 23.60 -33.84
C ARG K 12 -23.14 22.82 -34.31
N PRO K 13 -23.56 23.07 -35.56
CA PRO K 13 -24.89 22.64 -36.02
C PRO K 13 -25.01 21.16 -36.32
N TYR K 14 -23.93 20.38 -36.15
CA TYR K 14 -24.00 18.92 -36.21
C TYR K 14 -24.33 18.29 -34.85
N MET K 15 -24.31 19.08 -33.76
CA MET K 15 -24.55 18.56 -32.43
C MET K 15 -25.94 17.97 -32.30
N ALA K 16 -26.03 16.79 -31.69
CA ALA K 16 -27.28 16.07 -31.48
C ALA K 16 -27.45 15.82 -29.99
N TYR K 17 -28.67 16.09 -29.47
CA TYR K 17 -29.02 15.82 -28.09
C TYR K 17 -29.90 14.57 -28.06
N LEU K 18 -29.50 13.56 -27.27
CA LEU K 18 -30.14 12.25 -27.31
C LEU K 18 -30.91 11.99 -26.03
N GLN K 19 -32.16 11.57 -26.16
CA GLN K 19 -32.94 11.06 -25.03
C GLN K 19 -33.21 9.58 -25.28
N ILE K 20 -32.81 8.74 -24.32
CA ILE K 20 -32.88 7.29 -24.45
C ILE K 20 -33.73 6.74 -23.32
N GLN K 21 -34.68 5.89 -23.68
CA GLN K 21 -35.56 5.25 -22.71
C GLN K 21 -35.58 3.76 -22.98
N SER K 22 -35.55 3.00 -21.89
CA SER K 22 -35.77 1.57 -21.86
C SER K 22 -36.72 1.31 -20.70
N PRO K 23 -37.37 0.13 -20.67
CA PRO K 23 -38.20 -0.18 -19.52
C PRO K 23 -37.45 -0.05 -18.17
N ALA K 24 -36.12 -0.08 -18.16
CA ALA K 24 -35.36 -0.04 -16.92
C ALA K 24 -35.03 1.37 -16.45
N GLY K 25 -35.04 2.37 -17.33
CA GLY K 25 -34.64 3.71 -16.94
C GLY K 25 -34.44 4.59 -18.16
N GLN K 26 -33.79 5.72 -17.95
CA GLN K 26 -33.64 6.72 -19.00
C GLN K 26 -32.27 7.37 -18.89
N SER K 27 -31.75 7.78 -20.04
CA SER K 27 -30.43 8.38 -20.11
C SER K 27 -30.42 9.54 -21.11
N ARG K 28 -29.47 10.43 -20.89
CA ARG K 28 -29.18 11.52 -21.82
C ARG K 28 -27.73 11.44 -22.27
N CYS K 29 -27.51 11.60 -23.60
CA CYS K 29 -26.20 11.60 -24.23
C CYS K 29 -26.17 12.72 -25.27
N GLY K 30 -24.99 12.92 -25.85
CA GLY K 30 -24.83 13.64 -27.08
C GLY K 30 -24.53 12.71 -28.25
N GLY K 31 -24.35 13.33 -29.39
CA GLY K 31 -24.05 12.66 -30.66
C GLY K 31 -23.76 13.76 -31.67
N PHE K 32 -23.55 13.35 -32.90
CA PHE K 32 -23.31 14.35 -33.92
C PHE K 32 -23.74 13.80 -35.27
N LEU K 33 -24.35 14.68 -36.07
CA LEU K 33 -24.87 14.34 -37.38
C LEU K 33 -23.72 14.13 -38.36
N VAL K 34 -23.71 12.98 -39.04
CA VAL K 34 -22.67 12.68 -40.02
C VAL K 34 -23.23 12.57 -41.44
N ARG K 35 -24.54 12.40 -41.59
CA ARG K 35 -25.22 12.59 -42.87
C ARG K 35 -26.65 12.98 -42.52
N GLU K 36 -27.41 13.42 -43.52
CA GLU K 36 -28.76 13.92 -43.23
C GLU K 36 -29.63 12.85 -42.53
N ASP K 37 -29.24 11.58 -42.58
CA ASP K 37 -30.02 10.47 -42.03
C ASP K 37 -29.30 9.67 -40.95
N PHE K 38 -28.11 10.08 -40.53
CA PHE K 38 -27.37 9.31 -39.54
C PHE K 38 -26.70 10.22 -38.52
N VAL K 39 -26.78 9.80 -37.25
CA VAL K 39 -26.09 10.43 -36.13
C VAL K 39 -25.10 9.41 -35.59
N LEU K 40 -23.88 9.86 -35.29
CA LEU K 40 -22.88 9.01 -34.66
C LEU K 40 -22.78 9.32 -33.17
N THR K 41 -22.70 8.28 -32.35
CA THR K 41 -22.63 8.48 -30.90
C THR K 41 -21.92 7.25 -30.32
N ALA K 42 -22.04 7.08 -29.00
CA ALA K 42 -21.43 5.95 -28.30
C ALA K 42 -22.39 4.77 -28.19
N ALA K 43 -21.84 3.56 -28.32
CA ALA K 43 -22.65 2.36 -28.17
C ALA K 43 -23.20 2.23 -26.76
N HIS K 44 -22.53 2.79 -25.76
CA HIS K 44 -23.09 2.68 -24.41
C HIS K 44 -24.31 3.57 -24.22
N CYS K 45 -24.69 4.38 -25.22
CA CYS K 45 -25.91 5.17 -25.15
C CYS K 45 -27.11 4.44 -25.74
N TRP K 46 -26.97 3.16 -26.07
CA TRP K 46 -28.03 2.40 -26.72
C TRP K 46 -29.22 2.21 -25.78
N GLY K 47 -30.40 2.01 -26.37
CA GLY K 47 -31.59 1.71 -25.60
C GLY K 47 -32.75 1.36 -26.51
N SER K 48 -33.92 1.17 -25.89
CA SER K 48 -35.08 0.70 -26.66
C SER K 48 -35.59 1.76 -27.62
N ASN K 49 -35.65 3.01 -27.18
CA ASN K 49 -36.21 4.12 -27.92
C ASN K 49 -35.29 5.31 -27.74
N ILE K 50 -35.03 6.02 -28.82
CA ILE K 50 -34.10 7.14 -28.78
C ILE K 50 -34.70 8.31 -29.56
N ASN K 51 -34.93 9.43 -28.88
CA ASN K 51 -35.27 10.68 -29.53
C ASN K 51 -34.02 11.49 -29.76
N VAL K 52 -33.90 12.05 -30.96
CA VAL K 52 -32.77 12.89 -31.34
C VAL K 52 -33.30 14.31 -31.51
N THR K 53 -32.60 15.29 -30.96
CA THR K 53 -32.91 16.69 -31.24
C THR K 53 -31.72 17.37 -31.90
N LEU K 54 -31.93 17.86 -33.13
CA LEU K 54 -30.97 18.66 -33.87
C LEU K 54 -31.32 20.13 -33.79
N GLY K 55 -30.31 20.97 -34.03
CA GLY K 55 -30.52 22.40 -34.11
C GLY K 55 -30.79 23.07 -32.78
N ALA K 56 -30.28 22.50 -31.69
CA ALA K 56 -30.59 22.98 -30.36
C ALA K 56 -29.45 23.82 -29.78
N HIS K 57 -29.81 24.83 -29.01
CA HIS K 57 -28.87 25.43 -28.08
C HIS K 57 -29.35 25.26 -26.65
N ASN K 58 -30.52 25.79 -26.32
CA ASN K 58 -31.14 25.63 -25.02
C ASN K 58 -32.12 24.48 -25.11
N ILE K 59 -31.76 23.34 -24.53
CA ILE K 59 -32.60 22.14 -24.58
C ILE K 59 -33.76 22.20 -23.62
N GLN K 60 -33.85 23.25 -22.80
CA GLN K 60 -35.01 23.47 -21.95
C GLN K 60 -36.13 24.27 -22.63
N ARG K 61 -36.02 24.52 -23.93
CA ARG K 61 -36.99 25.32 -24.65
C ARG K 61 -37.12 24.75 -26.07
N ARG K 62 -38.33 24.71 -26.60
CA ARG K 62 -38.51 24.24 -27.98
C ARG K 62 -38.17 25.39 -28.91
N GLU K 63 -36.89 25.56 -29.19
CA GLU K 63 -36.44 26.59 -30.11
C GLU K 63 -36.96 26.31 -31.52
N ASN K 64 -37.14 27.36 -32.32
CA ASN K 64 -37.67 27.16 -33.65
C ASN K 64 -36.67 26.46 -34.56
N THR K 65 -35.38 26.56 -34.26
CA THR K 65 -34.30 25.87 -34.97
C THR K 65 -34.26 24.36 -34.71
N GLN K 66 -35.01 23.85 -33.75
CA GLN K 66 -34.91 22.44 -33.42
C GLN K 66 -35.66 21.56 -34.41
N GLN K 67 -35.11 20.37 -34.63
CA GLN K 67 -35.75 19.31 -35.41
C GLN K 67 -35.72 18.04 -34.56
N HIS K 68 -36.89 17.48 -34.29
CA HIS K 68 -37.05 16.33 -33.40
C HIS K 68 -37.34 15.11 -34.25
N ILE K 69 -36.42 14.15 -34.23
CA ILE K 69 -36.55 12.93 -35.02
C ILE K 69 -36.23 11.74 -34.13
N THR K 70 -37.02 10.69 -34.25
CA THR K 70 -36.75 9.45 -33.54
C THR K 70 -35.78 8.61 -34.35
N ALA K 71 -35.00 7.77 -33.65
CA ALA K 71 -34.05 6.88 -34.32
C ALA K 71 -34.79 5.65 -34.82
N ARG K 72 -34.69 5.38 -36.12
CA ARG K 72 -35.34 4.21 -36.68
C ARG K 72 -34.53 2.95 -36.38
N ARG K 73 -33.21 3.06 -36.42
CA ARG K 73 -32.33 1.98 -35.98
C ARG K 73 -31.20 2.59 -35.17
N ALA K 74 -30.73 1.81 -34.20
CA ALA K 74 -29.60 2.18 -33.35
C ALA K 74 -28.61 1.04 -33.45
N ILE K 75 -27.59 1.21 -34.29
CA ILE K 75 -26.70 0.12 -34.71
C ILE K 75 -25.39 0.24 -33.92
N ARG K 76 -25.30 -0.55 -32.84
CA ARG K 76 -24.05 -0.69 -32.10
C ARG K 76 -23.02 -1.41 -32.95
N HIS K 77 -21.75 -1.05 -32.77
CA HIS K 77 -20.69 -1.79 -33.41
C HIS K 77 -20.79 -3.28 -33.05
N PRO K 78 -20.64 -4.19 -34.02
CA PRO K 78 -20.79 -5.63 -33.72
C PRO K 78 -19.81 -6.16 -32.69
N GLN K 79 -18.66 -5.52 -32.49
CA GLN K 79 -17.71 -5.99 -31.49
C GLN K 79 -17.63 -5.03 -30.32
N TYR K 80 -18.66 -4.19 -30.15
CA TYR K 80 -18.80 -3.46 -28.91
C TYR K 80 -18.76 -4.44 -27.75
N ASN K 81 -17.85 -4.18 -26.82
CA ASN K 81 -17.68 -4.94 -25.58
C ASN K 81 -18.00 -3.98 -24.45
N GLN K 82 -19.15 -4.18 -23.82
CA GLN K 82 -19.58 -3.24 -22.79
C GLN K 82 -18.81 -3.40 -21.48
N ARG K 83 -18.06 -4.48 -21.29
CA ARG K 83 -17.33 -4.54 -20.01
C ARG K 83 -16.02 -3.78 -20.10
N THR K 84 -15.28 -3.93 -21.21
CA THR K 84 -14.03 -3.22 -21.42
C THR K 84 -14.23 -1.89 -22.12
N ILE K 85 -15.44 -1.58 -22.57
CA ILE K 85 -15.78 -0.36 -23.31
C ILE K 85 -14.88 -0.23 -24.54
N GLN K 86 -14.69 -1.32 -25.29
CA GLN K 86 -13.99 -1.20 -26.55
C GLN K 86 -15.01 -1.23 -27.70
N ASN K 87 -14.59 -0.65 -28.82
CA ASN K 87 -15.46 -0.49 -29.98
C ASN K 87 -16.75 0.24 -29.60
N ASP K 88 -16.61 1.27 -28.75
CA ASP K 88 -17.73 2.06 -28.21
C ASP K 88 -18.21 3.05 -29.26
N ILE K 89 -18.96 2.55 -30.24
CA ILE K 89 -19.43 3.38 -31.34
C ILE K 89 -20.76 2.84 -31.84
N MET K 90 -21.69 3.76 -32.19
CA MET K 90 -23.03 3.41 -32.61
C MET K 90 -23.51 4.42 -33.65
N LEU K 91 -24.15 3.93 -34.72
CA LEU K 91 -24.82 4.77 -35.70
C LEU K 91 -26.33 4.76 -35.46
N LEU K 92 -26.94 5.95 -35.48
CA LEU K 92 -28.38 6.11 -35.37
C LEU K 92 -28.94 6.45 -36.75
N GLN K 93 -29.67 5.50 -37.35
CA GLN K 93 -30.39 5.82 -38.57
C GLN K 93 -31.66 6.58 -38.21
N LEU K 94 -31.84 7.75 -38.85
CA LEU K 94 -32.94 8.63 -38.50
C LEU K 94 -34.21 8.21 -39.21
N SER K 95 -35.35 8.41 -38.53
CA SER K 95 -36.65 8.08 -39.12
C SER K 95 -36.98 8.95 -40.33
N ARG K 96 -36.50 10.19 -40.35
CA ARG K 96 -36.58 11.04 -41.53
C ARG K 96 -35.26 11.74 -41.69
N ARG K 97 -34.96 12.18 -42.91
CA ARG K 97 -33.80 13.04 -43.08
C ARG K 97 -34.07 14.38 -42.42
N VAL K 98 -33.01 15.02 -41.94
CA VAL K 98 -33.13 16.37 -41.38
C VAL K 98 -33.41 17.34 -42.53
N ARG K 99 -33.84 18.56 -42.21
CA ARG K 99 -33.81 19.65 -43.18
C ARG K 99 -32.48 20.37 -42.97
N ARG K 100 -31.59 20.30 -43.96
CA ARG K 100 -30.26 20.89 -43.82
C ARG K 100 -30.36 22.41 -43.94
N ASN K 101 -29.76 23.13 -43.00
CA ASN K 101 -29.74 24.59 -42.99
C ASN K 101 -28.54 25.01 -42.17
N ARG K 102 -28.42 26.30 -41.88
CA ARG K 102 -27.25 26.76 -41.14
C ARG K 102 -27.23 26.25 -39.68
N ASN K 103 -28.37 25.80 -39.14
CA ASN K 103 -28.46 25.31 -37.76
C ASN K 103 -28.39 23.79 -37.63
N VAL K 104 -28.47 23.06 -38.74
CA VAL K 104 -28.48 21.60 -38.76
C VAL K 104 -27.74 21.18 -40.03
N ASN K 105 -26.53 20.64 -39.88
CA ASN K 105 -25.81 20.03 -41.00
C ASN K 105 -24.71 19.13 -40.43
N PRO K 106 -24.20 18.18 -41.22
CA PRO K 106 -23.29 17.16 -40.67
C PRO K 106 -21.84 17.63 -40.60
N VAL K 107 -21.05 16.91 -39.82
CA VAL K 107 -19.65 17.24 -39.63
C VAL K 107 -18.78 16.19 -40.33
N ALA K 108 -17.67 16.63 -40.89
CA ALA K 108 -16.71 15.73 -41.54
C ALA K 108 -15.98 14.86 -40.52
N LEU K 109 -15.69 13.63 -40.92
CA LEU K 109 -14.89 12.64 -40.22
C LEU K 109 -13.46 12.63 -40.78
N PRO K 110 -12.48 12.13 -40.02
CA PRO K 110 -11.10 12.14 -40.53
C PRO K 110 -10.92 11.18 -41.70
N ARG K 111 -9.76 11.27 -42.35
CA ARG K 111 -9.36 10.22 -43.29
C ARG K 111 -9.13 8.91 -42.55
N ALA K 112 -9.21 7.81 -43.28
CA ALA K 112 -9.09 6.51 -42.63
C ALA K 112 -7.70 6.36 -42.02
N GLN K 113 -7.66 5.87 -40.79
CA GLN K 113 -6.45 5.64 -39.99
C GLN K 113 -5.73 6.93 -39.61
N GLU K 114 -6.33 8.10 -39.84
CA GLU K 114 -5.66 9.35 -39.51
C GLU K 114 -5.51 9.50 -38.00
N GLY K 115 -4.30 9.87 -37.56
CA GLY K 115 -4.01 9.98 -36.15
C GLY K 115 -4.19 11.40 -35.60
N LEU K 116 -3.76 11.57 -34.34
CA LEU K 116 -3.77 12.83 -33.63
C LEU K 116 -2.54 12.88 -32.76
N ARG K 117 -1.63 13.83 -33.02
CA ARG K 117 -0.42 13.76 -32.21
C ARG K 117 -0.65 14.38 -30.83
N PRO K 118 0.07 13.91 -29.82
CA PRO K 118 -0.07 14.49 -28.48
C PRO K 118 0.35 15.95 -28.49
N GLY K 119 -0.29 16.73 -27.62
CA GLY K 119 -0.12 18.17 -27.61
C GLY K 119 -1.17 18.93 -28.40
N THR K 120 -1.82 18.26 -29.34
CA THR K 120 -2.89 18.88 -30.12
C THR K 120 -4.03 19.32 -29.21
N LEU K 121 -4.46 20.56 -29.39
CA LEU K 121 -5.67 21.05 -28.72
C LEU K 121 -6.88 20.74 -29.58
N CYS K 122 -7.89 20.13 -28.97
CA CYS K 122 -9.15 19.87 -29.63
C CYS K 122 -10.28 20.38 -28.74
N THR K 123 -11.50 20.34 -29.25
CA THR K 123 -12.66 20.84 -28.52
C THR K 123 -13.71 19.74 -28.39
N VAL K 124 -14.26 19.58 -27.18
CA VAL K 124 -15.42 18.74 -26.96
C VAL K 124 -16.58 19.64 -26.50
N ALA K 125 -17.78 19.35 -26.97
CA ALA K 125 -18.98 20.11 -26.62
C ALA K 125 -20.05 19.13 -26.14
N GLY K 126 -21.07 19.68 -25.47
CA GLY K 126 -22.13 18.84 -24.94
C GLY K 126 -22.98 19.55 -23.91
N TRP K 127 -24.08 18.90 -23.54
CA TRP K 127 -25.02 19.41 -22.55
C TRP K 127 -24.86 18.76 -21.18
N GLY K 128 -23.71 18.15 -20.94
CA GLY K 128 -23.49 17.44 -19.69
C GLY K 128 -23.42 18.38 -18.50
N ARG K 129 -23.28 17.77 -17.32
CA ARG K 129 -23.15 18.52 -16.08
C ARG K 129 -21.84 19.30 -16.06
N VAL K 130 -21.84 20.43 -15.33
CA VAL K 130 -20.62 21.22 -15.18
C VAL K 130 -19.93 20.94 -13.85
N SER K 131 -20.56 20.19 -12.98
CA SER K 131 -20.03 19.84 -11.67
C SER K 131 -20.77 18.59 -11.22
N MET K 132 -20.42 18.10 -10.03
CA MET K 132 -21.16 16.97 -9.48
C MET K 132 -22.56 17.34 -9.04
N ARG K 133 -22.91 18.64 -8.99
CA ARG K 133 -24.22 19.05 -8.51
C ARG K 133 -24.92 20.07 -9.39
N ARG K 134 -24.35 20.44 -10.54
CA ARG K 134 -24.97 21.46 -11.40
C ARG K 134 -24.92 21.06 -12.86
N GLY K 135 -26.06 21.19 -13.55
CA GLY K 135 -26.13 20.96 -14.98
C GLY K 135 -26.09 22.25 -15.79
N THR K 136 -26.42 22.13 -17.07
CA THR K 136 -26.54 23.27 -17.97
C THR K 136 -27.80 23.14 -18.82
N ASP K 137 -28.43 24.27 -19.09
CA ASP K 137 -29.54 24.31 -20.05
C ASP K 137 -29.04 24.41 -21.48
N THR K 138 -27.87 24.99 -21.67
CA THR K 138 -27.35 25.35 -22.97
C THR K 138 -26.12 24.51 -23.32
N LEU K 139 -25.86 24.44 -24.62
CA LEU K 139 -24.65 23.76 -25.11
C LEU K 139 -23.40 24.48 -24.61
N ARG K 140 -22.45 23.70 -24.06
CA ARG K 140 -21.17 24.18 -23.56
C ARG K 140 -20.04 23.40 -24.26
N GLU K 141 -18.81 23.92 -24.12
CA GLU K 141 -17.66 23.34 -24.79
C GLU K 141 -16.38 23.74 -24.06
N VAL K 142 -15.34 22.93 -24.25
CA VAL K 142 -14.03 23.15 -23.63
C VAL K 142 -12.94 22.57 -24.53
N GLN K 143 -11.75 23.19 -24.48
CA GLN K 143 -10.60 22.70 -25.21
C GLN K 143 -9.76 21.79 -24.32
N LEU K 144 -9.46 20.59 -24.81
CA LEU K 144 -8.63 19.60 -24.13
C LEU K 144 -7.37 19.35 -24.95
N ARG K 145 -6.33 18.85 -24.30
CA ARG K 145 -5.08 18.54 -24.97
C ARG K 145 -4.93 17.03 -25.11
N VAL K 146 -4.58 16.58 -26.31
CA VAL K 146 -4.37 15.15 -26.57
C VAL K 146 -3.08 14.69 -25.91
N GLN K 147 -3.16 13.57 -25.19
CA GLN K 147 -2.06 13.10 -24.35
C GLN K 147 -1.30 11.97 -25.05
N ARG K 148 -0.12 11.68 -24.53
CA ARG K 148 0.58 10.49 -24.98
C ARG K 148 -0.16 9.26 -24.48
N ASP K 149 -0.13 8.19 -25.29
CA ASP K 149 -0.95 7.02 -25.01
C ASP K 149 -0.64 6.40 -23.65
N ARG K 150 0.61 6.50 -23.19
CA ARG K 150 1.01 5.88 -21.92
C ARG K 150 0.19 6.38 -20.74
N GLN K 151 -0.22 7.65 -20.76
CA GLN K 151 -1.07 8.20 -19.71
C GLN K 151 -2.32 7.36 -19.50
N CYS K 152 -2.93 6.90 -20.59
CA CYS K 152 -4.17 6.14 -20.50
C CYS K 152 -3.91 4.66 -20.26
N LEU K 153 -2.82 4.12 -20.83
CA LEU K 153 -2.43 2.74 -20.52
C LEU K 153 -2.09 2.56 -19.05
N ARG K 154 -1.63 3.64 -18.40
CA ARG K 154 -1.21 3.56 -17.00
C ARG K 154 -2.41 3.39 -16.06
N ILE K 155 -3.57 3.94 -16.40
CA ILE K 155 -4.70 3.90 -15.49
C ILE K 155 -5.90 3.16 -16.04
N PHE K 156 -5.95 2.86 -17.33
CA PHE K 156 -7.13 2.24 -17.96
C PHE K 156 -6.70 0.89 -18.53
N GLY K 157 -7.12 -0.19 -17.87
CA GLY K 157 -6.58 -1.50 -18.15
C GLY K 157 -6.88 -2.05 -19.52
N SER K 158 -7.84 -1.47 -20.24
CA SER K 158 -8.25 -1.94 -21.57
C SER K 158 -8.10 -0.86 -22.64
N TYR K 159 -7.34 0.19 -22.37
CA TYR K 159 -7.16 1.25 -23.36
C TYR K 159 -6.42 0.71 -24.57
N ASP K 160 -7.00 0.90 -25.75
CA ASP K 160 -6.40 0.48 -27.01
C ASP K 160 -6.05 1.71 -27.83
N PRO K 161 -4.76 2.06 -27.95
CA PRO K 161 -4.39 3.28 -28.70
C PRO K 161 -4.67 3.20 -30.19
N ARG K 162 -4.90 2.00 -30.76
CA ARG K 162 -5.22 1.93 -32.19
C ARG K 162 -6.65 2.41 -32.46
N ARG K 163 -7.55 2.28 -31.49
CA ARG K 163 -8.95 2.58 -31.70
C ARG K 163 -9.51 3.59 -30.71
N GLN K 164 -8.67 4.12 -29.80
CA GLN K 164 -9.08 5.06 -28.78
C GLN K 164 -8.06 6.20 -28.77
N ILE K 165 -8.46 7.34 -28.19
CA ILE K 165 -7.57 8.49 -28.03
C ILE K 165 -7.44 8.80 -26.55
N CYS K 166 -6.27 9.25 -26.14
CA CYS K 166 -6.04 9.68 -24.77
C CYS K 166 -6.06 11.19 -24.73
N VAL K 167 -6.99 11.77 -23.96
CA VAL K 167 -7.27 13.19 -24.08
C VAL K 167 -7.44 13.81 -22.70
N GLY K 168 -6.74 14.91 -22.45
CA GLY K 168 -7.02 15.74 -21.30
C GLY K 168 -5.84 15.86 -20.36
N ASP K 169 -5.33 17.07 -20.20
CA ASP K 169 -4.18 17.31 -19.32
C ASP K 169 -4.63 17.18 -17.88
N ARG K 170 -4.11 16.17 -17.17
CA ARG K 170 -4.53 15.92 -15.80
C ARG K 170 -4.36 17.14 -14.91
N ARG K 171 -3.51 18.10 -15.30
CA ARG K 171 -3.31 19.31 -14.51
C ARG K 171 -4.39 20.38 -14.71
N GLU K 172 -5.29 20.23 -15.69
CA GLU K 172 -6.32 21.24 -15.94
C GLU K 172 -7.69 20.70 -15.58
N ARG K 173 -8.49 21.50 -14.87
CA ARG K 173 -9.85 21.10 -14.48
C ARG K 173 -10.76 21.33 -15.68
N LYS K 174 -10.64 20.42 -16.65
CA LYS K 174 -11.36 20.49 -17.92
C LYS K 174 -11.62 19.07 -18.40
N ALA K 175 -12.86 18.78 -18.75
CA ALA K 175 -13.23 17.41 -19.08
C ALA K 175 -14.66 17.36 -19.61
N ALA K 176 -14.96 16.30 -20.35
CA ALA K 176 -16.34 15.92 -20.59
C ALA K 176 -16.88 15.21 -19.35
N PHE K 177 -18.20 15.33 -19.13
CA PHE K 177 -18.78 14.78 -17.91
C PHE K 177 -20.17 14.22 -18.18
N LYS K 178 -20.90 13.94 -17.11
CA LYS K 178 -22.16 13.19 -17.21
C LYS K 178 -23.15 13.88 -18.14
N GLY K 179 -23.54 13.21 -19.22
CA GLY K 179 -24.35 13.81 -20.25
C GLY K 179 -23.59 14.15 -21.53
N ASP K 180 -22.27 14.24 -21.46
CA ASP K 180 -21.46 14.57 -22.64
C ASP K 180 -21.12 13.35 -23.50
N SER K 181 -21.30 12.14 -22.98
CA SER K 181 -20.86 10.96 -23.69
C SER K 181 -21.57 10.83 -25.03
N GLY K 182 -20.85 10.28 -26.02
CA GLY K 182 -21.32 10.24 -27.38
C GLY K 182 -21.00 11.48 -28.18
N GLY K 183 -20.73 12.61 -27.53
CA GLY K 183 -20.41 13.84 -28.21
C GLY K 183 -19.10 13.78 -28.98
N PRO K 184 -18.89 14.74 -29.89
CA PRO K 184 -17.69 14.73 -30.72
C PRO K 184 -16.53 15.50 -30.11
N LEU K 185 -15.32 14.99 -30.40
CA LEU K 185 -14.08 15.73 -30.20
C LEU K 185 -13.62 16.27 -31.55
N LEU K 186 -13.61 17.59 -31.69
CA LEU K 186 -13.26 18.22 -32.96
C LEU K 186 -11.84 18.74 -32.92
N CYS K 187 -11.06 18.37 -33.94
CA CYS K 187 -9.74 18.92 -34.17
C CYS K 187 -9.77 19.48 -35.57
N ASN K 188 -9.57 20.80 -35.69
CA ASN K 188 -9.63 21.50 -36.95
C ASN K 188 -10.92 21.19 -37.71
N ASN K 189 -12.06 21.39 -37.03
CA ASN K 189 -13.40 21.22 -37.58
C ASN K 189 -13.72 19.78 -37.95
N VAL K 190 -12.86 18.81 -37.65
CA VAL K 190 -13.09 17.41 -38.00
C VAL K 190 -13.36 16.61 -36.72
N ALA K 191 -14.32 15.70 -36.79
CA ALA K 191 -14.75 14.92 -35.63
C ALA K 191 -13.84 13.70 -35.51
N HIS K 192 -12.80 13.81 -34.69
CA HIS K 192 -11.85 12.71 -34.48
C HIS K 192 -12.27 11.75 -33.39
N GLY K 193 -13.01 12.23 -32.37
CA GLY K 193 -13.30 11.41 -31.22
C GLY K 193 -14.78 11.38 -30.89
N ILE K 194 -15.16 10.35 -30.13
CA ILE K 194 -16.46 10.21 -29.47
C ILE K 194 -16.22 10.05 -27.97
N VAL K 195 -16.83 10.92 -27.17
CA VAL K 195 -16.75 10.77 -25.71
C VAL K 195 -17.14 9.36 -25.31
N SER K 196 -16.23 8.63 -24.65
CA SER K 196 -16.47 7.24 -24.32
C SER K 196 -16.39 6.99 -22.83
N TYR K 197 -15.23 7.13 -22.20
CA TYR K 197 -15.15 6.76 -20.78
C TYR K 197 -13.94 7.41 -20.15
N GLY K 198 -13.90 7.31 -18.82
CA GLY K 198 -12.84 7.86 -18.02
C GLY K 198 -13.04 7.45 -16.57
N LYS K 199 -12.42 8.19 -15.66
CA LYS K 199 -12.64 7.97 -14.24
C LYS K 199 -13.92 8.68 -13.81
N SER K 200 -14.65 8.05 -12.89
CA SER K 200 -15.93 8.61 -12.46
C SER K 200 -15.75 9.99 -11.83
N SER K 201 -14.60 10.24 -11.19
CA SER K 201 -14.33 11.55 -10.63
C SER K 201 -14.41 12.65 -11.68
N GLY K 202 -14.16 12.32 -12.96
CA GLY K 202 -13.97 13.31 -13.99
C GLY K 202 -12.52 13.75 -14.19
N VAL K 203 -11.63 13.36 -13.28
CA VAL K 203 -10.22 13.75 -13.32
C VAL K 203 -9.59 13.23 -14.61
N PRO K 204 -8.98 14.10 -15.42
CA PRO K 204 -8.37 13.66 -16.68
C PRO K 204 -7.08 12.89 -16.44
N PRO K 205 -6.59 12.14 -17.43
CA PRO K 205 -7.08 11.99 -18.81
C PRO K 205 -8.34 11.12 -18.96
N GLU K 206 -9.04 11.28 -20.08
CA GLU K 206 -10.22 10.50 -20.43
C GLU K 206 -10.05 9.88 -21.81
N VAL K 207 -10.96 8.97 -22.17
CA VAL K 207 -10.83 8.15 -23.37
C VAL K 207 -11.95 8.52 -24.34
N PHE K 208 -11.58 8.76 -25.60
CA PHE K 208 -12.51 8.94 -26.70
C PHE K 208 -12.37 7.78 -27.68
N THR K 209 -13.46 7.39 -28.31
CA THR K 209 -13.38 6.46 -29.43
C THR K 209 -12.75 7.16 -30.64
N ARG K 210 -11.81 6.48 -31.29
CA ARG K 210 -11.07 7.07 -32.42
C ARG K 210 -11.84 6.79 -33.71
N VAL K 211 -12.58 7.80 -34.18
CA VAL K 211 -13.48 7.62 -35.33
C VAL K 211 -12.73 7.09 -36.54
N SER K 212 -11.48 7.53 -36.73
CA SER K 212 -10.78 7.18 -37.97
C SER K 212 -10.45 5.69 -38.06
N SER K 213 -10.62 4.94 -36.97
CA SER K 213 -10.40 3.49 -36.99
C SER K 213 -11.64 2.71 -37.38
N PHE K 214 -12.76 3.39 -37.67
CA PHE K 214 -14.03 2.72 -37.92
C PHE K 214 -14.68 3.11 -39.25
N LEU K 215 -13.95 3.73 -40.19
CA LEU K 215 -14.58 4.17 -41.43
C LEU K 215 -15.17 3.03 -42.27
N PRO K 216 -14.46 1.90 -42.53
CA PRO K 216 -15.13 0.80 -43.25
C PRO K 216 -16.47 0.42 -42.63
N TRP K 217 -16.54 0.25 -41.32
CA TRP K 217 -17.80 -0.13 -40.69
C TRP K 217 -18.86 0.97 -40.85
N ILE K 218 -18.46 2.23 -40.70
CA ILE K 218 -19.39 3.35 -40.87
C ILE K 218 -19.95 3.36 -42.28
N ARG K 219 -19.08 3.23 -43.29
CA ARG K 219 -19.53 3.20 -44.68
C ARG K 219 -20.51 2.06 -44.92
N THR K 220 -20.13 0.85 -44.50
CA THR K 220 -20.97 -0.32 -44.75
C THR K 220 -22.33 -0.19 -44.07
N THR K 221 -22.36 0.39 -42.86
CA THR K 221 -23.62 0.55 -42.14
C THR K 221 -24.53 1.54 -42.83
N MET K 222 -23.99 2.68 -43.26
CA MET K 222 -24.79 3.73 -43.87
C MET K 222 -25.22 3.41 -45.29
N ARG K 223 -24.39 2.70 -46.05
CA ARG K 223 -24.71 2.36 -47.45
C ARG K 223 -25.01 3.60 -48.30
N THR L 3 -43.25 4.42 -10.04
CA THR L 3 -41.79 4.48 -9.98
C THR L 3 -41.29 5.91 -10.05
N ARG L 4 -40.05 6.10 -9.62
CA ARG L 4 -39.33 7.35 -9.76
C ARG L 4 -37.94 7.07 -10.31
N TYR L 5 -37.36 8.04 -11.00
CA TYR L 5 -36.05 7.87 -11.59
C TYR L 5 -34.99 8.29 -10.59
N VAL L 6 -33.98 7.45 -10.39
CA VAL L 6 -32.90 7.72 -9.44
C VAL L 6 -31.59 7.78 -10.21
N PRO L 7 -30.82 8.86 -10.11
CA PRO L 7 -29.52 8.92 -10.80
C PRO L 7 -28.59 7.81 -10.29
N TYR L 8 -27.75 7.31 -11.19
CA TYR L 8 -26.79 6.27 -10.82
C TYR L 8 -25.60 6.30 -11.77
N THR L 9 -24.48 5.77 -11.29
CA THR L 9 -23.27 5.61 -12.09
C THR L 9 -22.72 4.21 -11.83
N ILE L 10 -21.92 3.72 -12.77
CA ILE L 10 -21.23 2.45 -12.61
C ILE L 10 -19.75 2.69 -12.89
N ALA L 11 -18.89 2.25 -11.97
CA ALA L 11 -17.45 2.12 -12.20
C ALA L 11 -17.08 0.66 -12.14
N VAL L 12 -16.36 0.19 -13.16
CA VAL L 12 -15.87 -1.18 -13.26
C VAL L 12 -14.39 -1.11 -13.57
N ASN L 13 -13.57 -1.71 -12.70
CA ASN L 13 -12.12 -1.64 -12.84
C ASN L 13 -11.65 -0.21 -13.04
N GLY L 14 -12.25 0.72 -12.30
CA GLY L 14 -11.86 2.12 -12.36
C GLY L 14 -12.41 2.90 -13.54
N THR L 15 -13.10 2.28 -14.49
CA THR L 15 -13.55 2.96 -15.70
C THR L 15 -15.06 3.17 -15.65
N SER L 16 -15.51 4.32 -16.14
CA SER L 16 -16.90 4.70 -16.09
C SER L 16 -17.26 5.51 -17.33
N THR L 17 -18.34 5.13 -18.00
CA THR L 17 -18.88 5.94 -19.08
C THR L 17 -19.58 7.16 -18.49
N PRO L 18 -19.30 8.40 -19.01
CA PRO L 18 -19.93 9.62 -18.48
C PRO L 18 -21.35 9.85 -18.98
N ILE L 19 -22.19 8.81 -18.87
CA ILE L 19 -23.58 8.92 -19.29
C ILE L 19 -24.40 9.51 -18.15
N LEU L 20 -25.46 10.25 -18.50
CA LEU L 20 -26.42 10.74 -17.50
C LEU L 20 -27.58 9.74 -17.42
N SER L 21 -27.58 8.89 -16.39
CA SER L 21 -28.46 7.72 -16.33
C SER L 21 -29.26 7.69 -15.04
N LYS L 22 -30.53 7.35 -15.17
CA LYS L 22 -31.45 7.22 -14.05
C LYS L 22 -32.21 5.91 -14.23
N LEU L 23 -32.37 5.15 -13.15
CA LEU L 23 -33.09 3.88 -13.25
C LEU L 23 -34.42 3.95 -12.49
N LYS L 24 -35.42 3.25 -13.02
CA LYS L 24 -36.73 3.23 -12.37
C LYS L 24 -36.66 2.44 -11.07
N ILE L 25 -37.11 3.08 -9.99
CA ILE L 25 -37.25 2.47 -8.68
C ILE L 25 -38.70 2.63 -8.24
N SER L 26 -39.31 1.54 -7.77
CA SER L 26 -40.66 1.62 -7.24
C SER L 26 -40.77 2.66 -6.13
N ASN L 27 -41.68 3.61 -6.31
CA ASN L 27 -42.01 4.54 -5.22
C ASN L 27 -43.40 4.28 -4.68
N LYS L 28 -43.94 3.08 -4.88
CA LYS L 28 -45.31 2.79 -4.49
C LYS L 28 -45.42 2.36 -3.03
N GLN L 29 -44.32 1.96 -2.42
CA GLN L 29 -44.26 1.72 -0.99
C GLN L 29 -42.79 1.73 -0.59
N LEU L 30 -42.53 1.51 0.70
CA LEU L 30 -41.15 1.47 1.15
C LEU L 30 -40.40 0.31 0.50
N ILE L 31 -39.11 0.50 0.24
CA ILE L 31 -38.31 -0.55 -0.39
C ILE L 31 -37.21 -1.03 0.56
N SER L 32 -36.44 -2.03 0.12
CA SER L 32 -35.37 -2.63 0.90
C SER L 32 -34.08 -2.66 0.08
N TYR L 33 -32.95 -2.89 0.76
CA TYR L 33 -31.69 -3.06 0.05
C TYR L 33 -31.64 -4.38 -0.73
N LYS L 34 -32.38 -5.38 -0.27
CA LYS L 34 -32.57 -6.57 -1.09
C LYS L 34 -33.19 -6.21 -2.44
N TYR L 35 -34.23 -5.39 -2.43
CA TYR L 35 -34.79 -4.85 -3.66
C TYR L 35 -33.74 -4.09 -4.48
N LEU L 36 -32.98 -3.21 -3.84
CA LEU L 36 -32.00 -2.42 -4.60
C LEU L 36 -30.91 -3.29 -5.19
N ASN L 37 -30.52 -4.36 -4.49
CA ASN L 37 -29.53 -5.29 -5.06
C ASN L 37 -29.99 -5.79 -6.41
N ASP L 38 -31.28 -6.18 -6.51
CA ASP L 38 -31.76 -6.71 -7.78
C ASP L 38 -31.68 -5.65 -8.87
N LYS L 39 -32.04 -4.40 -8.56
CA LYS L 39 -32.01 -3.32 -9.55
C LYS L 39 -30.58 -3.00 -9.97
N VAL L 40 -29.69 -2.88 -8.99
CA VAL L 40 -28.28 -2.63 -9.26
C VAL L 40 -27.70 -3.72 -10.15
N LYS L 41 -27.87 -4.99 -9.77
CA LYS L 41 -27.31 -6.06 -10.57
C LYS L 41 -27.85 -6.05 -11.99
N SER L 42 -29.11 -5.67 -12.19
CA SER L 42 -29.65 -5.71 -13.55
C SER L 42 -28.97 -4.69 -14.45
N VAL L 43 -28.67 -3.49 -13.94
CA VAL L 43 -27.98 -2.51 -14.79
C VAL L 43 -26.49 -2.80 -14.88
N LEU L 44 -25.87 -3.40 -13.84
CA LEU L 44 -24.54 -3.96 -14.03
C LEU L 44 -24.51 -4.91 -15.22
N LYS L 45 -25.57 -5.71 -15.38
CA LYS L 45 -25.58 -6.68 -16.47
C LYS L 45 -25.93 -6.02 -17.81
N SER L 46 -26.96 -5.16 -17.83
CA SER L 46 -27.37 -4.60 -19.12
C SER L 46 -26.39 -3.54 -19.63
N GLU L 47 -25.73 -2.81 -18.73
CA GLU L 47 -24.90 -1.67 -19.16
C GLU L 47 -23.41 -1.99 -19.21
N ARG L 48 -22.89 -2.84 -18.32
CA ARG L 48 -21.46 -3.14 -18.35
C ARG L 48 -21.19 -4.63 -18.51
N GLY L 49 -22.20 -5.43 -18.85
CA GLY L 49 -21.98 -6.84 -19.08
C GLY L 49 -21.43 -7.61 -17.90
N ILE L 50 -21.82 -7.23 -16.70
CA ILE L 50 -21.36 -7.85 -15.45
C ILE L 50 -22.52 -8.70 -14.94
N SER L 51 -22.46 -10.02 -15.19
CA SER L 51 -23.53 -10.92 -14.76
C SER L 51 -23.34 -11.33 -13.30
N ASP L 52 -24.33 -12.06 -12.78
CA ASP L 52 -24.29 -12.48 -11.38
C ASP L 52 -23.08 -13.37 -11.10
N LEU L 53 -22.76 -14.26 -12.05
CA LEU L 53 -21.57 -15.10 -11.89
C LEU L 53 -20.30 -14.25 -11.96
N ASP L 54 -20.27 -13.24 -12.83
CA ASP L 54 -19.12 -12.33 -12.84
C ASP L 54 -18.85 -11.73 -11.46
N LEU L 55 -19.91 -11.33 -10.73
CA LEU L 55 -19.72 -10.75 -9.41
C LEU L 55 -19.07 -11.74 -8.44
N LYS L 56 -19.19 -13.04 -8.69
CA LYS L 56 -18.54 -14.00 -7.81
C LYS L 56 -17.03 -13.99 -7.94
N PHE L 57 -16.51 -13.56 -9.08
CA PHE L 57 -15.07 -13.48 -9.29
C PHE L 57 -14.50 -12.10 -9.02
N ALA L 58 -15.33 -11.06 -8.91
CA ALA L 58 -14.82 -9.74 -8.59
C ALA L 58 -14.23 -9.75 -7.18
N LYS L 59 -13.16 -8.97 -6.99
CA LYS L 59 -12.57 -8.89 -5.66
C LYS L 59 -13.48 -8.10 -4.72
N GLN L 60 -14.15 -7.08 -5.25
CA GLN L 60 -15.08 -6.25 -4.49
C GLN L 60 -16.19 -5.78 -5.40
N ALA L 61 -17.42 -5.78 -4.88
CA ALA L 61 -18.57 -5.29 -5.61
C ALA L 61 -19.51 -4.63 -4.61
N LYS L 62 -19.74 -3.33 -4.79
CA LYS L 62 -20.53 -2.60 -3.81
C LYS L 62 -21.34 -1.53 -4.52
N TYR L 63 -22.32 -0.99 -3.81
CA TYR L 63 -22.93 0.27 -4.22
C TYR L 63 -23.15 1.11 -2.97
N THR L 64 -23.19 2.42 -3.18
CA THR L 64 -23.44 3.38 -2.14
C THR L 64 -24.73 4.11 -2.46
N VAL L 65 -25.66 4.10 -1.51
CA VAL L 65 -26.89 4.87 -1.62
C VAL L 65 -26.65 6.17 -0.88
N TYR L 66 -26.66 7.28 -1.60
CA TYR L 66 -26.55 8.59 -0.97
C TYR L 66 -27.97 9.09 -0.72
N PHE L 67 -28.24 9.52 0.51
CA PHE L 67 -29.57 10.02 0.83
C PHE L 67 -29.61 11.55 0.76
N LYS L 68 -30.81 12.09 0.62
CA LYS L 68 -30.92 13.53 0.41
C LYS L 68 -30.55 14.33 1.65
N ASN L 69 -30.53 13.69 2.83
CA ASN L 69 -30.03 14.35 4.03
C ASN L 69 -28.51 14.33 4.12
N GLY L 70 -27.81 13.72 3.17
CA GLY L 70 -26.37 13.62 3.21
C GLY L 70 -25.82 12.34 3.79
N LYS L 71 -26.65 11.51 4.42
CA LYS L 71 -26.17 10.22 4.88
C LYS L 71 -25.98 9.26 3.70
N LYS L 72 -25.16 8.24 3.91
CA LYS L 72 -24.94 7.26 2.87
C LYS L 72 -24.79 5.86 3.45
N GLN L 73 -25.22 4.87 2.65
CA GLN L 73 -25.15 3.47 3.02
C GLN L 73 -24.38 2.72 1.94
N VAL L 74 -23.27 2.13 2.32
CA VAL L 74 -22.56 1.18 1.47
C VAL L 74 -23.21 -0.19 1.62
N VAL L 75 -23.47 -0.84 0.48
CA VAL L 75 -24.11 -2.14 0.49
C VAL L 75 -23.33 -3.11 -0.40
N ASN L 76 -22.56 -4.00 0.21
CA ASN L 76 -21.80 -4.98 -0.58
C ASN L 76 -22.73 -5.88 -1.36
N LEU L 77 -22.38 -6.15 -2.61
CA LEU L 77 -23.20 -7.02 -3.44
C LEU L 77 -22.84 -8.49 -3.25
N LYS L 78 -21.60 -8.76 -2.85
CA LYS L 78 -21.17 -10.14 -2.66
C LYS L 78 -21.68 -10.76 -1.36
N SER L 79 -22.53 -10.06 -0.60
CA SER L 79 -22.98 -10.56 0.70
C SER L 79 -24.48 -10.83 0.69
N ASP L 80 -24.89 -11.89 1.38
CA ASP L 80 -26.30 -12.20 1.55
C ASP L 80 -26.77 -11.99 2.98
N ILE L 81 -26.03 -11.18 3.74
CA ILE L 81 -26.49 -10.65 5.02
C ILE L 81 -27.30 -9.38 4.74
N PHE L 82 -28.54 -9.33 5.23
CA PHE L 82 -29.41 -8.17 5.05
C PHE L 82 -29.98 -7.71 6.39
N THR L 83 -29.94 -6.40 6.63
CA THR L 83 -30.75 -5.83 7.70
C THR L 83 -32.21 -5.75 7.22
N PRO L 84 -33.17 -6.29 7.98
CA PRO L 84 -34.57 -6.28 7.54
C PRO L 84 -35.33 -5.00 7.87
N ASN L 85 -34.74 -3.85 7.51
CA ASN L 85 -35.40 -2.56 7.64
C ASN L 85 -35.91 -2.08 6.28
N LEU L 86 -36.84 -1.12 6.34
CA LEU L 86 -37.45 -0.52 5.16
C LEU L 86 -37.09 0.96 5.10
N PHE L 87 -37.12 1.51 3.89
CA PHE L 87 -36.86 2.93 3.68
C PHE L 87 -37.53 3.33 2.38
N SER L 88 -37.48 4.63 2.10
CA SER L 88 -38.27 5.25 1.05
C SER L 88 -37.39 5.64 -0.13
N ALA L 89 -37.78 5.23 -1.33
CA ALA L 89 -37.06 5.62 -2.54
C ALA L 89 -37.06 7.13 -2.74
N LYS L 90 -38.01 7.84 -2.14
CA LYS L 90 -38.06 9.29 -2.28
C LYS L 90 -36.89 9.96 -1.58
N ASP L 91 -36.21 9.27 -0.67
CA ASP L 91 -35.09 9.87 0.05
C ASP L 91 -33.75 9.64 -0.61
N ILE L 92 -33.69 8.83 -1.67
CA ILE L 92 -32.43 8.57 -2.34
C ILE L 92 -32.13 9.72 -3.30
N LYS L 93 -30.92 10.27 -3.22
CA LYS L 93 -30.54 11.22 -4.24
C LYS L 93 -29.65 10.61 -5.32
N LYS L 94 -28.85 9.60 -5.03
CA LYS L 94 -28.08 8.96 -6.10
C LYS L 94 -27.51 7.62 -5.60
N ILE L 95 -27.04 6.81 -6.55
CA ILE L 95 -26.48 5.49 -6.25
C ILE L 95 -25.20 5.33 -7.07
N ASP L 96 -24.08 5.06 -6.40
CA ASP L 96 -22.79 4.85 -7.04
C ASP L 96 -22.43 3.38 -6.95
N ILE L 97 -22.27 2.73 -8.10
CA ILE L 97 -21.99 1.31 -8.20
C ILE L 97 -20.53 1.14 -8.58
N ASP L 98 -19.84 0.26 -7.89
CA ASP L 98 -18.37 0.17 -8.01
C ASP L 98 -17.98 -1.30 -7.95
N VAL L 99 -17.46 -1.83 -9.06
CA VAL L 99 -17.01 -3.22 -9.13
C VAL L 99 -15.53 -3.23 -9.47
N LYS L 100 -14.76 -4.05 -8.75
CA LYS L 100 -13.33 -4.26 -9.03
C LYS L 100 -12.80 -5.42 -8.21
C1 NAG M . -30.10 -37.91 -22.80
C2 NAG M . -31.41 -37.75 -23.58
C3 NAG M . -31.48 -38.82 -24.68
C4 NAG M . -30.23 -38.82 -25.55
C5 NAG M . -28.97 -38.89 -24.68
C6 NAG M . -27.71 -38.71 -25.48
C7 NAG M . -33.14 -36.81 -22.10
C8 NAG M . -34.31 -37.14 -21.22
N2 NAG M . -32.55 -37.85 -22.70
O3 NAG M . -32.64 -38.58 -25.49
O4 NAG M . -30.22 -39.97 -26.39
O5 NAG M . -28.98 -37.84 -23.70
O6 NAG M . -27.56 -37.34 -25.87
O7 NAG M . -32.74 -35.65 -22.25
C1 NAG M . -30.63 -39.68 -27.74
C2 NAG M . -30.09 -40.76 -28.68
C3 NAG M . -30.64 -40.59 -30.10
C4 NAG M . -32.14 -40.38 -30.09
C5 NAG M . -32.52 -39.28 -29.12
C6 NAG M . -34.00 -39.06 -29.00
C7 NAG M . -27.88 -41.63 -28.07
C8 NAG M . -26.39 -41.47 -28.23
N2 NAG M . -28.63 -40.75 -28.72
O3 NAG M . -30.30 -41.75 -30.86
O4 NAG M . -32.55 -40.00 -31.40
O5 NAG M . -32.05 -39.64 -27.82
O6 NAG M . -34.62 -40.11 -28.26
O7 NAG M . -28.37 -42.52 -27.36
C1 BMA M . -33.37 -41.04 -31.98
C2 BMA M . -34.18 -40.41 -33.16
C3 BMA M . -34.95 -41.50 -33.92
C4 BMA M . -34.06 -42.73 -34.24
C5 BMA M . -33.35 -43.24 -32.96
C6 BMA M . -32.44 -44.47 -33.19
O2 BMA M . -33.30 -39.75 -34.12
O3 BMA M . -35.57 -40.98 -35.11
O4 BMA M . -34.86 -43.76 -34.82
O5 BMA M . -32.58 -42.15 -32.42
O6 BMA M . -31.90 -44.96 -31.92
C1 FUC M . -27.15 -37.30 -27.26
C2 FUC M . -27.13 -35.82 -27.68
C3 FUC M . -26.02 -35.06 -26.97
C4 FUC M . -24.67 -35.79 -27.14
C5 FUC M . -24.80 -37.26 -26.68
C6 FUC M . -23.56 -38.12 -26.96
O2 FUC M . -28.32 -35.18 -27.36
O3 FUC M . -25.93 -33.78 -27.57
O4 FUC M . -24.28 -35.79 -28.48
O5 FUC M . -25.88 -37.90 -27.39
C1 NAG N . 4.97 -44.20 -21.61
C2 NAG N . 5.84 -45.42 -21.97
C3 NAG N . 5.18 -46.73 -21.53
C4 NAG N . 4.69 -46.65 -20.08
C5 NAG N . 3.84 -45.41 -19.89
C6 NAG N . 3.32 -45.24 -18.47
C7 NAG N . 7.22 -45.11 -24.00
C8 NAG N . 7.24 -45.20 -25.50
N2 NAG N . 6.08 -45.45 -23.42
O3 NAG N . 6.13 -47.80 -21.67
O4 NAG N . 3.91 -47.80 -19.74
O5 NAG N . 4.62 -44.25 -20.22
O6 NAG N . 4.26 -45.64 -17.47
O7 NAG N . 8.21 -44.76 -23.36
C1 NAG N . 4.73 -48.73 -19.01
C2 NAG N . 3.85 -49.62 -18.14
C3 NAG N . 4.70 -50.67 -17.41
C4 NAG N . 5.57 -51.44 -18.39
C5 NAG N . 6.36 -50.48 -19.30
C6 NAG N . 7.06 -51.20 -20.43
C7 NAG N . 1.80 -49.00 -16.94
C8 NAG N . 1.19 -48.10 -15.91
N2 NAG N . 3.10 -48.83 -17.18
O3 NAG N . 3.83 -51.58 -16.72
O4 NAG N . 6.47 -52.33 -17.73
O5 NAG N . 5.47 -49.55 -19.92
O6 NAG N . 7.93 -50.34 -21.17
O7 NAG N . 1.12 -49.87 -17.53
C1 BMA N . 7.21 -51.72 -16.63
C2 BMA N . 7.38 -52.80 -15.51
C3 BMA N . 8.43 -52.37 -14.44
C4 BMA N . 9.67 -51.67 -15.06
C5 BMA N . 9.26 -50.55 -16.04
C6 BMA N . 10.49 -49.85 -16.67
O2 BMA N . 7.82 -54.08 -16.05
O3 BMA N . 8.84 -53.49 -13.63
O4 BMA N . 10.49 -51.12 -14.00
O5 BMA N . 8.47 -51.18 -17.07
O6 BMA N . 10.12 -48.57 -17.25
C1 NAG O . 44.27 17.84 23.99
C2 NAG O . 44.51 19.15 24.74
C3 NAG O . 45.46 18.93 25.92
C4 NAG O . 45.05 17.72 26.77
C5 NAG O . 44.80 16.51 25.88
C6 NAG O . 44.33 15.26 26.59
C7 NAG O . 44.25 21.03 23.18
C8 NAG O . 44.96 22.00 22.30
N2 NAG O . 45.04 20.17 23.84
O3 NAG O . 45.43 20.12 26.71
O4 NAG O . 46.06 17.44 27.73
O5 NAG O . 43.81 16.83 24.90
O6 NAG O . 43.91 15.49 27.93
O7 NAG O . 43.03 21.02 23.30
C1 NAG O . 45.74 18.06 28.99
C2 NAG O . 46.51 17.38 30.15
C3 NAG O . 46.34 18.14 31.47
C4 NAG O . 46.49 19.65 31.30
C5 NAG O . 45.62 20.13 30.14
C6 NAG O . 45.67 21.62 29.90
C7 NAG O . 46.62 14.98 29.64
C8 NAG O . 46.03 13.63 29.92
N2 NAG O . 46.07 16.00 30.29
O3 NAG O . 47.30 17.67 32.40
O4 NAG O . 46.12 20.32 32.49
O5 NAG O . 46.05 19.46 28.95
O6 NAG O . 46.99 22.09 29.68
O7 NAG O . 47.53 15.13 28.84
C1 BMA O . 47.38 20.80 33.04
C2 BMA O . 47.11 21.96 34.04
C3 BMA O . 48.49 22.56 34.35
C4 BMA O . 49.50 21.50 34.90
C5 BMA O . 49.48 20.15 34.04
C6 BMA O . 50.15 18.97 34.75
O2 BMA O . 46.50 21.49 35.26
O3 BMA O . 48.42 23.70 35.22
O4 BMA O . 50.82 22.05 34.90
O5 BMA O . 48.12 19.76 33.69
O6 BMA O . 49.30 17.83 34.61
C1 FUC O . 42.48 15.65 27.98
C2 FUC O . 41.79 14.27 27.81
C3 FUC O . 40.25 14.41 27.96
C4 FUC O . 39.81 15.28 29.11
C5 FUC O . 40.76 16.52 29.35
C6 FUC O . 40.51 17.75 28.43
O2 FUC O . 42.33 13.23 28.62
O3 FUC O . 39.72 15.12 26.84
O4 FUC O . 38.52 15.76 28.77
O5 FUC O . 42.13 16.18 29.21
C1 NAG P . 39.26 -17.43 24.89
C2 NAG P . 40.02 -18.75 25.21
C3 NAG P . 41.49 -18.67 24.76
C4 NAG P . 41.60 -18.14 23.34
C5 NAG P . 40.85 -16.81 23.26
C6 NAG P . 40.97 -16.09 21.92
C7 NAG P . 39.13 -19.94 27.16
C8 NAG P . 39.16 -20.04 28.66
N2 NAG P . 39.94 -19.02 26.64
O3 NAG P . 42.09 -19.95 24.86
O4 NAG P . 42.96 -17.92 22.97
O5 NAG P . 39.46 -17.06 23.52
O6 NAG P . 41.04 -16.95 20.80
O7 NAG P . 38.42 -20.67 26.47
C1 NAG P . 43.39 -18.93 22.02
C2 NAG P . 44.67 -18.45 21.30
C3 NAG P . 45.32 -19.57 20.47
C4 NAG P . 45.31 -20.92 21.18
C5 NAG P . 43.95 -21.20 21.79
C6 NAG P . 43.91 -22.48 22.61
C7 NAG P . 44.80 -16.08 20.64
C8 NAG P . 44.41 -15.06 19.61
N2 NAG P . 44.37 -17.32 20.43
O3 NAG P . 46.67 -19.20 20.19
O4 NAG P . 45.64 -21.93 20.23
O5 NAG P . 43.64 -20.14 22.70
O6 NAG P . 44.65 -22.31 23.81
O7 NAG P . 45.48 -15.77 21.63
C1 BMA P . 46.83 -22.59 20.73
C2 BMA P . 47.07 -23.93 19.97
C3 BMA P . 48.22 -24.64 20.71
C4 BMA P . 49.47 -23.71 20.88
C5 BMA P . 49.05 -22.31 21.47
C6 BMA P . 50.18 -21.32 21.53
O2 BMA P . 47.50 -23.71 18.62
O3 BMA P . 48.57 -25.88 20.10
O4 BMA P . 50.45 -24.31 21.73
O5 BMA P . 48.01 -21.77 20.65
O6 BMA P . 49.70 -20.20 22.28
C1 FUC P . 39.71 -17.37 20.46
C2 FUC P . 39.32 -16.82 19.06
C3 FUC P . 40.19 -17.42 17.94
C4 FUC P . 40.30 -18.96 18.10
C5 FUC P . 40.74 -19.25 19.56
C6 FUC P . 40.97 -20.71 19.91
O2 FUC P . 39.39 -15.40 19.03
O3 FUC P . 39.62 -17.12 16.67
O4 FUC P . 39.03 -19.59 17.83
O5 FUC P . 39.74 -18.75 20.46
C1 NAG Q . 35.36 34.97 -21.63
C2 NAG Q . 36.63 34.59 -22.39
C3 NAG Q . 36.86 35.56 -23.54
C4 NAG Q . 35.63 35.64 -24.45
C5 NAG Q . 34.40 35.97 -23.61
C6 NAG Q . 33.11 35.94 -24.39
C7 NAG Q . 38.17 33.49 -20.82
C8 NAG Q . 39.41 33.65 -19.99
N2 NAG Q . 37.78 34.57 -21.51
O3 NAG Q . 38.02 35.15 -24.26
O4 NAG Q . 35.77 36.69 -25.41
O5 NAG Q . 34.25 35.03 -22.54
O6 NAG Q . 33.13 34.98 -25.44
O7 NAG Q . 37.55 32.43 -20.86
C1 NAG Q . 36.41 36.31 -26.63
C2 NAG Q . 35.98 37.28 -27.74
C3 NAG Q . 36.74 36.97 -29.03
C4 NAG Q . 38.24 37.03 -28.78
C5 NAG Q . 38.60 36.04 -27.67
C6 NAG Q . 40.06 36.11 -27.28
C7 NAG Q . 33.71 38.19 -27.50
C8 NAG Q . 32.27 38.02 -27.86
N2 NAG Q . 34.54 37.24 -27.97
O3 NAG Q . 36.35 37.90 -30.04
O4 NAG Q . 38.97 36.72 -29.96
O5 NAG Q . 37.85 36.34 -26.48
O6 NAG Q . 40.33 37.25 -26.49
O7 NAG Q . 34.10 39.13 -26.82
C1 BMA Q . 39.36 37.90 -30.70
C2 BMA Q . 39.65 37.47 -32.15
C3 BMA Q . 39.96 38.68 -33.03
C4 BMA Q . 38.85 39.76 -32.88
C5 BMA Q . 38.63 40.16 -31.42
C6 BMA Q . 37.46 41.13 -31.25
O2 BMA Q . 38.51 36.81 -32.71
O3 BMA Q . 40.12 38.31 -34.39
O4 BMA Q . 39.19 40.94 -33.65
O5 BMA Q . 38.35 38.96 -30.66
O6 BMA Q . 37.71 41.96 -30.11
C1 FUC Q . 32.25 33.91 -25.04
C2 FUC Q . 30.87 34.06 -25.83
C3 FUC Q . 30.87 33.39 -27.18
C4 FUC Q . 31.55 32.02 -27.09
C5 FUC Q . 32.96 32.18 -26.59
C6 FUC Q . 33.76 30.89 -26.64
O2 FUC Q . 30.46 35.41 -25.98
O3 FUC Q . 29.52 33.15 -27.56
O4 FUC Q . 30.84 31.22 -26.17
O5 FUC Q . 32.89 32.61 -25.22
C1 NAG R . 1.80 45.98 -23.20
C2 NAG R . 1.28 47.30 -23.75
C3 NAG R . 2.11 48.48 -23.21
C4 NAG R . 2.33 48.39 -21.71
C5 NAG R . 2.74 46.99 -21.28
C6 NAG R . 2.84 46.80 -19.78
C7 NAG R . 0.21 47.24 -25.96
C8 NAG R . 0.44 47.17 -27.45
N2 NAG R . 1.31 47.27 -25.20
O3 NAG R . 1.42 49.68 -23.52
O4 NAG R . 3.37 49.28 -21.30
O5 NAG R . 1.80 46.03 -21.77
O6 NAG R . 1.91 47.57 -19.05
O7 NAG R . -0.91 47.28 -25.48
C1 NAG R . 2.86 50.38 -20.53
C2 NAG R . 3.94 51.09 -19.70
C3 NAG R . 3.33 52.28 -18.96
C4 NAG R . 2.65 53.22 -19.95
C5 NAG R . 1.65 52.46 -20.81
C6 NAG R . 1.08 53.29 -21.94
C7 NAG R . 5.80 50.40 -18.26
C8 NAG R . 6.30 49.42 -17.24
N2 NAG R . 4.57 50.19 -18.74
O3 NAG R . 4.33 52.99 -18.23
O4 NAG R . 1.98 54.24 -19.21
O5 NAG R . 2.27 51.32 -21.44
O6 NAG R . 2.02 53.45 -22.99
O7 NAG R . 6.49 51.35 -18.63
C1 BMA R . 2.70 55.49 -19.42
C2 BMA R . 1.84 56.33 -20.39
C3 BMA R . 2.55 57.62 -20.69
C4 BMA R . 2.81 58.40 -19.36
C5 BMA R . 3.66 57.49 -18.38
C6 BMA R . 3.94 58.12 -17.02
O2 BMA R . 0.59 56.68 -19.78
O3 BMA R . 1.82 58.43 -21.65
O4 BMA R . 3.48 59.64 -19.64
O5 BMA R . 2.96 56.22 -18.18
O6 BMA R . 5.23 58.73 -17.06
C1 NAG S . -45.63 -20.45 21.08
C2 NAG S . -45.70 -21.78 21.86
C3 NAG S . -46.73 -21.71 23.00
C4 NAG S . -46.54 -20.45 23.83
C5 NAG S . -46.47 -19.22 22.93
C6 NAG S . -46.27 -17.89 23.66
C7 NAG S . -45.19 -23.88 20.69
C8 NAG S . -45.71 -24.92 19.72
N2 NAG S . -46.03 -22.87 20.96
O3 NAG S . -46.56 -22.88 23.81
O4 NAG S . -47.64 -20.30 24.72
O5 NAG S . -45.40 -19.37 22.00
O6 NAG S . -45.42 -17.95 24.79
O7 NAG S . -44.09 -23.97 21.22
C1 NAG S . -47.29 -20.76 26.04
C2 NAG S . -48.19 -20.10 27.09
C3 NAG S . -47.89 -20.65 28.48
C4 NAG S . -48.01 -22.17 28.47
C5 NAG S . -47.09 -22.76 27.41
C6 NAG S . -47.23 -24.26 27.27
C7 NAG S . -48.85 -17.84 26.37
C8 NAG S . -48.56 -16.38 26.49
N2 NAG S . -48.05 -18.65 27.08
O3 NAG S . -48.81 -20.09 29.41
O4 NAG S . -47.67 -22.71 29.74
O5 NAG S . -47.41 -22.20 26.12
O6 NAG S . -48.58 -24.63 27.06
O7 NAG S . -49.75 -18.27 25.67
C1 FUC S . -44.11 -17.55 24.33
C2 FUC S . -43.51 -16.24 25.05
C3 FUC S . -42.89 -16.49 26.39
C4 FUC S . -42.04 -17.77 26.36
C5 FUC S . -42.93 -18.93 25.87
C6 FUC S . -42.25 -20.27 25.81
O2 FUC S . -44.44 -15.15 25.14
O3 FUC S . -42.02 -15.42 26.71
O4 FUC S . -40.93 -17.58 25.51
O5 FUC S . -43.31 -18.68 24.54
C1 NAG T . -44.99 15.03 20.41
C2 NAG T . -46.03 16.09 20.81
C3 NAG T . -47.41 15.69 20.30
C4 NAG T . -47.38 15.37 18.81
C5 NAG T . -46.27 14.35 18.52
C6 NAG T . -46.10 14.05 17.05
C7 NAG T . -45.16 17.08 22.89
C8 NAG T . -45.33 17.16 24.37
N2 NAG T . -46.04 16.28 22.25
O3 NAG T . -48.33 16.75 20.57
O4 NAG T . -48.62 14.82 18.37
O5 NAG T . -45.01 14.85 18.98
O6 NAG T . -46.27 15.21 16.26
O7 NAG T . -44.29 17.70 22.28
C1 NAG T . -49.46 15.80 17.73
C2 NAG T . -50.21 15.14 16.57
C3 NAG T . -51.14 16.15 15.90
C4 NAG T . -52.08 16.79 16.93
C5 NAG T . -51.29 17.34 18.12
C6 NAG T . -52.20 17.75 19.25
C7 NAG T . -49.15 13.24 15.48
C8 NAG T . -48.19 12.80 14.42
N2 NAG T . -49.30 14.56 15.61
O3 NAG T . -51.92 15.49 14.90
O4 NAG T . -52.80 17.85 16.31
O5 NAG T . -50.40 16.35 18.65
O6 NAG T . -53.44 17.06 19.19
O7 NAG T . -49.77 12.45 16.18
C1 FUC T . -45.20 15.34 15.30
C2 FUC T . -45.71 16.24 14.18
C3 FUC T . -46.11 17.59 14.79
C4 FUC T . -44.87 18.24 15.45
C5 FUC T . -44.21 17.24 16.47
C6 FUC T . -42.83 17.68 16.97
O2 FUC T . -46.79 15.64 13.46
O3 FUC T . -46.62 18.48 13.79
O4 FUC T . -43.93 18.62 14.45
O5 FUC T . -44.04 15.90 15.90
C1 NAG U . 39.31 -15.06 -22.85
C2 NAG U . 39.15 -14.78 -21.35
C3 NAG U . 40.52 -14.71 -20.69
C4 NAG U . 41.24 -16.04 -20.88
C5 NAG U . 41.37 -16.35 -22.36
C6 NAG U . 41.97 -17.71 -22.62
C7 NAG U . 37.32 -13.57 -20.23
C8 NAG U . 37.01 -14.89 -19.58
N2 NAG U . 38.37 -13.57 -21.07
O3 NAG U . 40.38 -14.40 -19.30
O4 NAG U . 42.52 -16.00 -20.27
O5 NAG U . 40.09 -16.31 -23.03
O6 NAG U . 41.89 -18.06 -23.99
O7 NAG U . 36.67 -12.55 -20.01
C1 NAG V . 0.88 43.00 24.85
C2 NAG V . 1.19 42.79 23.37
C3 NAG V . 1.79 44.04 22.75
C4 NAG V . 0.79 45.19 22.92
C5 NAG V . 0.44 45.39 24.40
C6 NAG V . -0.65 46.41 24.62
C7 NAG V . 1.65 40.64 22.31
C8 NAG V . 2.57 39.46 22.23
N2 NAG V . 2.02 41.61 23.14
O3 NAG V . 2.04 43.83 21.36
O4 NAG V . 1.29 46.38 22.33
O5 NAG V . -0.01 44.15 25.01
O6 NAG V . -1.13 46.96 23.41
O7 NAG V . 0.63 40.71 21.62
C1 NAG W . 0.73 -41.08 25.47
C2 NAG W . 0.63 -40.59 24.02
C3 NAG W . 0.38 -41.78 23.06
C4 NAG W . 1.26 -42.99 23.37
C5 NAG W . 1.25 -43.31 24.87
C6 NAG W . 2.18 -44.44 25.24
C7 NAG W . -0.37 -38.51 23.16
C8 NAG W . -1.57 -37.62 23.19
N2 NAG W . -0.44 -39.62 23.91
O3 NAG W . 0.58 -41.38 21.71
O4 NAG W . 0.80 -44.14 22.67
O5 NAG W . 1.67 -42.15 25.57
O6 NAG W . 3.41 -44.37 24.54
O7 NAG W . 0.63 -38.23 22.49
C1 NAG X . -39.85 11.00 -27.95
C2 NAG X . -40.05 10.31 -26.59
C3 NAG X . -41.42 9.63 -26.53
C4 NAG X . -42.54 10.56 -27.00
C5 NAG X . -42.18 11.22 -28.32
C6 NAG X . -43.20 12.23 -28.82
C7 NAG X . -37.94 9.51 -25.56
C8 NAG X . -36.96 8.37 -25.50
N2 NAG X . -39.00 9.32 -26.37
O3 NAG X . -41.68 9.22 -25.19
O4 NAG X . -43.74 9.81 -27.17
O5 NAG X . -40.93 11.92 -28.18
O6 NAG X . -42.99 13.53 -28.29
O7 NAG X . -37.78 10.54 -24.91
#